data_7CXN
#
_entry.id   7CXN
#
_cell.length_a   1.00
_cell.length_b   1.00
_cell.length_c   1.00
_cell.angle_alpha   90.00
_cell.angle_beta   90.00
_cell.angle_gamma   90.00
#
_symmetry.space_group_name_H-M   'P 1'
#
loop_
_entity.id
_entity.type
_entity.pdbx_description
1 polymer 'RNA-directed RNA polymerase'
2 polymer 'Non-structural protein 8'
3 polymer 'Non-structural protein 7'
4 polymer 'Primer RNA'
5 polymer 'Template RNA'
6 polymer "RNA (5'-R(P*UP*UP*UP*UP*UP*U)-3')"
7 polymer Helicase
8 non-polymer 'ZINC ION'
#
loop_
_entity_poly.entity_id
_entity_poly.type
_entity_poly.pdbx_seq_one_letter_code
_entity_poly.pdbx_strand_id
1 'polypeptide(L)'
;SADAQSFLNRVCGVSAARLTPCGTGTSTDVVYRAFDIYNDKVAGFAKFLKTNCCRFQEKDEDDNLIDSYFVVKRHTFSNY
QHEETIYNLLKDCPAVAKHDFFKFRIDGDMVPHISRQRLTKYTMADLVYALRHFDEGNCDTLKEILVTYNCCDDDYFNKK
DWYDFVENPDILRVYANLGERVRQALLKTVQFCDAMRNAGIVGVLTLDNQDLNGNWYDFGDFIQTTPGSGVPVVDSYYSL
LMPILTLTRALTAESHVDTDLTKPYIKWDLLKYDFTEERLKLFDRYFKYWDQTYHPNCVNCLDDRCILHCANFNVLFSTV
FPPTSFGPLVRKIFVDGVPFVVSTGYHFRELGVVHNQDVNLHSSRLSFKELLVYAADPAMHAASGNLLLDKRTTCFSVAA
LTNNVAFQTVKPGNFNKDFYDFAVSKGFFKEGSSVELKHFFFAQDGNAAISDYDYYRYNLPTMCDIRQLLFVVEVVDKYF
DCYDGGCINANQVIVNNLDKSAGFPFNKWGKARLYYDSMSYEDQDALFAYTKRNVIPTITQMNLKYAISAKNRARTVAGV
SICSTMTNRQFHQKLLKSIAATRGATVVIGTSKFYGGWHNMLKTVYSDVENPHLMGWDYPKCDRAMPNMLRIMASLVLAR
KHTTCCSLSHRFYRLANECAQVLSEMVMCGGSLYVKPGGTSSGDATTAYANSVFNICQAVTANVNALLSTDGNKIADKYV
RNLQHRLYECLYRNRDVDTDFVNEFYAYLRKHFSMMILSDDAVVCFNSTYASQGLVASIKNFKSVLYYQNNVFMSEAKCW
TETDLTKGPHEFCSQHTMLVKQGDDYVYLPYPDPSRILGAGCFVDDIVKTDGTLMIERFVSLAIDAYPLTKHPNQEYADV
FHLYLQYIRKLHDELTGHMLDMYSVMLTNNNTSRYWEPEFYEAMYTPHTVLQHHHHHHHHHH
;
A
2 'polypeptide(L)'
;AIASEFSSLPSYAAFATAQEAYEQAVANGDSEVVLKKLKKSLNVAKSEFDRDAAMQRKLEKMADQAMTQMYKQARSEDKR
AKVTSAMQTMLFTMLRKLDNDALNNIINNARDGCVPLNIIPLTTAAKLMVVIPDYNTYKNTCDGTTFTYASALWEIQQVV
DADSKIVQLSEISMDNSPNLAWPLIVTALRANSAVKLQ
;
B,D
3 'polypeptide(L)'
;SKMSDVKCTSVVLLSVLQQLRVESSSKLWAQCVQLHNDILLAKDTTEAFEKMVSLLSVLLSMQGAVDINKLCEEMLDNRA
TLQ
;
C
4 'polyribonucleotide' GCGGUAGUAGCAUGCUAGGGAGCAG I
5 'polyribonucleotide' CAUGCCAUGGCCUCUAAAAUGUCAGCUGCUCCCUAGCAUGCUACUACCGCGUAGCAUG J
6 'polyribonucleotide' UAAAAU L
7 'polypeptide(L)'
;AVGACVLCNSQTSLRCGACIRRPFLCCKCCYDHVISTSHKLVLSVNPYVCNAPGCDVTDVTQLYLGGMSYYCKSHKPPIS
FPLCANGQVFGLYKNTCVGSDNVTDFNAIATCDWTNAGDYILANTCTERLKLFAAETLKATEETFKLSYGIATVREVLSD
RELHLSWEVGKPRPPLNRNYVFTGYRVTKNSKVQIGEYTFEKGDYGDAVVYRGTTTYKLNVGDYFVLTSHTVMPLSAPTL
VPQEHYVRITGLYPTLNISDEFSSNVANYQKVGMQKYSTLQGPPGTGKSHFAIGLALYYPSARIVYTACSHAAVDALCEK
ALKYLPIDKCSRIIPARARVECFDKFKVNSTLEQYVFCTVNALPETTADIVVFDEISMATNYDLSVVNARLRAKHYVYIG
DPAQLPAPRTLLTKGTLEPEYFNSVCRLMKTIGPDMFLGTCRRCPAEIVDTVSALVYDNKLKAHKDKSAQCFKMFYKGVI
THDVSSAINRPQIGVVREFLTRNPAWRKAVFISPYNSQNAVASKILGLPTQTVDSSQGSEYDYVIFTQTTETAHSCNVNR
FNVAITRAKVGILCIMSDRDLYDKLQFTSLEIPRRNVATLQ
;
F,E
#
loop_
_chem_comp.id
_chem_comp.type
_chem_comp.name
_chem_comp.formula
A RNA linking ADENOSINE-5'-MONOPHOSPHATE 'C10 H14 N5 O7 P'
C RNA linking CYTIDINE-5'-MONOPHOSPHATE 'C9 H14 N3 O8 P'
G RNA linking GUANOSINE-5'-MONOPHOSPHATE 'C10 H14 N5 O8 P'
U RNA linking URIDINE-5'-MONOPHOSPHATE 'C9 H13 N2 O9 P'
ZN non-polymer 'ZINC ION' 'Zn 2'
#
# COMPACT_ATOMS: atom_id res chain seq x y z
N ALA A 4 32.96 64.46 -56.97
CA ALA A 4 31.88 64.88 -57.86
C ALA A 4 30.69 63.96 -57.73
N GLN A 5 29.98 63.75 -58.84
CA GLN A 5 28.82 62.86 -58.86
C GLN A 5 29.03 61.63 -59.72
N SER A 6 29.69 61.79 -60.87
CA SER A 6 29.88 60.67 -61.78
C SER A 6 30.65 59.53 -61.14
N PHE A 7 31.28 59.78 -60.00
CA PHE A 7 31.83 58.69 -59.20
C PHE A 7 30.78 57.62 -58.97
N LEU A 8 29.59 58.03 -58.53
CA LEU A 8 28.50 57.06 -58.38
C LEU A 8 28.21 56.36 -59.69
N ASN A 9 28.23 57.10 -60.79
CA ASN A 9 28.05 56.47 -62.10
C ASN A 9 29.10 55.41 -62.36
N ARG A 10 30.33 55.63 -61.89
CA ARG A 10 31.34 54.60 -61.99
C ARG A 10 31.00 53.44 -61.06
N VAL A 11 30.30 53.73 -59.97
CA VAL A 11 30.03 52.70 -58.97
C VAL A 11 29.05 51.67 -59.52
N CYS A 12 27.94 52.14 -60.09
CA CYS A 12 26.93 51.20 -60.57
C CYS A 12 27.47 50.23 -61.60
N GLY A 13 28.60 50.55 -62.21
CA GLY A 13 29.26 49.64 -63.13
C GLY A 13 28.39 49.32 -64.34
N VAL A 14 27.84 48.11 -64.37
CA VAL A 14 27.05 47.67 -65.52
C VAL A 14 25.62 47.28 -65.16
N SER A 15 25.27 47.15 -63.89
CA SER A 15 23.98 46.58 -63.51
C SER A 15 23.27 47.52 -62.54
N ALA A 16 21.95 47.61 -62.67
CA ALA A 16 21.06 48.24 -61.71
C ALA A 16 21.62 49.51 -61.09
N ALA A 17 21.64 50.59 -61.84
CA ALA A 17 22.18 51.85 -61.34
C ALA A 17 21.15 52.56 -60.47
N ARG A 18 20.15 51.84 -59.98
CA ARG A 18 19.10 52.40 -59.14
C ARG A 18 19.68 52.50 -57.72
N LEU A 19 20.62 53.42 -57.57
CA LEU A 19 21.38 53.57 -56.33
C LEU A 19 21.17 54.95 -55.74
N THR A 20 21.21 55.02 -54.42
CA THR A 20 21.22 56.30 -53.73
C THR A 20 22.42 56.36 -52.79
N PRO A 21 23.04 57.52 -52.67
CA PRO A 21 24.13 57.69 -51.71
C PRO A 21 23.52 57.39 -50.35
N CYS A 22 24.26 56.61 -49.57
CA CYS A 22 23.80 56.16 -48.26
C CYS A 22 24.50 57.04 -47.24
N GLY A 23 24.69 58.31 -47.57
CA GLY A 23 25.33 59.24 -46.67
C GLY A 23 25.91 60.44 -47.37
N THR A 24 27.14 60.81 -46.99
CA THR A 24 27.79 61.98 -47.56
C THR A 24 28.17 61.77 -49.02
N GLY A 25 28.93 62.71 -49.57
CA GLY A 25 29.35 62.63 -50.95
C GLY A 25 30.49 61.64 -51.17
N THR A 26 31.41 61.97 -52.07
CA THR A 26 32.52 61.09 -52.42
C THR A 26 33.47 60.96 -51.24
N SER A 27 32.96 60.38 -50.15
CA SER A 27 33.77 60.09 -48.98
C SER A 27 33.11 58.97 -48.17
N THR A 28 33.83 58.43 -47.20
CA THR A 28 33.33 57.28 -46.45
C THR A 28 32.23 57.69 -45.48
N ASP A 29 31.69 56.71 -44.76
CA ASP A 29 30.70 56.99 -43.74
C ASP A 29 31.07 56.17 -42.52
N VAL A 30 30.62 56.60 -41.35
CA VAL A 30 30.99 55.93 -40.12
C VAL A 30 29.82 55.09 -39.62
N VAL A 31 30.13 53.89 -39.14
CA VAL A 31 29.13 52.98 -38.59
C VAL A 31 29.71 52.32 -37.35
N TYR A 32 28.82 51.83 -36.51
CA TYR A 32 29.18 51.20 -35.25
C TYR A 32 28.77 49.74 -35.35
N ARG A 33 29.75 48.86 -35.48
CA ARG A 33 29.46 47.46 -35.77
C ARG A 33 30.33 46.57 -34.90
N ALA A 34 29.91 45.34 -34.73
CA ALA A 34 30.69 44.37 -33.98
C ALA A 34 31.73 43.73 -34.88
N PHE A 35 32.84 43.32 -34.31
CA PHE A 35 33.88 42.60 -35.02
C PHE A 35 34.34 41.42 -34.19
N ASP A 36 35.09 40.55 -34.84
CA ASP A 36 35.72 39.39 -34.21
C ASP A 36 37.18 39.43 -34.65
N ILE A 37 38.01 40.12 -33.87
CA ILE A 37 39.33 40.50 -34.34
C ILE A 37 40.38 39.88 -33.44
N TYR A 38 41.58 39.71 -33.99
CA TYR A 38 42.69 39.15 -33.23
C TYR A 38 43.98 39.45 -33.99
N ASN A 39 44.94 40.07 -33.31
CA ASN A 39 46.18 40.40 -33.98
C ASN A 39 47.31 40.60 -32.98
N ASP A 40 48.23 41.53 -33.30
CA ASP A 40 49.39 41.79 -32.46
C ASP A 40 49.11 42.80 -31.36
N LYS A 41 47.84 43.08 -31.11
CA LYS A 41 47.49 43.94 -29.99
C LYS A 41 46.11 43.59 -29.48
N VAL A 42 45.08 44.23 -30.01
CA VAL A 42 43.71 43.98 -29.57
C VAL A 42 43.35 42.54 -29.91
N ALA A 43 42.44 41.98 -29.13
CA ALA A 43 41.99 40.62 -29.34
C ALA A 43 40.62 40.44 -28.72
N GLY A 44 39.72 39.75 -29.40
CA GLY A 44 38.42 39.49 -28.83
C GLY A 44 37.33 39.72 -29.84
N PHE A 45 36.10 39.60 -29.36
CA PHE A 45 34.90 39.68 -30.19
C PHE A 45 33.99 40.71 -29.54
N ALA A 46 33.96 41.92 -30.10
CA ALA A 46 33.24 43.01 -29.44
C ALA A 46 33.02 44.15 -30.42
N LYS A 47 32.40 45.20 -29.93
CA LYS A 47 31.92 46.29 -30.77
C LYS A 47 33.05 47.27 -31.06
N PHE A 48 33.12 47.74 -32.29
CA PHE A 48 34.00 48.82 -32.70
C PHE A 48 33.23 49.77 -33.60
N LEU A 49 33.98 50.69 -34.21
CA LEU A 49 33.41 51.75 -35.03
C LEU A 49 34.17 51.77 -36.35
N LYS A 50 33.58 51.15 -37.36
CA LYS A 50 34.19 51.14 -38.69
C LYS A 50 33.95 52.49 -39.35
N THR A 51 34.88 52.90 -40.21
CA THR A 51 34.75 54.23 -40.79
C THR A 51 35.18 54.33 -42.25
N ASN A 52 36.21 53.60 -42.67
CA ASN A 52 36.78 53.75 -44.00
C ASN A 52 35.95 53.05 -45.06
N CYS A 53 34.64 53.32 -45.09
CA CYS A 53 33.75 52.67 -46.03
C CYS A 53 32.69 53.64 -46.49
N CYS A 54 32.39 53.61 -47.79
CA CYS A 54 31.27 54.33 -48.35
C CYS A 54 30.15 53.35 -48.66
N ARG A 55 29.00 53.58 -48.06
CA ARG A 55 27.82 52.77 -48.27
C ARG A 55 26.96 53.42 -49.36
N PHE A 56 26.26 52.58 -50.13
CA PHE A 56 25.27 53.07 -51.08
C PHE A 56 24.14 52.07 -51.11
N GLN A 57 22.91 52.56 -51.17
CA GLN A 57 21.78 51.63 -51.14
C GLN A 57 21.19 51.45 -52.52
N GLU A 58 20.89 50.20 -52.86
CA GLU A 58 20.18 49.93 -54.08
C GLU A 58 18.71 50.27 -53.90
N LYS A 59 18.11 50.85 -54.93
CA LYS A 59 16.71 51.23 -54.89
C LYS A 59 15.92 50.32 -55.80
N ASP A 60 14.96 49.60 -55.21
CA ASP A 60 14.12 48.70 -55.98
C ASP A 60 13.32 49.50 -57.00
N GLU A 61 12.73 48.77 -57.95
CA GLU A 61 11.79 49.35 -58.89
C GLU A 61 10.69 50.07 -58.13
N ASP A 62 10.05 51.05 -58.78
CA ASP A 62 9.07 51.92 -58.13
C ASP A 62 9.76 52.72 -57.05
N ASP A 63 11.08 52.85 -57.15
CA ASP A 63 11.87 53.64 -56.22
C ASP A 63 11.73 53.14 -54.79
N ASN A 64 11.57 51.84 -54.63
CA ASN A 64 11.51 51.26 -53.30
C ASN A 64 12.93 51.03 -52.77
N LEU A 65 13.07 51.15 -51.46
CA LEU A 65 14.35 50.94 -50.80
C LEU A 65 14.51 49.45 -50.52
N ILE A 66 15.07 48.74 -51.49
CA ILE A 66 15.27 47.32 -51.39
C ILE A 66 16.26 47.03 -50.27
N ASP A 67 16.40 45.76 -49.92
CA ASP A 67 17.36 45.34 -48.89
C ASP A 67 18.61 44.81 -49.57
N SER A 68 19.53 45.73 -49.85
CA SER A 68 20.82 45.38 -50.43
C SER A 68 21.70 46.60 -50.33
N TYR A 69 22.98 46.44 -50.61
CA TYR A 69 23.91 47.55 -50.52
C TYR A 69 25.09 47.35 -51.45
N PHE A 70 25.66 48.46 -51.92
CA PHE A 70 26.94 48.47 -52.58
C PHE A 70 27.92 49.17 -51.66
N VAL A 71 28.93 48.44 -51.22
CA VAL A 71 29.89 48.92 -50.25
C VAL A 71 31.21 49.11 -50.97
N VAL A 72 31.68 50.34 -51.08
CA VAL A 72 32.99 50.58 -51.64
C VAL A 72 33.92 50.91 -50.49
N LYS A 73 35.11 50.36 -50.54
CA LYS A 73 36.11 50.63 -49.53
C LYS A 73 37.38 51.13 -50.19
N ARG A 74 38.00 52.09 -49.51
CA ARG A 74 39.30 52.61 -49.90
C ARG A 74 40.35 51.88 -49.09
N HIS A 75 41.57 51.83 -49.59
CA HIS A 75 42.53 50.90 -49.06
C HIS A 75 43.93 51.50 -49.09
N THR A 76 44.89 50.65 -49.43
CA THR A 76 46.28 51.06 -49.60
C THR A 76 46.65 50.98 -51.07
N PHE A 77 47.42 49.95 -51.42
CA PHE A 77 47.72 49.70 -52.82
C PHE A 77 48.10 48.24 -53.01
N SER A 78 49.21 47.83 -52.41
CA SER A 78 49.56 46.41 -52.43
C SER A 78 48.36 45.57 -52.01
N ASN A 79 47.58 46.08 -51.05
CA ASN A 79 46.29 45.49 -50.74
C ASN A 79 45.46 45.30 -52.01
N TYR A 80 45.42 46.32 -52.86
CA TYR A 80 44.61 46.23 -54.08
C TYR A 80 45.04 45.07 -54.94
N GLN A 81 46.34 44.98 -55.24
CA GLN A 81 46.81 43.94 -56.14
C GLN A 81 46.67 42.56 -55.51
N HIS A 82 46.90 42.46 -54.21
CA HIS A 82 46.75 41.18 -53.54
C HIS A 82 45.31 40.70 -53.62
N GLU A 83 44.37 41.53 -53.17
CA GLU A 83 42.97 41.18 -53.25
C GLU A 83 42.57 40.85 -54.68
N GLU A 84 43.09 41.60 -55.65
CA GLU A 84 42.80 41.33 -57.05
C GLU A 84 43.23 39.92 -57.41
N THR A 85 44.47 39.59 -57.08
CA THR A 85 44.98 38.25 -57.35
C THR A 85 44.03 37.20 -56.80
N ILE A 86 43.68 37.33 -55.52
CA ILE A 86 42.87 36.29 -54.92
C ILE A 86 41.50 36.21 -55.58
N TYR A 87 40.86 37.36 -55.82
CA TYR A 87 39.54 37.35 -56.40
C TYR A 87 39.54 36.67 -57.76
N ASN A 88 40.52 37.02 -58.59
CA ASN A 88 40.64 36.35 -59.87
C ASN A 88 40.85 34.85 -59.68
N LEU A 89 41.55 34.47 -58.63
CA LEU A 89 41.80 33.05 -58.43
C LEU A 89 40.54 32.31 -57.99
N LEU A 90 39.63 32.99 -57.32
CA LEU A 90 38.54 32.32 -56.65
C LEU A 90 37.16 32.67 -57.19
N LYS A 91 37.10 33.36 -58.33
CA LYS A 91 35.85 34.01 -58.74
C LYS A 91 34.76 33.01 -59.09
N ASP A 92 35.02 31.72 -58.96
CA ASP A 92 34.14 30.73 -59.57
C ASP A 92 33.16 30.09 -58.60
N CYS A 93 33.50 29.96 -57.33
CA CYS A 93 32.57 29.36 -56.41
C CYS A 93 31.31 30.22 -56.32
N PRO A 94 30.14 29.61 -56.19
CA PRO A 94 28.91 30.39 -56.11
C PRO A 94 28.82 31.26 -54.88
N ALA A 95 29.33 30.81 -53.74
CA ALA A 95 29.12 31.50 -52.48
C ALA A 95 30.11 32.62 -52.27
N VAL A 96 30.35 33.44 -53.30
CA VAL A 96 31.29 34.54 -53.19
C VAL A 96 30.65 35.79 -53.77
N ALA A 97 30.57 36.84 -52.97
CA ALA A 97 29.99 38.08 -53.45
C ALA A 97 30.86 38.67 -54.55
N LYS A 98 30.23 38.95 -55.69
CA LYS A 98 30.94 39.42 -56.86
C LYS A 98 31.55 40.78 -56.58
N HIS A 99 32.86 40.88 -56.68
CA HIS A 99 33.56 42.13 -56.41
C HIS A 99 33.85 42.87 -57.71
N ASP A 100 34.31 44.11 -57.56
CA ASP A 100 34.78 44.87 -58.71
C ASP A 100 35.83 45.83 -58.23
N PHE A 101 37.01 45.80 -58.85
CA PHE A 101 38.14 46.60 -58.42
C PHE A 101 38.41 47.65 -59.48
N PHE A 102 38.86 48.83 -59.06
CA PHE A 102 39.21 49.85 -60.03
C PHE A 102 40.03 50.93 -59.34
N LYS A 103 40.28 52.01 -60.05
CA LYS A 103 40.89 53.19 -59.47
C LYS A 103 40.11 54.42 -59.91
N PHE A 104 39.86 55.33 -58.98
CA PHE A 104 39.15 56.57 -59.25
C PHE A 104 39.97 57.74 -58.73
N ARG A 105 40.05 58.79 -59.52
CA ARG A 105 40.82 59.96 -59.14
C ARG A 105 39.93 60.94 -58.41
N ILE A 106 40.36 61.38 -57.23
CA ILE A 106 39.65 62.40 -56.48
C ILE A 106 40.32 63.74 -56.73
N ASP A 107 41.44 63.97 -56.05
CA ASP A 107 42.27 65.13 -56.34
C ASP A 107 43.24 64.73 -57.43
N GLY A 108 44.53 64.98 -57.22
CA GLY A 108 45.53 64.37 -58.07
C GLY A 108 45.87 62.99 -57.56
N ASP A 109 44.93 62.05 -57.69
CA ASP A 109 45.07 60.78 -56.99
C ASP A 109 44.11 59.71 -57.48
N MET A 110 44.51 58.95 -58.49
CA MET A 110 43.73 57.77 -58.88
C MET A 110 43.90 56.72 -57.79
N VAL A 111 43.10 56.87 -56.75
CA VAL A 111 43.16 55.96 -55.60
C VAL A 111 42.43 54.67 -55.94
N PRO A 112 42.96 53.51 -55.57
CA PRO A 112 42.24 52.26 -55.81
C PRO A 112 41.03 52.14 -54.91
N HIS A 113 39.93 51.69 -55.51
CA HIS A 113 38.67 51.48 -54.81
C HIS A 113 38.15 50.08 -55.08
N ILE A 114 37.54 49.49 -54.05
CA ILE A 114 37.01 48.14 -54.15
C ILE A 114 35.52 48.20 -53.87
N SER A 115 34.72 47.75 -54.82
CA SER A 115 33.27 47.79 -54.71
C SER A 115 32.75 46.38 -54.56
N ARG A 116 32.20 46.09 -53.39
CA ARG A 116 31.50 44.84 -53.16
C ARG A 116 30.02 45.09 -53.37
N GLN A 117 29.36 44.20 -54.10
CA GLN A 117 28.06 44.48 -54.67
C GLN A 117 26.98 43.61 -54.06
N ARG A 118 25.81 44.22 -53.84
CA ARG A 118 24.60 43.49 -53.48
C ARG A 118 25.06 42.67 -52.29
N LEU A 119 25.17 43.32 -51.14
CA LEU A 119 25.57 42.59 -49.94
C LEU A 119 24.31 42.69 -49.10
N THR A 120 24.47 42.76 -47.78
CA THR A 120 23.37 42.93 -46.87
C THR A 120 23.81 43.85 -45.75
N LYS A 121 22.85 44.45 -45.05
CA LYS A 121 23.19 45.49 -44.09
C LYS A 121 24.01 44.93 -42.94
N TYR A 122 23.59 43.79 -42.39
CA TYR A 122 24.15 43.28 -41.15
C TYR A 122 24.82 41.93 -41.36
N THR A 123 26.13 41.90 -41.16
CA THR A 123 26.90 40.68 -41.22
C THR A 123 26.37 39.70 -40.18
N MET A 124 26.64 38.41 -40.36
CA MET A 124 26.28 37.44 -39.33
C MET A 124 26.89 37.78 -38.00
N ALA A 125 28.06 38.40 -38.00
CA ALA A 125 28.65 38.85 -36.75
C ALA A 125 27.66 39.68 -35.95
N ASP A 126 26.99 40.61 -36.59
CA ASP A 126 26.05 41.45 -35.88
C ASP A 126 24.95 40.62 -35.24
N LEU A 127 24.39 39.68 -35.98
CA LEU A 127 23.35 38.84 -35.42
C LEU A 127 23.85 38.06 -34.22
N VAL A 128 24.99 37.38 -34.39
CA VAL A 128 25.50 36.55 -33.31
C VAL A 128 25.73 37.39 -32.06
N TYR A 129 26.41 38.52 -32.23
CA TYR A 129 26.62 39.38 -31.08
C TYR A 129 25.30 39.73 -30.43
N ALA A 130 24.39 40.34 -31.20
CA ALA A 130 23.14 40.81 -30.62
C ALA A 130 22.42 39.71 -29.87
N LEU A 131 22.58 38.46 -30.29
CA LEU A 131 21.99 37.41 -29.49
C LEU A 131 22.85 36.97 -28.33
N ARG A 132 24.14 37.26 -28.33
CA ARG A 132 24.95 36.93 -27.18
C ARG A 132 24.84 37.95 -26.06
N HIS A 133 24.98 39.22 -26.38
CA HIS A 133 25.00 40.27 -25.39
C HIS A 133 23.65 40.96 -25.36
N PHE A 134 22.58 40.19 -25.37
CA PHE A 134 21.25 40.77 -25.40
C PHE A 134 21.06 41.67 -24.20
N ASP A 135 20.25 42.70 -24.37
CA ASP A 135 19.93 43.63 -23.30
C ASP A 135 18.68 44.19 -23.96
N GLU A 136 17.60 44.31 -23.19
CA GLU A 136 16.33 44.78 -23.72
C GLU A 136 16.39 46.28 -23.56
N GLY A 137 17.41 46.80 -22.87
CA GLY A 137 17.57 48.24 -22.81
C GLY A 137 17.75 48.88 -24.16
N ASN A 138 18.40 48.17 -25.09
CA ASN A 138 18.66 48.67 -26.44
C ASN A 138 19.03 47.51 -27.33
N CYS A 139 18.03 46.82 -27.86
CA CYS A 139 18.27 45.75 -28.82
C CYS A 139 17.82 46.19 -30.20
N ASP A 140 18.18 47.42 -30.58
CA ASP A 140 17.72 47.96 -31.85
C ASP A 140 18.09 47.06 -33.01
N THR A 141 19.39 46.84 -33.22
CA THR A 141 19.84 46.02 -34.32
C THR A 141 19.08 44.70 -34.39
N LEU A 142 18.78 44.12 -33.23
CA LEU A 142 17.99 42.89 -33.25
C LEU A 142 16.61 43.13 -33.83
N LYS A 143 15.95 44.21 -33.42
CA LYS A 143 14.63 44.50 -33.96
C LYS A 143 14.69 44.73 -35.46
N GLU A 144 15.67 45.50 -35.90
CA GLU A 144 15.85 45.76 -37.31
C GLU A 144 16.00 44.46 -38.09
N ILE A 145 16.83 43.56 -37.57
CA ILE A 145 17.03 42.30 -38.26
C ILE A 145 15.74 41.50 -38.27
N LEU A 146 15.00 41.53 -37.17
CA LEU A 146 13.80 40.72 -37.10
C LEU A 146 12.74 41.18 -38.08
N VAL A 147 12.56 42.49 -38.22
CA VAL A 147 11.59 42.97 -39.20
C VAL A 147 12.10 42.87 -40.62
N THR A 148 13.41 42.98 -40.83
CA THR A 148 13.94 42.95 -42.19
C THR A 148 13.74 41.59 -42.85
N TYR A 149 13.34 40.58 -42.09
CA TYR A 149 13.15 39.26 -42.64
C TYR A 149 11.80 38.66 -42.25
N ASN A 150 10.84 39.52 -41.92
CA ASN A 150 9.43 39.15 -41.85
C ASN A 150 9.16 38.07 -40.81
N CYS A 151 10.11 37.88 -39.89
CA CYS A 151 9.84 37.00 -38.78
C CYS A 151 8.69 37.53 -37.94
N CYS A 152 8.61 38.85 -37.78
CA CYS A 152 7.47 39.50 -37.18
C CYS A 152 7.45 40.96 -37.58
N ASP A 153 6.28 41.59 -37.49
CA ASP A 153 6.14 42.98 -37.90
C ASP A 153 6.19 43.85 -36.67
N ASP A 154 6.53 45.12 -36.88
CA ASP A 154 6.83 46.02 -35.77
C ASP A 154 5.74 46.01 -34.70
N ASP A 155 4.52 45.64 -35.08
CA ASP A 155 3.44 45.51 -34.11
C ASP A 155 3.79 44.56 -32.99
N TYR A 156 4.68 43.60 -33.24
CA TYR A 156 4.99 42.60 -32.22
C TYR A 156 5.71 43.23 -31.04
N PHE A 157 6.24 44.44 -31.22
CA PHE A 157 7.12 45.03 -30.22
C PHE A 157 6.41 45.95 -29.25
N ASN A 158 5.14 45.71 -28.99
CA ASN A 158 4.43 46.38 -27.92
C ASN A 158 3.82 45.40 -26.96
N LYS A 159 3.57 44.17 -27.40
CA LYS A 159 3.23 43.10 -26.47
C LYS A 159 4.37 42.98 -25.47
N LYS A 160 4.16 43.51 -24.28
CA LYS A 160 5.25 43.61 -23.33
C LYS A 160 5.72 42.22 -22.91
N ASP A 161 6.99 42.12 -22.56
CA ASP A 161 7.65 40.86 -22.24
C ASP A 161 7.76 40.00 -23.49
N TRP A 162 7.85 40.64 -24.65
CA TRP A 162 8.09 39.89 -25.87
C TRP A 162 9.45 39.23 -25.85
N TYR A 163 10.42 39.81 -25.14
CA TYR A 163 11.75 39.25 -25.14
C TYR A 163 11.90 38.11 -24.16
N ASP A 164 11.09 38.07 -23.11
CA ASP A 164 11.20 36.99 -22.15
C ASP A 164 10.85 35.67 -22.81
N PHE A 165 11.36 34.59 -22.22
CA PHE A 165 11.03 33.23 -22.66
C PHE A 165 9.95 32.50 -21.90
N VAL A 166 10.01 32.49 -20.57
CA VAL A 166 9.02 31.80 -19.78
C VAL A 166 7.75 32.65 -19.79
N GLU A 167 7.89 33.96 -19.78
CA GLU A 167 6.81 34.83 -20.20
C GLU A 167 6.78 34.86 -21.71
N ASN A 168 5.59 34.76 -22.27
CA ASN A 168 5.44 34.87 -23.71
C ASN A 168 6.30 33.83 -24.41
N PRO A 169 5.97 32.56 -24.31
CA PRO A 169 6.81 31.55 -24.96
C PRO A 169 6.78 31.67 -26.47
N ASP A 170 5.76 32.37 -26.99
CA ASP A 170 5.63 32.60 -28.42
C ASP A 170 6.92 33.07 -29.07
N ILE A 171 7.78 33.79 -28.34
CA ILE A 171 9.01 34.30 -28.90
C ILE A 171 9.82 33.21 -29.58
N LEU A 172 9.68 31.98 -29.12
CA LEU A 172 10.38 30.88 -29.77
C LEU A 172 9.97 30.76 -31.22
N ARG A 173 8.68 30.88 -31.51
CA ARG A 173 8.23 30.76 -32.88
C ARG A 173 8.87 31.81 -33.77
N VAL A 174 8.78 33.08 -33.39
CA VAL A 174 9.36 34.12 -34.22
C VAL A 174 10.86 34.00 -34.33
N TYR A 175 11.54 33.53 -33.29
CA TYR A 175 12.94 33.18 -33.46
C TYR A 175 13.11 32.10 -34.52
N ALA A 176 12.24 31.12 -34.53
CA ALA A 176 12.42 30.02 -35.46
C ALA A 176 12.38 30.46 -36.86
N ASN A 177 11.65 31.51 -37.20
CA ASN A 177 11.53 31.92 -38.58
C ASN A 177 12.84 32.46 -39.16
N LEU A 178 13.95 32.29 -38.48
CA LEU A 178 15.25 32.62 -39.04
C LEU A 178 16.01 31.42 -39.54
N GLY A 179 15.64 30.23 -39.08
CA GLY A 179 16.49 29.07 -39.25
C GLY A 179 17.02 28.92 -40.66
N GLU A 180 16.13 29.00 -41.65
CA GLU A 180 16.54 28.69 -43.01
C GLU A 180 17.68 29.57 -43.47
N ARG A 181 17.68 30.85 -43.10
CA ARG A 181 18.77 31.72 -43.52
C ARG A 181 20.10 31.25 -42.95
N VAL A 182 20.10 30.85 -41.68
CA VAL A 182 21.31 30.31 -41.08
C VAL A 182 21.75 29.06 -41.81
N ARG A 183 20.83 28.13 -42.03
CA ARG A 183 21.19 26.90 -42.71
C ARG A 183 21.82 27.19 -44.06
N GLN A 184 21.25 28.13 -44.81
CA GLN A 184 21.83 28.48 -46.09
C GLN A 184 23.23 29.03 -45.92
N ALA A 185 23.43 29.89 -44.91
CA ALA A 185 24.77 30.40 -44.65
C ALA A 185 25.74 29.24 -44.46
N LEU A 186 25.31 28.23 -43.71
CA LEU A 186 26.19 27.09 -43.45
C LEU A 186 26.55 26.37 -44.73
N LEU A 187 25.55 26.05 -45.55
CA LEU A 187 25.84 25.34 -46.77
C LEU A 187 26.79 26.13 -47.65
N LYS A 188 26.57 27.44 -47.74
CA LYS A 188 27.43 28.25 -48.57
C LYS A 188 28.85 28.29 -48.04
N THR A 189 29.01 28.32 -46.71
CA THR A 189 30.37 28.34 -46.20
C THR A 189 31.07 27.01 -46.43
N VAL A 190 30.31 25.91 -46.45
CA VAL A 190 30.91 24.64 -46.83
C VAL A 190 31.44 24.72 -48.24
N GLN A 191 30.61 25.18 -49.17
CA GLN A 191 31.05 25.34 -50.55
C GLN A 191 32.32 26.18 -50.61
N PHE A 192 32.35 27.27 -49.85
CA PHE A 192 33.50 28.16 -49.90
C PHE A 192 34.75 27.48 -49.36
N CYS A 193 34.60 26.72 -48.28
CA CYS A 193 35.74 25.98 -47.74
C CYS A 193 36.33 25.07 -48.80
N ASP A 194 35.49 24.25 -49.42
CA ASP A 194 36.02 23.32 -50.41
C ASP A 194 36.64 24.06 -51.58
N ALA A 195 36.04 25.19 -51.95
CA ALA A 195 36.62 25.98 -53.03
C ALA A 195 38.03 26.41 -52.68
N MET A 196 38.22 26.94 -51.48
CA MET A 196 39.56 27.35 -51.07
C MET A 196 40.50 26.17 -51.04
N ARG A 197 40.03 25.03 -50.53
CA ARG A 197 40.87 23.84 -50.46
C ARG A 197 41.41 23.47 -51.83
N ASN A 198 40.52 23.36 -52.81
CA ASN A 198 40.97 23.05 -54.16
C ASN A 198 41.89 24.14 -54.67
N ALA A 199 41.50 25.40 -54.49
CA ALA A 199 42.33 26.50 -54.96
C ALA A 199 43.69 26.51 -54.31
N GLY A 200 43.81 26.00 -53.09
CA GLY A 200 45.11 25.96 -52.43
C GLY A 200 45.47 27.25 -51.75
N ILE A 201 44.57 27.75 -50.92
CA ILE A 201 44.79 29.00 -50.19
C ILE A 201 44.67 28.71 -48.70
N VAL A 202 45.33 29.52 -47.90
CA VAL A 202 45.28 29.39 -46.45
C VAL A 202 44.75 30.68 -45.87
N GLY A 203 43.92 30.56 -44.84
CA GLY A 203 43.35 31.73 -44.21
C GLY A 203 42.47 31.34 -43.04
N VAL A 204 41.78 32.32 -42.50
CA VAL A 204 40.91 32.15 -41.34
C VAL A 204 39.55 32.72 -41.69
N LEU A 205 38.52 32.25 -41.02
CA LEU A 205 37.16 32.66 -41.34
C LEU A 205 36.51 33.34 -40.14
N THR A 206 36.32 34.64 -40.24
CA THR A 206 35.65 35.41 -39.20
C THR A 206 34.26 35.80 -39.69
N LEU A 207 33.31 35.77 -38.76
CA LEU A 207 31.92 36.02 -39.15
C LEU A 207 31.76 37.37 -39.82
N ASP A 208 32.37 38.42 -39.26
CA ASP A 208 32.19 39.77 -39.78
C ASP A 208 32.56 39.89 -41.24
N ASN A 209 33.08 38.83 -41.82
CA ASN A 209 33.35 38.75 -43.25
C ASN A 209 32.32 37.87 -43.93
N GLN A 210 31.09 37.90 -43.45
CA GLN A 210 30.04 37.08 -44.04
C GLN A 210 28.72 37.83 -44.02
N ASP A 211 28.16 38.07 -45.19
CA ASP A 211 26.84 38.68 -45.30
C ASP A 211 25.78 37.81 -44.65
N LEU A 212 24.55 38.25 -44.74
CA LEU A 212 23.50 37.35 -44.29
C LEU A 212 23.04 36.45 -45.35
N ASN A 213 23.21 36.76 -46.62
CA ASN A 213 22.77 35.83 -47.64
C ASN A 213 23.66 34.60 -47.68
N GLY A 214 24.95 34.74 -47.38
CA GLY A 214 25.84 33.61 -47.34
C GLY A 214 27.14 33.86 -48.05
N ASN A 215 27.21 34.95 -48.81
CA ASN A 215 28.39 35.24 -49.61
C ASN A 215 29.56 35.60 -48.70
N TRP A 216 30.69 35.92 -49.32
CA TRP A 216 31.89 36.26 -48.59
C TRP A 216 32.62 37.41 -49.26
N TYR A 217 33.67 37.87 -48.61
CA TYR A 217 34.41 39.03 -49.08
C TYR A 217 35.60 39.24 -48.16
N ASP A 218 36.30 40.36 -48.35
CA ASP A 218 37.36 40.79 -47.47
C ASP A 218 38.49 39.76 -47.40
N PHE A 219 38.95 39.29 -48.55
CA PHE A 219 40.07 38.36 -48.62
C PHE A 219 41.39 39.07 -48.32
N GLY A 220 41.40 39.89 -47.28
CA GLY A 220 42.50 40.79 -47.05
C GLY A 220 43.84 40.16 -46.81
N ASP A 221 43.91 39.06 -46.06
CA ASP A 221 45.19 38.58 -45.57
C ASP A 221 45.40 37.09 -45.81
N PHE A 222 44.56 36.48 -46.62
CA PHE A 222 44.84 35.11 -47.03
C PHE A 222 46.14 35.06 -47.83
N ILE A 223 46.84 33.94 -47.73
CA ILE A 223 48.07 33.76 -48.47
C ILE A 223 47.91 32.56 -49.38
N GLN A 224 48.72 32.54 -50.44
CA GLN A 224 48.55 31.60 -51.54
C GLN A 224 49.56 30.49 -51.42
N THR A 225 49.11 29.26 -51.63
CA THR A 225 49.96 28.09 -51.68
C THR A 225 49.65 27.29 -52.94
N THR A 226 50.23 26.10 -53.02
CA THR A 226 49.95 25.22 -54.14
C THR A 226 48.48 24.80 -54.11
N PRO A 227 47.83 24.71 -55.26
CA PRO A 227 46.43 24.26 -55.28
C PRO A 227 46.30 22.84 -54.77
N GLY A 228 45.07 22.48 -54.40
CA GLY A 228 44.82 21.19 -53.82
C GLY A 228 45.52 20.92 -52.50
N SER A 229 46.13 21.94 -51.89
CA SER A 229 46.84 21.77 -50.64
C SER A 229 46.49 22.87 -49.65
N GLY A 230 45.52 23.72 -49.99
CA GLY A 230 45.17 24.85 -49.15
C GLY A 230 44.35 24.43 -47.94
N VAL A 231 44.35 25.30 -46.93
CA VAL A 231 43.71 24.95 -45.67
C VAL A 231 43.09 26.17 -45.01
N PRO A 232 41.85 26.08 -44.55
CA PRO A 232 41.25 27.18 -43.80
C PRO A 232 41.25 26.90 -42.30
N VAL A 233 40.75 27.86 -41.55
CA VAL A 233 40.68 27.78 -40.10
C VAL A 233 39.25 28.09 -39.69
N VAL A 234 38.46 27.06 -39.44
CA VAL A 234 37.06 27.26 -39.07
C VAL A 234 36.85 26.96 -37.60
N ASP A 235 37.85 27.25 -36.77
CA ASP A 235 37.70 27.04 -35.35
C ASP A 235 36.95 28.13 -34.61
N SER A 236 37.26 29.40 -34.90
CA SER A 236 36.54 30.48 -34.26
C SER A 236 35.12 30.69 -34.76
N TYR A 237 34.89 30.39 -36.03
CA TYR A 237 33.60 30.54 -36.70
C TYR A 237 32.56 29.68 -35.98
N TYR A 238 32.70 28.36 -36.11
CA TYR A 238 31.70 27.47 -35.53
C TYR A 238 31.61 27.64 -34.03
N SER A 239 32.75 27.80 -33.36
CA SER A 239 32.73 27.90 -31.92
C SER A 239 31.87 29.07 -31.46
N LEU A 240 31.86 30.15 -32.23
CA LEU A 240 30.99 31.26 -31.90
C LEU A 240 29.56 30.96 -32.31
N LEU A 241 29.38 30.30 -33.44
CA LEU A 241 28.04 30.15 -33.98
C LEU A 241 27.21 29.15 -33.19
N MET A 242 27.85 28.23 -32.49
CA MET A 242 27.14 27.05 -32.00
C MET A 242 25.91 27.33 -31.15
N PRO A 243 25.85 28.36 -30.30
CA PRO A 243 24.64 28.52 -29.49
C PRO A 243 23.42 28.84 -30.30
N ILE A 244 23.55 29.67 -31.35
CA ILE A 244 22.40 30.03 -32.18
C ILE A 244 21.67 28.83 -32.74
N LEU A 245 22.39 27.80 -33.16
CA LEU A 245 21.78 26.77 -33.98
C LEU A 245 20.68 26.02 -33.24
N THR A 246 20.71 26.00 -31.92
CA THR A 246 19.54 25.51 -31.20
C THR A 246 18.59 26.61 -30.84
N LEU A 247 19.01 27.86 -30.94
CA LEU A 247 18.10 28.95 -30.64
C LEU A 247 17.11 29.13 -31.77
N THR A 248 17.58 29.08 -33.01
CA THR A 248 16.71 29.19 -34.16
C THR A 248 16.38 27.85 -34.77
N ARG A 249 16.82 26.76 -34.15
CA ARG A 249 16.54 25.41 -34.63
C ARG A 249 16.84 25.27 -36.11
N ALA A 250 17.93 25.86 -36.55
CA ALA A 250 18.20 25.97 -37.98
C ALA A 250 18.51 24.63 -38.62
N LEU A 251 18.22 23.52 -37.96
CA LEU A 251 18.49 22.22 -38.53
C LEU A 251 17.25 21.35 -38.62
N THR A 252 16.08 21.92 -38.40
CA THR A 252 14.86 21.13 -38.54
C THR A 252 14.55 20.84 -40.00
N ALA A 253 15.11 21.60 -40.93
CA ALA A 253 14.87 21.37 -42.34
C ALA A 253 15.46 20.07 -42.84
N GLU A 254 15.93 19.21 -41.95
CA GLU A 254 16.44 17.90 -42.33
C GLU A 254 15.54 16.78 -41.85
N SER A 255 14.40 17.10 -41.27
CA SER A 255 13.45 16.08 -40.86
C SER A 255 12.30 15.94 -41.84
N HIS A 256 12.28 16.75 -42.89
CA HIS A 256 11.25 16.65 -43.90
C HIS A 256 11.66 15.64 -44.97
N VAL A 257 10.65 15.07 -45.63
CA VAL A 257 10.83 13.94 -46.52
C VAL A 257 11.98 14.12 -47.50
N ASP A 258 12.37 15.37 -47.79
CA ASP A 258 13.51 15.58 -48.66
C ASP A 258 14.08 16.99 -48.49
N THR A 259 14.37 17.36 -47.24
CA THR A 259 15.06 18.61 -46.96
C THR A 259 14.35 19.80 -47.59
N ASP A 260 13.03 19.72 -47.66
CA ASP A 260 12.20 20.82 -48.14
C ASP A 260 11.24 21.16 -47.02
N LEU A 261 11.13 22.45 -46.70
CA LEU A 261 10.12 22.88 -45.74
C LEU A 261 8.71 22.55 -46.20
N THR A 262 8.48 22.49 -47.51
CA THR A 262 7.16 22.30 -48.08
C THR A 262 6.91 20.84 -48.44
N LYS A 263 7.10 19.94 -47.49
CA LYS A 263 6.96 18.51 -47.74
C LYS A 263 6.71 17.83 -46.41
N PRO A 264 6.18 16.61 -46.43
CA PRO A 264 5.94 15.90 -45.17
C PRO A 264 7.24 15.49 -44.51
N TYR A 265 7.11 15.01 -43.28
CA TYR A 265 8.26 14.49 -42.57
C TYR A 265 8.68 13.14 -43.14
N ILE A 266 9.96 12.86 -43.05
CA ILE A 266 10.44 11.51 -43.32
C ILE A 266 9.72 10.56 -42.37
N LYS A 267 9.18 9.48 -42.92
CA LYS A 267 8.49 8.50 -42.10
C LYS A 267 9.52 7.49 -41.62
N TRP A 268 10.17 7.80 -40.52
CA TRP A 268 11.18 6.89 -39.98
C TRP A 268 10.53 5.57 -39.59
N ASP A 269 11.30 4.50 -39.70
CA ASP A 269 10.82 3.21 -39.26
C ASP A 269 10.71 3.15 -37.75
N LEU A 270 9.55 2.71 -37.28
CA LEU A 270 9.29 2.71 -35.85
C LEU A 270 10.29 1.87 -35.07
N LEU A 271 10.93 0.91 -35.73
CA LEU A 271 11.79 -0.02 -35.02
C LEU A 271 13.25 0.42 -34.98
N LYS A 272 13.69 1.24 -35.92
CA LYS A 272 15.10 1.59 -36.01
C LYS A 272 15.50 2.45 -34.82
N TYR A 273 16.63 2.13 -34.20
CA TYR A 273 17.13 2.89 -33.07
C TYR A 273 18.61 3.21 -33.17
N ASP A 274 19.32 2.64 -34.12
CA ASP A 274 20.76 2.90 -34.19
C ASP A 274 21.16 4.31 -34.57
N PHE A 275 20.81 4.73 -35.78
CA PHE A 275 21.21 6.03 -36.30
C PHE A 275 22.60 6.68 -36.31
N THR A 276 23.60 5.87 -36.54
CA THR A 276 24.95 6.39 -36.62
C THR A 276 25.58 7.07 -37.80
N GLU A 277 25.70 6.37 -38.92
CA GLU A 277 26.16 7.00 -40.15
C GLU A 277 25.26 8.16 -40.56
N GLU A 278 24.06 8.23 -40.01
CA GLU A 278 23.23 9.41 -40.24
C GLU A 278 23.84 10.63 -39.59
N ARG A 279 24.18 10.51 -38.31
CA ARG A 279 24.85 11.61 -37.64
C ARG A 279 26.14 11.95 -38.34
N LEU A 280 26.91 10.93 -38.73
CA LEU A 280 28.15 11.19 -39.45
C LEU A 280 27.89 11.91 -40.75
N LYS A 281 26.83 11.54 -41.45
CA LYS A 281 26.51 12.18 -42.70
C LYS A 281 26.16 13.63 -42.49
N LEU A 282 25.36 13.92 -41.47
CA LEU A 282 25.04 15.31 -41.17
C LEU A 282 26.31 16.09 -40.88
N PHE A 283 27.13 15.57 -39.96
CA PHE A 283 28.42 16.18 -39.67
C PHE A 283 29.15 16.53 -40.96
N ASP A 284 29.28 15.56 -41.86
CA ASP A 284 30.01 15.80 -43.08
C ASP A 284 29.34 16.85 -43.96
N ARG A 285 28.03 16.89 -44.00
CA ARG A 285 27.36 17.83 -44.87
C ARG A 285 27.49 19.25 -44.34
N TYR A 286 27.60 19.41 -43.04
CA TYR A 286 27.79 20.74 -42.48
C TYR A 286 29.18 20.95 -41.92
N PHE A 287 29.48 20.38 -40.77
CA PHE A 287 30.73 20.62 -40.08
C PHE A 287 31.89 19.90 -40.76
N LYS A 288 32.18 20.21 -42.02
CA LYS A 288 33.11 19.36 -42.75
C LYS A 288 34.55 19.53 -42.26
N TYR A 289 34.92 20.73 -41.83
CA TYR A 289 36.31 21.01 -41.51
C TYR A 289 36.55 21.22 -40.02
N TRP A 290 35.62 20.77 -39.19
CA TRP A 290 35.80 20.87 -37.75
C TRP A 290 36.88 19.88 -37.35
N ASP A 291 38.13 20.33 -37.43
CA ASP A 291 39.29 19.44 -37.37
C ASP A 291 39.39 18.79 -35.99
N GLN A 292 38.55 17.79 -35.77
CA GLN A 292 38.63 16.96 -34.58
C GLN A 292 37.74 15.77 -34.83
N THR A 293 38.15 14.60 -34.36
CA THR A 293 37.39 13.40 -34.65
C THR A 293 36.12 13.46 -33.82
N TYR A 294 35.01 13.09 -34.45
CA TYR A 294 33.73 13.02 -33.78
C TYR A 294 33.40 11.55 -33.59
N HIS A 295 32.88 11.19 -32.43
CA HIS A 295 32.52 9.80 -32.16
C HIS A 295 31.03 9.71 -31.91
N PRO A 296 30.26 9.10 -32.80
CA PRO A 296 28.81 9.04 -32.59
C PRO A 296 28.42 8.36 -31.30
N ASN A 297 29.31 7.60 -30.70
CA ASN A 297 29.02 6.95 -29.43
C ASN A 297 30.16 7.23 -28.46
N CYS A 298 29.86 8.05 -27.45
CA CYS A 298 30.86 8.52 -26.51
C CYS A 298 31.64 7.39 -25.89
N VAL A 299 31.07 6.19 -25.81
CA VAL A 299 31.81 5.01 -25.39
C VAL A 299 33.20 5.00 -26.02
N ASN A 300 33.32 5.50 -27.23
CA ASN A 300 34.59 5.52 -27.93
C ASN A 300 35.33 6.82 -27.68
N CYS A 301 35.12 7.45 -26.53
CA CYS A 301 35.82 8.69 -26.29
C CYS A 301 37.07 8.28 -25.52
N LEU A 302 38.07 9.17 -25.54
CA LEU A 302 39.37 9.08 -24.95
C LEU A 302 39.59 9.43 -23.43
N ASP A 303 39.34 10.71 -23.16
CA ASP A 303 39.57 11.36 -21.92
C ASP A 303 38.07 11.64 -21.59
N ASP A 304 37.87 12.76 -20.90
CA ASP A 304 36.54 13.32 -20.75
C ASP A 304 36.28 14.44 -21.74
N ARG A 305 37.24 15.34 -21.90
CA ARG A 305 37.06 16.45 -22.83
C ARG A 305 36.57 15.97 -24.18
N CYS A 306 36.99 14.78 -24.59
CA CYS A 306 36.37 14.19 -25.77
C CYS A 306 34.90 13.89 -25.52
N ILE A 307 34.54 13.46 -24.31
CA ILE A 307 33.13 13.19 -24.04
C ILE A 307 32.33 14.47 -24.20
N LEU A 308 32.86 15.58 -23.72
CA LEU A 308 32.16 16.84 -23.91
C LEU A 308 32.04 17.17 -25.39
N HIS A 309 33.17 17.14 -26.09
CA HIS A 309 33.18 17.61 -27.47
C HIS A 309 32.36 16.70 -28.38
N CYS A 310 32.01 15.51 -27.89
CA CYS A 310 31.11 14.68 -28.66
C CYS A 310 29.66 14.82 -28.23
N ALA A 311 29.39 14.83 -26.93
CA ALA A 311 28.01 14.98 -26.48
C ALA A 311 27.44 16.32 -26.90
N ASN A 312 28.28 17.34 -27.02
CA ASN A 312 27.79 18.61 -27.53
C ASN A 312 27.13 18.45 -28.88
N PHE A 313 27.88 18.00 -29.88
CA PHE A 313 27.31 17.74 -31.19
C PHE A 313 26.10 16.82 -31.11
N ASN A 314 26.16 15.82 -30.24
CA ASN A 314 25.02 14.92 -30.13
C ASN A 314 23.77 15.67 -29.73
N VAL A 315 23.90 16.67 -28.86
CA VAL A 315 22.71 17.42 -28.44
C VAL A 315 22.05 18.05 -29.65
N LEU A 316 22.82 18.75 -30.47
CA LEU A 316 22.26 19.38 -31.65
C LEU A 316 21.63 18.34 -32.57
N PHE A 317 22.33 17.25 -32.83
CA PHE A 317 21.83 16.31 -33.82
C PHE A 317 20.59 15.59 -33.34
N SER A 318 20.48 15.31 -32.05
CA SER A 318 19.36 14.52 -31.58
C SER A 318 18.04 15.26 -31.66
N THR A 319 18.02 16.50 -32.11
CA THR A 319 16.75 17.19 -32.27
C THR A 319 16.01 16.74 -33.51
N VAL A 320 16.64 15.93 -34.35
CA VAL A 320 16.07 15.59 -35.63
C VAL A 320 15.26 14.30 -35.59
N PHE A 321 15.61 13.36 -34.74
CA PHE A 321 15.09 12.02 -34.91
C PHE A 321 13.83 11.82 -34.09
N PRO A 322 13.08 10.76 -34.35
CA PRO A 322 11.82 10.57 -33.65
C PRO A 322 12.05 10.49 -32.15
N PRO A 323 11.25 11.20 -31.36
CA PRO A 323 11.39 11.14 -29.91
C PRO A 323 10.82 9.87 -29.30
N THR A 324 10.21 9.00 -30.08
CA THR A 324 9.83 7.69 -29.62
C THR A 324 10.92 6.66 -29.86
N SER A 325 12.16 7.12 -29.97
CA SER A 325 13.28 6.24 -30.20
C SER A 325 14.46 6.54 -29.29
N PHE A 326 14.21 7.05 -28.10
CA PHE A 326 15.23 7.20 -27.07
C PHE A 326 14.79 6.46 -25.82
N GLY A 327 15.71 6.33 -24.87
CA GLY A 327 15.39 5.72 -23.60
C GLY A 327 16.02 4.37 -23.46
N PRO A 328 15.41 3.51 -22.66
CA PRO A 328 15.90 2.15 -22.51
C PRO A 328 15.76 1.39 -23.82
N LEU A 329 16.65 0.43 -24.01
CA LEU A 329 16.60 -0.47 -25.15
C LEU A 329 16.39 -1.86 -24.58
N VAL A 330 15.16 -2.36 -24.66
CA VAL A 330 14.86 -3.63 -24.01
C VAL A 330 15.14 -4.77 -24.95
N ARG A 331 14.91 -5.99 -24.47
CA ARG A 331 15.19 -7.22 -25.17
C ARG A 331 14.51 -8.35 -24.41
N LYS A 332 14.05 -9.36 -25.16
CA LYS A 332 13.46 -10.55 -24.56
C LYS A 332 14.57 -11.46 -24.11
N ILE A 333 14.44 -12.01 -22.91
CA ILE A 333 15.34 -13.03 -22.42
C ILE A 333 14.53 -14.20 -21.89
N PHE A 334 15.21 -15.26 -21.51
CA PHE A 334 14.59 -16.39 -20.83
C PHE A 334 15.31 -16.67 -19.54
N VAL A 335 14.55 -17.05 -18.53
CA VAL A 335 15.09 -17.62 -17.30
C VAL A 335 14.14 -18.74 -16.88
N ASP A 336 14.73 -19.85 -16.45
CA ASP A 336 13.99 -21.07 -16.12
C ASP A 336 12.90 -21.37 -17.15
N GLY A 337 13.29 -21.30 -18.42
CA GLY A 337 12.34 -21.56 -19.49
C GLY A 337 11.15 -20.63 -19.48
N VAL A 338 11.39 -19.34 -19.26
CA VAL A 338 10.31 -18.37 -19.10
C VAL A 338 10.75 -17.06 -19.75
N PRO A 339 9.90 -16.43 -20.55
CA PRO A 339 10.29 -15.19 -21.21
C PRO A 339 10.11 -13.97 -20.35
N PHE A 340 11.12 -13.11 -20.31
CA PHE A 340 11.06 -11.80 -19.70
C PHE A 340 11.41 -10.74 -20.72
N VAL A 341 11.14 -9.50 -20.38
CA VAL A 341 11.59 -8.35 -21.13
C VAL A 341 12.39 -7.48 -20.19
N VAL A 342 13.66 -7.27 -20.50
CA VAL A 342 14.52 -6.44 -19.67
C VAL A 342 15.36 -5.56 -20.56
N SER A 343 15.78 -4.42 -20.02
CA SER A 343 16.62 -3.51 -20.77
C SER A 343 18.04 -4.03 -20.78
N THR A 344 18.74 -3.81 -21.88
CA THR A 344 20.13 -4.24 -22.03
C THR A 344 20.97 -3.11 -22.56
N GLY A 345 20.40 -1.91 -22.59
CA GLY A 345 21.14 -0.79 -23.14
C GLY A 345 20.29 0.47 -23.09
N TYR A 346 20.75 1.46 -23.84
CA TYR A 346 20.14 2.78 -23.77
C TYR A 346 20.58 3.58 -24.98
N HIS A 347 19.73 4.52 -25.36
CA HIS A 347 20.02 5.45 -26.44
C HIS A 347 19.85 6.85 -25.87
N PHE A 348 20.95 7.44 -25.42
CA PHE A 348 20.91 8.78 -24.86
C PHE A 348 20.98 9.79 -25.97
N ARG A 349 20.08 10.78 -25.94
CA ARG A 349 20.07 11.78 -26.98
C ARG A 349 21.33 12.64 -26.94
N GLU A 350 22.22 12.39 -25.99
CA GLU A 350 23.52 13.05 -25.96
C GLU A 350 24.69 12.10 -25.98
N LEU A 351 24.45 10.81 -25.77
CA LEU A 351 25.54 9.86 -25.67
C LEU A 351 25.45 8.74 -26.70
N GLY A 352 24.45 8.75 -27.56
CA GLY A 352 24.36 7.71 -28.55
C GLY A 352 23.94 6.39 -27.96
N VAL A 353 24.43 5.31 -28.51
CA VAL A 353 24.04 3.97 -28.12
C VAL A 353 24.97 3.49 -27.02
N VAL A 354 24.42 2.71 -26.10
CA VAL A 354 25.21 2.05 -25.08
C VAL A 354 24.57 0.71 -24.79
N HIS A 355 25.36 -0.36 -24.83
CA HIS A 355 24.86 -1.71 -24.60
C HIS A 355 25.36 -2.20 -23.26
N ASN A 356 24.47 -2.79 -22.47
CA ASN A 356 24.92 -3.44 -21.25
C ASN A 356 25.94 -4.49 -21.60
N GLN A 357 26.91 -4.68 -20.70
CA GLN A 357 28.06 -5.50 -21.01
C GLN A 357 27.94 -6.92 -20.50
N ASP A 358 27.13 -7.16 -19.47
CA ASP A 358 27.04 -8.47 -18.84
C ASP A 358 25.57 -8.88 -18.76
N VAL A 359 24.98 -9.20 -19.91
CA VAL A 359 23.66 -9.77 -19.96
C VAL A 359 23.82 -11.27 -20.12
N ASN A 360 22.91 -12.04 -19.55
CA ASN A 360 23.00 -13.49 -19.58
C ASN A 360 21.65 -14.08 -19.97
N LEU A 361 21.55 -14.56 -21.21
CA LEU A 361 20.39 -15.32 -21.62
C LEU A 361 20.35 -16.64 -20.87
N HIS A 362 19.15 -17.09 -20.52
CA HIS A 362 18.94 -18.43 -20.00
C HIS A 362 19.67 -18.67 -18.68
N SER A 363 18.99 -18.45 -17.57
CA SER A 363 19.51 -18.79 -16.27
C SER A 363 18.49 -19.63 -15.52
N SER A 364 18.93 -20.22 -14.41
CA SER A 364 18.11 -21.15 -13.66
C SER A 364 17.27 -20.47 -12.60
N ARG A 365 17.90 -19.67 -11.74
CA ARG A 365 17.18 -18.99 -10.68
C ARG A 365 17.67 -17.56 -10.59
N LEU A 366 17.11 -16.82 -9.64
CA LEU A 366 17.41 -15.41 -9.46
C LEU A 366 17.76 -15.13 -8.01
N SER A 367 18.98 -14.62 -7.78
CA SER A 367 19.39 -14.20 -6.46
C SER A 367 18.75 -12.87 -6.12
N PHE A 368 19.27 -12.18 -5.11
CA PHE A 368 18.59 -10.98 -4.64
C PHE A 368 18.87 -9.77 -5.52
N LYS A 369 20.15 -9.48 -5.79
CA LYS A 369 20.48 -8.28 -6.54
C LYS A 369 19.80 -8.27 -7.89
N GLU A 370 19.65 -9.43 -8.51
CA GLU A 370 19.06 -9.48 -9.84
C GLU A 370 17.55 -9.33 -9.79
N LEU A 371 16.91 -9.97 -8.80
CA LEU A 371 15.54 -9.60 -8.47
C LEU A 371 15.39 -8.10 -8.42
N LEU A 372 16.27 -7.44 -7.67
CA LEU A 372 16.17 -6.00 -7.52
C LEU A 372 16.26 -5.30 -8.86
N VAL A 373 17.39 -5.47 -9.54
CA VAL A 373 17.61 -4.75 -10.79
C VAL A 373 16.57 -5.06 -11.85
N TYR A 374 15.84 -6.17 -11.74
CA TYR A 374 14.73 -6.37 -12.64
C TYR A 374 13.42 -5.83 -12.08
N ALA A 375 13.40 -5.47 -10.79
CA ALA A 375 12.23 -4.82 -10.25
C ALA A 375 12.27 -3.31 -10.42
N ALA A 376 13.43 -2.69 -10.22
CA ALA A 376 13.56 -1.24 -10.33
C ALA A 376 13.64 -0.76 -11.76
N ASP A 377 13.35 -1.61 -12.73
CA ASP A 377 13.43 -1.14 -14.09
C ASP A 377 12.04 -0.86 -14.65
N PRO A 378 11.93 0.09 -15.57
CA PRO A 378 10.64 0.40 -16.17
C PRO A 378 10.18 -0.63 -17.19
N ALA A 379 11.11 -1.37 -17.78
CA ALA A 379 10.79 -2.25 -18.90
C ALA A 379 9.59 -3.13 -18.58
N MET A 380 9.77 -4.08 -17.67
CA MET A 380 8.67 -4.97 -17.33
C MET A 380 7.46 -4.22 -16.81
N HIS A 381 7.67 -3.16 -16.04
CA HIS A 381 6.54 -2.34 -15.62
C HIS A 381 5.81 -1.77 -16.82
N ALA A 382 6.52 -0.97 -17.63
CA ALA A 382 5.88 -0.29 -18.73
C ALA A 382 5.15 -1.26 -19.65
N ALA A 383 5.86 -2.25 -20.17
CA ALA A 383 5.27 -3.17 -21.14
C ALA A 383 4.02 -3.85 -20.61
N SER A 384 3.81 -3.83 -19.30
CA SER A 384 2.64 -4.42 -18.69
C SER A 384 1.60 -3.35 -18.39
N GLY A 385 1.67 -2.24 -19.11
CA GLY A 385 0.78 -1.12 -18.86
C GLY A 385 -0.12 -0.85 -20.05
N ASN A 386 -1.14 -0.05 -19.80
CA ASN A 386 -2.06 0.34 -20.85
C ASN A 386 -1.65 1.68 -21.43
N LEU A 387 -1.83 1.81 -22.74
CA LEU A 387 -1.36 3.00 -23.45
C LEU A 387 -2.06 4.25 -22.94
N LEU A 388 -1.28 5.31 -22.76
CA LEU A 388 -1.78 6.58 -22.27
C LEU A 388 -1.50 7.68 -23.29
N LEU A 389 -2.42 8.63 -23.40
CA LEU A 389 -2.24 9.82 -24.21
C LEU A 389 -3.01 10.87 -23.42
N ASP A 390 -2.29 11.88 -22.92
CA ASP A 390 -2.90 12.94 -22.13
C ASP A 390 -2.66 14.21 -22.91
N LYS A 391 -3.65 15.10 -22.91
CA LYS A 391 -3.54 16.39 -23.54
C LYS A 391 -3.31 17.51 -22.55
N ARG A 392 -3.22 17.19 -21.26
CA ARG A 392 -2.97 18.22 -20.27
C ARG A 392 -1.57 18.78 -20.37
N THR A 393 -0.62 17.98 -20.83
CA THR A 393 0.78 18.38 -20.87
C THR A 393 1.37 18.14 -22.25
N THR A 394 2.28 19.03 -22.63
CA THR A 394 3.06 18.85 -23.83
C THR A 394 4.24 17.91 -23.60
N CYS A 395 4.49 17.54 -22.35
CA CYS A 395 5.50 16.54 -22.06
C CYS A 395 5.08 15.20 -22.65
N PHE A 396 6.03 14.49 -23.22
CA PHE A 396 5.72 13.24 -23.91
C PHE A 396 5.36 12.17 -22.88
N SER A 397 4.07 11.86 -22.78
CA SER A 397 3.67 10.79 -21.89
C SER A 397 4.11 9.44 -22.44
N VAL A 398 3.94 8.40 -21.64
CA VAL A 398 4.37 7.08 -22.07
C VAL A 398 3.30 6.03 -21.79
N ALA A 399 2.98 5.79 -20.53
CA ALA A 399 2.10 4.68 -20.22
C ALA A 399 1.42 4.93 -18.88
N ALA A 400 0.44 4.09 -18.59
CA ALA A 400 -0.30 4.15 -17.33
C ALA A 400 -0.35 2.74 -16.77
N LEU A 401 -0.39 2.64 -15.44
CA LEU A 401 -0.38 1.34 -14.80
C LEU A 401 -1.75 0.93 -14.27
N THR A 402 -2.74 1.80 -14.33
CA THR A 402 -4.04 1.47 -13.78
C THR A 402 -5.16 1.79 -14.75
N ASN A 403 -6.40 1.66 -14.28
CA ASN A 403 -7.55 2.05 -15.07
C ASN A 403 -8.19 3.33 -14.56
N ASN A 404 -7.44 4.19 -13.88
CA ASN A 404 -8.02 5.35 -13.23
C ASN A 404 -6.91 6.23 -12.67
N VAL A 405 -6.73 7.38 -13.26
CA VAL A 405 -5.72 8.32 -12.81
C VAL A 405 -6.12 8.87 -11.45
N ALA A 406 -5.13 9.13 -10.60
CA ALA A 406 -5.35 9.61 -9.26
C ALA A 406 -5.04 11.10 -9.20
N PHE A 407 -5.71 11.80 -8.29
CA PHE A 407 -5.47 13.20 -8.03
C PHE A 407 -5.21 13.38 -6.54
N GLN A 408 -4.15 14.10 -6.21
CA GLN A 408 -3.83 14.38 -4.82
C GLN A 408 -4.01 15.87 -4.56
N THR A 409 -4.46 16.20 -3.36
CA THR A 409 -4.65 17.58 -2.95
C THR A 409 -3.65 17.92 -1.85
N VAL A 410 -3.78 19.13 -1.32
CA VAL A 410 -2.97 19.57 -0.20
C VAL A 410 -3.87 20.28 0.78
N LYS A 411 -4.15 19.64 1.88
CA LYS A 411 -5.02 20.18 2.90
C LYS A 411 -4.46 21.48 3.44
N PRO A 412 -5.31 22.34 4.01
CA PRO A 412 -4.82 23.57 4.59
C PRO A 412 -4.23 23.33 5.97
N GLY A 413 -3.34 24.23 6.37
CA GLY A 413 -2.72 24.14 7.66
C GLY A 413 -3.74 24.31 8.78
N ASN A 414 -3.33 23.91 9.97
CA ASN A 414 -4.18 24.04 11.14
C ASN A 414 -3.75 25.24 11.97
N PHE A 415 -4.73 25.87 12.60
CA PHE A 415 -4.53 27.16 13.24
C PHE A 415 -4.36 26.99 14.73
N ASN A 416 -3.46 27.78 15.31
CA ASN A 416 -3.21 27.78 16.74
C ASN A 416 -3.79 29.09 17.26
N LYS A 417 -4.89 29.00 18.00
CA LYS A 417 -5.60 30.21 18.36
C LYS A 417 -4.98 30.91 19.56
N ASP A 418 -4.94 30.23 20.70
CA ASP A 418 -4.60 30.91 21.95
C ASP A 418 -3.33 31.74 21.80
N PHE A 419 -2.33 31.21 21.09
CA PHE A 419 -1.12 31.98 20.86
C PHE A 419 -1.44 33.23 20.06
N TYR A 420 -2.32 33.11 19.08
CA TYR A 420 -2.68 34.27 18.29
C TYR A 420 -3.36 35.33 19.16
N ASP A 421 -4.30 34.90 19.99
CA ASP A 421 -4.97 35.82 20.90
C ASP A 421 -3.98 36.49 21.82
N PHE A 422 -3.05 35.71 22.36
CA PHE A 422 -1.96 36.24 23.15
C PHE A 422 -1.26 37.37 22.41
N ALA A 423 -0.74 37.05 21.22
CA ALA A 423 0.02 38.04 20.46
C ALA A 423 -0.79 39.29 20.23
N VAL A 424 -2.09 39.14 19.99
CA VAL A 424 -2.95 40.31 19.88
C VAL A 424 -2.93 41.10 21.17
N SER A 425 -3.15 40.41 22.30
CA SER A 425 -3.32 41.09 23.58
C SER A 425 -2.14 41.99 23.90
N LYS A 426 -0.96 41.67 23.41
CA LYS A 426 0.22 42.49 23.68
C LYS A 426 0.52 43.46 22.55
N GLY A 427 -0.49 43.81 21.77
CA GLY A 427 -0.42 44.97 20.92
C GLY A 427 0.10 44.75 19.52
N PHE A 428 0.22 43.51 19.07
CA PHE A 428 0.66 43.29 17.71
C PHE A 428 -0.50 43.40 16.74
N PHE A 429 -0.18 43.38 15.45
CA PHE A 429 -1.14 43.24 14.37
C PHE A 429 -2.10 44.42 14.26
N LYS A 430 -1.86 45.51 14.97
CA LYS A 430 -2.73 46.66 14.80
C LYS A 430 -2.48 47.29 13.44
N GLU A 431 -3.53 47.89 12.89
CA GLU A 431 -3.48 48.38 11.52
C GLU A 431 -2.33 49.35 11.34
N GLY A 432 -1.67 49.25 10.19
CA GLY A 432 -0.54 50.10 9.89
C GLY A 432 0.75 49.72 10.58
N SER A 433 0.80 48.59 11.26
CA SER A 433 2.03 48.14 11.90
C SER A 433 3.04 47.71 10.86
N SER A 434 4.31 47.72 11.25
CA SER A 434 5.37 47.37 10.31
C SER A 434 5.30 45.91 9.92
N VAL A 435 5.11 45.02 10.88
CA VAL A 435 5.12 43.58 10.64
C VAL A 435 3.69 43.07 10.62
N GLU A 436 3.43 42.12 9.73
CA GLU A 436 2.10 41.50 9.63
C GLU A 436 2.25 40.12 9.02
N LEU A 437 1.18 39.35 9.06
CA LEU A 437 1.19 38.00 8.53
C LEU A 437 1.23 37.88 7.02
N LYS A 438 2.32 37.33 6.50
CA LYS A 438 2.46 37.12 5.07
C LYS A 438 2.78 35.72 4.60
N HIS A 439 3.23 34.82 5.47
CA HIS A 439 3.49 33.43 5.10
C HIS A 439 2.37 32.57 5.66
N PHE A 440 1.89 31.63 4.85
CA PHE A 440 0.78 30.78 5.27
C PHE A 440 0.90 29.43 4.60
N PHE A 441 -0.09 28.59 4.87
CA PHE A 441 -0.15 27.25 4.32
C PHE A 441 -1.17 27.25 3.19
N PHE A 442 -0.72 27.56 1.98
CA PHE A 442 -1.62 27.55 0.84
C PHE A 442 -2.10 26.13 0.56
N ALA A 443 -3.34 26.01 0.13
CA ALA A 443 -3.91 24.72 -0.20
C ALA A 443 -3.84 24.49 -1.70
N GLN A 444 -3.99 23.24 -2.11
CA GLN A 444 -3.95 22.90 -3.53
C GLN A 444 -5.01 21.88 -3.84
N ASP A 445 -5.64 22.06 -5.00
CA ASP A 445 -6.77 21.24 -5.43
C ASP A 445 -6.24 19.97 -6.08
N GLY A 446 -6.90 19.52 -7.15
CA GLY A 446 -6.50 18.28 -7.77
C GLY A 446 -5.62 18.24 -9.01
N ASN A 447 -5.45 19.40 -9.64
CA ASN A 447 -4.76 19.48 -10.92
C ASN A 447 -3.40 20.09 -10.60
N ALA A 448 -2.97 19.89 -9.37
CA ALA A 448 -1.69 20.41 -8.92
C ALA A 448 -0.43 19.69 -9.38
N ALA A 449 -0.34 18.40 -9.10
CA ALA A 449 0.85 17.64 -9.45
C ALA A 449 1.19 17.81 -10.92
N ILE A 450 0.27 17.45 -11.80
CA ILE A 450 0.56 17.48 -13.22
C ILE A 450 0.79 18.90 -13.71
N SER A 451 -0.04 19.85 -13.28
CA SER A 451 0.11 21.20 -13.78
C SER A 451 1.39 21.83 -13.27
N ASP A 452 1.93 21.32 -12.18
CA ASP A 452 3.27 21.73 -11.77
C ASP A 452 4.33 21.07 -12.62
N TYR A 453 4.34 19.74 -12.64
CA TYR A 453 5.34 19.00 -13.38
C TYR A 453 5.47 19.50 -14.81
N ASP A 454 4.37 19.95 -15.40
CA ASP A 454 4.45 20.46 -16.76
C ASP A 454 5.50 21.51 -16.95
N TYR A 455 5.93 22.17 -15.87
CA TYR A 455 6.90 23.25 -15.98
C TYR A 455 8.16 22.85 -16.73
N TYR A 456 8.40 21.56 -16.94
CA TYR A 456 9.58 21.19 -17.70
C TYR A 456 9.48 21.63 -19.15
N ARG A 457 8.35 22.15 -19.59
CA ARG A 457 8.30 22.72 -20.92
C ARG A 457 9.31 23.83 -21.12
N TYR A 458 9.86 24.37 -20.05
CA TYR A 458 10.89 25.40 -20.15
C TYR A 458 12.26 24.81 -20.42
N ASN A 459 12.36 23.52 -20.61
CA ASN A 459 13.64 22.86 -20.81
C ASN A 459 13.85 22.66 -22.31
N LEU A 460 14.91 23.23 -22.83
CA LEU A 460 15.10 23.14 -24.26
C LEU A 460 16.41 22.47 -24.61
N PRO A 461 16.49 21.83 -25.76
CA PRO A 461 17.77 21.30 -26.20
C PRO A 461 18.67 22.42 -26.64
N THR A 462 19.70 22.72 -25.87
CA THR A 462 20.57 23.83 -26.19
C THR A 462 21.99 23.36 -26.39
N MET A 463 22.60 23.84 -27.46
CA MET A 463 23.99 23.53 -27.79
C MET A 463 24.87 24.65 -27.25
N CYS A 464 25.57 24.37 -26.16
CA CYS A 464 26.44 25.34 -25.53
C CYS A 464 27.76 25.41 -26.27
N ASP A 465 28.30 26.62 -26.36
CA ASP A 465 29.58 26.83 -27.02
C ASP A 465 30.59 25.88 -26.43
N ILE A 466 31.38 25.23 -27.28
CA ILE A 466 32.24 24.15 -26.80
C ILE A 466 33.65 24.63 -26.49
N ARG A 467 34.22 25.51 -27.30
CA ARG A 467 35.61 25.87 -27.06
C ARG A 467 35.79 26.58 -25.74
N GLN A 468 34.99 27.60 -25.46
CA GLN A 468 35.13 28.29 -24.19
C GLN A 468 34.76 27.39 -23.03
N LEU A 469 33.81 26.47 -23.23
CA LEU A 469 33.51 25.51 -22.18
C LEU A 469 34.73 24.68 -21.84
N LEU A 470 35.50 24.28 -22.85
CA LEU A 470 36.66 23.44 -22.60
C LEU A 470 37.70 24.11 -21.72
N PHE A 471 37.56 25.40 -21.45
CA PHE A 471 38.40 26.14 -20.53
C PHE A 471 37.78 26.58 -19.23
N VAL A 472 36.52 27.02 -19.29
CA VAL A 472 35.79 27.27 -18.07
C VAL A 472 35.73 26.03 -17.21
N VAL A 473 35.67 24.86 -17.84
CA VAL A 473 35.69 23.66 -17.03
C VAL A 473 37.04 23.52 -16.32
N GLU A 474 38.13 23.93 -16.97
CA GLU A 474 39.41 23.88 -16.28
C GLU A 474 39.43 24.80 -15.08
N VAL A 475 38.96 26.02 -15.24
CA VAL A 475 38.95 26.96 -14.13
C VAL A 475 38.13 26.41 -12.98
N VAL A 476 36.94 25.91 -13.30
CA VAL A 476 36.09 25.35 -12.25
C VAL A 476 36.83 24.24 -11.53
N ASP A 477 37.47 23.35 -12.28
CA ASP A 477 38.25 22.30 -11.64
C ASP A 477 39.25 22.89 -10.67
N LYS A 478 40.02 23.88 -11.11
CA LYS A 478 40.97 24.53 -10.23
C LYS A 478 40.31 25.01 -8.96
N TYR A 479 39.04 25.39 -9.05
CA TYR A 479 38.36 25.80 -7.83
C TYR A 479 38.20 24.69 -6.81
N PHE A 480 38.50 23.43 -7.16
CA PHE A 480 38.19 22.32 -6.26
C PHE A 480 39.43 21.53 -5.92
N ASP A 481 40.59 22.18 -5.88
CA ASP A 481 41.82 21.43 -5.68
C ASP A 481 41.92 20.82 -4.30
N CYS A 482 41.49 21.51 -3.26
CA CYS A 482 41.72 21.08 -1.89
C CYS A 482 40.62 20.17 -1.36
N TYR A 483 40.46 18.99 -1.94
CA TYR A 483 39.56 17.98 -1.41
C TYR A 483 40.14 16.61 -1.75
N ASP A 484 39.32 15.57 -1.60
CA ASP A 484 39.74 14.21 -1.90
C ASP A 484 38.55 13.28 -1.78
N GLY A 485 38.51 12.31 -2.68
CA GLY A 485 37.42 11.36 -2.70
C GLY A 485 37.82 10.11 -3.46
N GLY A 486 36.85 9.25 -3.65
CA GLY A 486 37.07 8.00 -4.33
C GLY A 486 36.08 6.97 -3.85
N CYS A 487 36.10 5.81 -4.52
CA CYS A 487 35.25 4.72 -4.12
C CYS A 487 35.50 4.36 -2.67
N ILE A 488 34.45 3.91 -2.00
CA ILE A 488 34.57 3.45 -0.63
C ILE A 488 33.83 2.13 -0.50
N ASN A 489 34.27 1.32 0.45
CA ASN A 489 33.67 0.02 0.65
C ASN A 489 32.37 0.14 1.41
N ALA A 490 31.42 -0.73 1.06
CA ALA A 490 30.07 -0.67 1.61
C ALA A 490 30.03 -0.47 3.11
N ASN A 491 30.91 -1.13 3.86
CA ASN A 491 30.91 -1.05 5.30
C ASN A 491 31.30 0.32 5.83
N GLN A 492 31.53 1.28 4.96
CA GLN A 492 31.96 2.60 5.39
C GLN A 492 30.99 3.74 5.14
N VAL A 493 29.82 3.47 4.55
CA VAL A 493 28.88 4.54 4.27
C VAL A 493 28.14 4.93 5.55
N ILE A 494 27.60 6.15 5.53
CA ILE A 494 26.90 6.71 6.68
C ILE A 494 25.56 7.25 6.19
N VAL A 495 24.48 6.77 6.79
CA VAL A 495 23.15 7.20 6.39
C VAL A 495 22.46 7.77 7.63
N ASN A 496 22.51 9.08 7.79
CA ASN A 496 21.75 9.73 8.83
C ASN A 496 20.27 9.65 8.49
N ASN A 497 19.48 9.23 9.47
CA ASN A 497 18.04 9.03 9.31
C ASN A 497 17.77 7.92 8.28
N LEU A 498 17.58 6.71 8.77
CA LEU A 498 17.38 5.55 7.93
C LEU A 498 15.93 5.38 7.49
N ASP A 499 15.07 6.35 7.75
CA ASP A 499 13.68 6.16 7.39
C ASP A 499 13.15 7.26 6.50
N LYS A 500 13.31 7.09 5.20
CA LYS A 500 12.72 7.94 4.19
C LYS A 500 12.03 7.06 3.17
N SER A 501 11.12 7.65 2.41
CA SER A 501 10.42 6.86 1.41
C SER A 501 11.42 6.23 0.43
N ALA A 502 11.09 5.03 -0.02
CA ALA A 502 12.02 4.20 -0.76
C ALA A 502 11.74 4.20 -2.26
N GLY A 503 11.23 5.30 -2.80
CA GLY A 503 11.00 5.37 -4.22
C GLY A 503 9.98 4.35 -4.70
N PHE A 504 9.96 4.18 -6.01
CA PHE A 504 8.99 3.26 -6.58
C PHE A 504 9.67 2.00 -7.06
N PRO A 505 9.07 0.84 -6.84
CA PRO A 505 7.82 0.64 -6.10
C PRO A 505 8.10 0.18 -4.69
N PHE A 506 9.36 0.29 -4.29
CA PHE A 506 9.77 -0.21 -2.99
C PHE A 506 8.99 0.40 -1.85
N ASN A 507 8.35 1.54 -2.08
CA ASN A 507 7.41 2.05 -1.10
C ASN A 507 6.21 1.14 -0.92
N LYS A 508 6.11 0.06 -1.69
CA LYS A 508 5.06 -0.92 -1.47
C LYS A 508 5.40 -1.93 -0.40
N TRP A 509 6.56 -1.80 0.24
CA TRP A 509 7.03 -2.77 1.24
C TRP A 509 7.42 -2.07 2.44
N GLY A 510 8.43 -1.21 2.38
CA GLY A 510 8.80 -0.38 3.58
C GLY A 510 9.80 0.62 3.16
N LYS A 511 10.33 1.27 4.18
CA LYS A 511 11.29 2.34 4.02
C LYS A 511 12.66 1.76 3.67
N ALA A 512 13.70 2.54 3.93
CA ALA A 512 15.04 2.14 3.50
C ALA A 512 15.62 1.05 4.38
N ARG A 513 15.49 1.18 5.70
CA ARG A 513 16.17 0.28 6.61
C ARG A 513 15.89 -1.18 6.26
N LEU A 514 14.66 -1.49 5.89
CA LEU A 514 14.34 -2.84 5.43
C LEU A 514 15.32 -3.30 4.37
N TYR A 515 15.54 -2.47 3.36
CA TYR A 515 16.42 -2.86 2.27
C TYR A 515 17.89 -2.80 2.65
N TYR A 516 18.36 -1.67 3.18
CA TYR A 516 19.71 -1.58 3.68
C TYR A 516 20.06 -2.66 4.68
N ASP A 517 19.08 -3.43 5.15
CA ASP A 517 19.38 -4.55 6.03
C ASP A 517 19.40 -5.88 5.30
N SER A 518 18.38 -6.17 4.51
CA SER A 518 18.28 -7.50 3.90
C SER A 518 19.41 -7.80 2.94
N MET A 519 20.33 -6.88 2.71
CA MET A 519 21.45 -7.09 1.81
C MET A 519 22.73 -7.19 2.61
N SER A 520 23.64 -8.05 2.16
CA SER A 520 24.92 -8.21 2.83
C SER A 520 25.81 -7.02 2.58
N TYR A 521 26.98 -6.98 3.21
CA TYR A 521 27.97 -6.00 2.84
C TYR A 521 28.63 -6.31 1.51
N GLU A 522 28.21 -7.38 0.85
CA GLU A 522 28.72 -7.73 -0.46
C GLU A 522 27.70 -7.51 -1.55
N ASP A 523 26.44 -7.83 -1.29
CA ASP A 523 25.37 -7.44 -2.18
C ASP A 523 25.51 -5.99 -2.59
N GLN A 524 25.81 -5.11 -1.64
CA GLN A 524 26.08 -3.74 -1.99
C GLN A 524 27.33 -3.63 -2.84
N ASP A 525 28.40 -4.33 -2.45
CA ASP A 525 29.62 -4.27 -3.23
C ASP A 525 29.45 -4.91 -4.59
N ALA A 526 28.82 -6.08 -4.63
CA ALA A 526 28.54 -6.71 -5.91
C ALA A 526 27.76 -5.78 -6.81
N LEU A 527 26.71 -5.16 -6.27
CA LEU A 527 25.87 -4.28 -7.08
C LEU A 527 26.66 -3.09 -7.59
N PHE A 528 27.36 -2.41 -6.70
CA PHE A 528 28.19 -1.29 -7.10
C PHE A 528 29.12 -1.69 -8.23
N ALA A 529 29.94 -2.72 -8.02
CA ALA A 529 30.83 -3.17 -9.07
C ALA A 529 30.09 -3.67 -10.29
N TYR A 530 28.79 -3.91 -10.17
CA TYR A 530 28.03 -4.29 -11.34
C TYR A 530 27.63 -3.08 -12.17
N THR A 531 27.30 -1.98 -11.50
CA THR A 531 26.98 -0.79 -12.28
C THR A 531 28.15 -0.25 -13.05
N LYS A 532 29.37 -0.52 -12.59
CA LYS A 532 30.55 -0.03 -13.27
C LYS A 532 30.75 -0.67 -14.63
N ARG A 533 29.88 -1.58 -15.03
CA ARG A 533 29.95 -2.14 -16.37
C ARG A 533 28.59 -2.31 -17.03
N ASN A 534 27.51 -1.88 -16.40
CA ASN A 534 26.21 -1.99 -17.01
C ASN A 534 25.35 -0.81 -16.58
N VAL A 535 24.17 -0.71 -17.17
CA VAL A 535 23.32 0.46 -17.02
C VAL A 535 22.00 0.02 -16.40
N ILE A 536 21.48 0.83 -15.49
CA ILE A 536 20.25 0.49 -14.79
C ILE A 536 19.27 1.65 -14.82
N PRO A 537 18.26 1.62 -15.67
CA PRO A 537 17.22 2.65 -15.60
C PRO A 537 16.49 2.62 -14.27
N THR A 538 15.80 3.71 -13.97
CA THR A 538 15.13 3.88 -12.70
C THR A 538 13.76 4.50 -12.92
N ILE A 539 13.07 4.79 -11.83
CA ILE A 539 11.76 5.42 -11.84
C ILE A 539 11.68 6.40 -10.68
N THR A 540 11.37 7.65 -10.99
CA THR A 540 11.32 8.71 -10.00
C THR A 540 9.87 9.02 -9.68
N GLN A 541 9.60 9.39 -8.44
CA GLN A 541 8.27 9.80 -8.05
C GLN A 541 8.24 11.29 -7.77
N MET A 542 7.07 11.88 -7.99
CA MET A 542 6.82 13.27 -7.60
C MET A 542 6.02 13.27 -6.31
N ASN A 543 6.24 14.29 -5.50
CA ASN A 543 5.51 14.45 -4.25
C ASN A 543 5.28 15.92 -3.97
N LEU A 544 4.23 16.19 -3.22
CA LEU A 544 3.79 17.55 -2.96
C LEU A 544 4.26 17.97 -1.58
N LYS A 545 5.24 18.87 -1.54
CA LYS A 545 5.70 19.35 -0.26
C LYS A 545 4.58 20.03 0.48
N TYR A 546 4.57 19.88 1.80
CA TYR A 546 3.50 20.42 2.65
C TYR A 546 4.16 21.25 3.75
N ALA A 547 4.37 22.52 3.46
CA ALA A 547 5.06 23.40 4.40
C ALA A 547 4.70 24.84 4.08
N ILE A 548 4.86 25.70 5.09
CA ILE A 548 4.51 27.10 4.92
C ILE A 548 5.31 27.69 3.78
N SER A 549 4.82 28.80 3.25
CA SER A 549 5.50 29.48 2.15
C SER A 549 4.89 30.87 2.01
N ALA A 550 5.22 31.52 0.91
CA ALA A 550 4.75 32.87 0.64
C ALA A 550 4.27 33.07 -0.79
N LYS A 551 4.26 32.02 -1.61
CA LYS A 551 3.75 32.10 -2.97
C LYS A 551 2.92 30.86 -3.26
N ASN A 552 1.67 31.08 -3.62
CA ASN A 552 0.67 30.02 -3.69
C ASN A 552 1.03 28.91 -4.65
N ARG A 553 1.91 29.14 -5.61
CA ARG A 553 2.27 28.08 -6.54
C ARG A 553 2.94 26.94 -5.76
N ALA A 554 2.36 25.76 -5.88
CA ALA A 554 2.82 24.64 -5.07
C ALA A 554 4.26 24.28 -5.38
N ARG A 555 4.89 23.58 -4.45
CA ARG A 555 6.26 23.13 -4.60
C ARG A 555 6.30 21.62 -4.47
N THR A 556 7.14 20.97 -5.27
CA THR A 556 7.16 19.52 -5.30
C THR A 556 8.59 19.03 -5.18
N VAL A 557 8.71 17.71 -4.99
CA VAL A 557 9.99 17.06 -4.76
C VAL A 557 10.02 15.75 -5.53
N ALA A 558 11.22 15.34 -5.91
CA ALA A 558 11.42 14.12 -6.67
C ALA A 558 12.09 13.09 -5.76
N GLY A 559 11.35 12.05 -5.43
CA GLY A 559 11.93 10.92 -4.71
C GLY A 559 12.54 9.92 -5.67
N VAL A 560 13.80 9.62 -5.52
CA VAL A 560 14.51 8.74 -6.43
C VAL A 560 14.45 7.31 -5.91
N SER A 561 14.64 6.37 -6.81
CA SER A 561 14.62 4.96 -6.42
C SER A 561 15.81 4.62 -5.54
N ILE A 562 15.58 3.66 -4.63
CA ILE A 562 16.63 3.20 -3.75
C ILE A 562 17.84 2.73 -4.53
N CYS A 563 17.61 2.08 -5.67
CA CYS A 563 18.71 1.46 -6.41
C CYS A 563 19.77 2.45 -6.83
N SER A 564 19.39 3.66 -7.21
CA SER A 564 20.40 4.60 -7.62
C SER A 564 21.16 5.17 -6.43
N THR A 565 20.44 5.61 -5.41
CA THR A 565 21.09 6.15 -4.23
C THR A 565 22.06 5.15 -3.62
N MET A 566 21.61 3.91 -3.43
CA MET A 566 22.42 2.92 -2.75
C MET A 566 23.80 2.81 -3.37
N THR A 567 23.95 3.22 -4.62
CA THR A 567 25.25 3.24 -5.26
C THR A 567 25.89 4.61 -5.24
N ASN A 568 25.18 5.64 -5.71
CA ASN A 568 25.74 6.98 -5.76
C ASN A 568 26.33 7.37 -4.42
N ARG A 569 25.74 6.88 -3.33
CA ARG A 569 26.37 7.05 -2.03
C ARG A 569 27.78 6.52 -2.07
N GLN A 570 27.94 5.20 -2.24
CA GLN A 570 29.27 4.62 -2.25
C GLN A 570 30.20 5.34 -3.21
N PHE A 571 29.65 5.97 -4.23
CA PHE A 571 30.53 6.52 -5.26
C PHE A 571 30.93 7.96 -4.95
N HIS A 572 30.16 8.66 -4.13
CA HIS A 572 30.42 10.08 -3.91
C HIS A 572 30.64 10.48 -2.45
N GLN A 573 30.15 9.70 -1.50
CA GLN A 573 30.09 10.18 -0.12
C GLN A 573 31.45 10.61 0.40
N LYS A 574 32.53 9.98 -0.08
CA LYS A 574 33.85 10.38 0.39
C LYS A 574 34.13 11.83 0.04
N LEU A 575 34.01 12.17 -1.25
CA LEU A 575 34.17 13.57 -1.64
C LEU A 575 33.19 14.46 -0.92
N LEU A 576 31.96 13.99 -0.77
CA LEU A 576 30.95 14.85 -0.16
C LEU A 576 31.35 15.25 1.24
N LYS A 577 31.54 14.26 2.11
CA LYS A 577 32.02 14.53 3.46
C LYS A 577 33.31 15.32 3.45
N SER A 578 34.17 15.10 2.45
CA SER A 578 35.37 15.92 2.37
C SER A 578 35.02 17.38 2.17
N ILE A 579 33.94 17.67 1.46
CA ILE A 579 33.53 19.06 1.33
C ILE A 579 32.76 19.66 2.49
N ALA A 580 31.98 18.85 3.18
CA ALA A 580 31.08 19.34 4.21
C ALA A 580 31.79 19.70 5.50
N ALA A 581 33.07 19.40 5.60
CA ALA A 581 33.85 19.79 6.77
C ALA A 581 35.07 20.69 6.62
N THR A 582 35.06 21.59 5.66
CA THR A 582 36.20 22.45 5.41
C THR A 582 35.76 23.91 5.46
N ARG A 583 36.54 24.73 6.16
CA ARG A 583 36.22 26.13 6.35
C ARG A 583 36.99 26.97 5.35
N GLY A 584 36.58 28.22 5.20
CA GLY A 584 37.27 29.15 4.35
C GLY A 584 37.28 28.82 2.88
N ALA A 585 36.58 27.78 2.47
CA ALA A 585 36.52 27.42 1.06
C ALA A 585 35.54 28.34 0.34
N THR A 586 35.61 28.35 -0.98
CA THR A 586 34.67 29.15 -1.76
C THR A 586 33.26 28.59 -1.61
N VAL A 587 33.12 27.28 -1.63
CA VAL A 587 31.86 26.68 -1.21
C VAL A 587 31.76 26.84 0.29
N VAL A 588 30.55 26.93 0.82
CA VAL A 588 30.40 27.19 2.23
C VAL A 588 29.41 26.23 2.86
N ILE A 589 29.04 25.20 2.13
CA ILE A 589 28.06 24.23 2.63
C ILE A 589 28.57 23.66 3.94
N GLY A 590 27.66 23.26 4.81
CA GLY A 590 28.03 22.64 6.05
C GLY A 590 28.53 23.56 7.12
N THR A 591 29.19 24.66 6.76
CA THR A 591 29.67 25.61 7.75
C THR A 591 28.48 26.25 8.46
N SER A 592 28.44 26.10 9.78
CA SER A 592 27.34 26.62 10.56
C SER A 592 27.56 28.09 10.89
N LYS A 593 26.46 28.83 10.95
CA LYS A 593 26.51 30.27 11.17
C LYS A 593 26.60 30.65 12.64
N PHE A 594 26.22 29.75 13.53
CA PHE A 594 26.22 30.02 14.96
C PHE A 594 27.64 30.21 15.48
N TYR A 595 27.73 30.64 16.73
CA TYR A 595 29.02 30.92 17.35
C TYR A 595 29.87 31.82 16.47
N GLY A 596 29.24 32.85 15.91
CA GLY A 596 29.96 33.84 15.15
C GLY A 596 30.47 33.37 13.82
N GLY A 597 30.19 32.13 13.45
CA GLY A 597 30.67 31.61 12.18
C GLY A 597 30.26 32.48 11.03
N TRP A 598 28.99 32.91 11.04
CA TRP A 598 28.50 33.82 10.01
C TRP A 598 29.45 34.97 9.81
N HIS A 599 29.96 35.53 10.91
CA HIS A 599 30.91 36.63 10.77
C HIS A 599 32.17 36.17 10.07
N ASN A 600 32.63 34.96 10.38
CA ASN A 600 33.82 34.46 9.70
C ASN A 600 33.59 34.38 8.21
N MET A 601 32.42 33.86 7.81
CA MET A 601 32.12 33.77 6.38
C MET A 601 32.16 35.15 5.75
N LEU A 602 31.44 36.09 6.34
CA LEU A 602 31.35 37.41 5.72
C LEU A 602 32.70 38.12 5.74
N LYS A 603 33.57 37.75 6.66
CA LYS A 603 34.87 38.38 6.67
C LYS A 603 35.76 37.80 5.59
N THR A 604 35.87 36.48 5.55
CA THR A 604 36.72 35.87 4.54
C THR A 604 36.25 36.18 3.13
N VAL A 605 34.95 36.31 2.91
CA VAL A 605 34.48 36.68 1.58
C VAL A 605 34.84 38.11 1.23
N TYR A 606 35.28 38.90 2.21
CA TYR A 606 35.82 40.20 1.87
C TYR A 606 37.24 40.13 1.44
N SER A 607 38.02 39.25 2.06
CA SER A 607 39.42 39.09 1.71
C SER A 607 40.11 40.44 1.62
N ASP A 608 40.30 40.93 0.40
CA ASP A 608 40.93 42.22 0.19
C ASP A 608 40.68 42.73 -1.23
N VAL A 609 39.47 43.20 -1.48
CA VAL A 609 39.11 43.73 -2.78
C VAL A 609 39.18 45.25 -2.73
N GLU A 610 39.75 45.83 -3.78
CA GLU A 610 40.25 47.19 -3.72
C GLU A 610 39.18 48.24 -3.58
N ASN A 611 37.96 47.98 -4.04
CA ASN A 611 36.86 48.94 -3.94
C ASN A 611 35.59 48.16 -3.73
N PRO A 612 35.50 47.44 -2.63
CA PRO A 612 34.53 46.36 -2.52
C PRO A 612 33.10 46.85 -2.70
N HIS A 613 32.40 46.21 -3.61
CA HIS A 613 30.96 46.27 -3.65
C HIS A 613 30.44 44.86 -3.50
N LEU A 614 29.19 44.74 -3.09
CA LEU A 614 28.55 43.45 -2.94
C LEU A 614 27.43 43.32 -3.94
N MET A 615 27.16 42.08 -4.34
CA MET A 615 25.98 41.87 -5.17
C MET A 615 25.54 40.42 -5.09
N GLY A 616 24.28 40.22 -5.43
CA GLY A 616 23.74 38.87 -5.49
C GLY A 616 22.68 38.81 -6.57
N TRP A 617 22.37 37.58 -6.99
CA TRP A 617 21.37 37.38 -8.03
C TRP A 617 20.58 36.11 -7.71
N ASP A 618 19.79 35.66 -8.67
CA ASP A 618 18.98 34.48 -8.48
C ASP A 618 18.49 33.96 -9.82
N TYR A 619 18.51 32.63 -9.98
CA TYR A 619 18.17 32.00 -11.23
C TYR A 619 16.69 31.64 -11.24
N PRO A 620 15.89 32.24 -12.11
CA PRO A 620 14.45 31.95 -12.14
C PRO A 620 14.23 30.51 -12.56
N LYS A 621 13.55 29.73 -11.72
CA LYS A 621 13.29 28.33 -11.97
C LYS A 621 14.59 27.58 -12.28
N CYS A 622 15.51 27.69 -11.34
CA CYS A 622 16.86 27.18 -11.57
C CYS A 622 16.87 25.68 -11.78
N ASP A 623 15.98 24.94 -11.12
CA ASP A 623 16.03 23.49 -11.19
C ASP A 623 15.42 22.92 -12.46
N ARG A 624 14.51 23.64 -13.10
CA ARG A 624 13.95 23.14 -14.35
C ARG A 624 14.77 23.59 -15.55
N ALA A 625 15.21 24.84 -15.55
CA ALA A 625 15.77 25.45 -16.75
C ALA A 625 17.20 25.02 -17.04
N MET A 626 17.79 24.16 -16.24
CA MET A 626 19.19 23.82 -16.43
C MET A 626 19.39 22.94 -17.66
N PRO A 627 20.07 23.42 -18.69
CA PRO A 627 20.28 22.59 -19.88
C PRO A 627 21.17 21.40 -19.55
N ASN A 628 20.93 20.30 -20.26
CA ASN A 628 21.57 19.04 -19.94
C ASN A 628 23.08 19.14 -19.97
N MET A 629 23.62 19.91 -20.91
CA MET A 629 25.07 20.00 -21.05
C MET A 629 25.73 20.37 -19.73
N LEU A 630 25.18 21.36 -19.03
CA LEU A 630 25.80 21.77 -17.80
C LEU A 630 25.68 20.72 -16.72
N ARG A 631 24.55 20.01 -16.66
CA ARG A 631 24.44 18.92 -15.71
C ARG A 631 25.54 17.89 -15.95
N ILE A 632 25.77 17.54 -17.21
CA ILE A 632 26.84 16.59 -17.52
C ILE A 632 28.18 17.17 -17.11
N MET A 633 28.37 18.46 -17.36
CA MET A 633 29.63 19.09 -16.99
C MET A 633 29.87 18.97 -15.50
N ALA A 634 28.82 19.16 -14.71
CA ALA A 634 28.96 19.06 -13.27
C ALA A 634 29.31 17.64 -12.86
N SER A 635 28.61 16.66 -13.42
CA SER A 635 28.94 15.28 -13.09
C SER A 635 30.39 14.97 -13.42
N LEU A 636 30.87 15.50 -14.55
CA LEU A 636 32.27 15.27 -14.91
C LEU A 636 33.21 15.89 -13.91
N VAL A 637 32.95 17.14 -13.53
CA VAL A 637 33.85 17.80 -12.60
C VAL A 637 33.90 17.05 -11.28
N LEU A 638 32.75 16.60 -10.79
CA LEU A 638 32.77 15.79 -9.59
C LEU A 638 33.58 14.53 -9.79
N ALA A 639 33.33 13.81 -10.88
CA ALA A 639 33.96 12.52 -11.08
C ALA A 639 35.46 12.62 -11.24
N ARG A 640 35.97 13.74 -11.77
CA ARG A 640 37.38 13.84 -12.07
C ARG A 640 38.28 13.47 -10.89
N LYS A 641 37.75 13.41 -9.67
CA LYS A 641 38.58 13.02 -8.54
C LYS A 641 38.91 11.53 -8.55
N HIS A 642 38.09 10.71 -9.20
CA HIS A 642 38.30 9.27 -9.21
C HIS A 642 39.47 8.83 -10.06
N THR A 643 40.58 9.57 -10.04
CA THR A 643 41.66 9.26 -10.96
C THR A 643 42.14 7.83 -10.76
N THR A 644 42.09 7.30 -9.56
CA THR A 644 42.53 5.94 -9.28
C THR A 644 41.57 4.91 -8.73
N CYS A 645 40.55 5.36 -8.00
CA CYS A 645 39.57 4.43 -7.44
C CYS A 645 38.75 3.76 -8.53
N CYS A 646 39.07 4.02 -9.79
CA CYS A 646 38.40 3.37 -10.91
C CYS A 646 39.39 3.15 -12.04
N SER A 647 38.87 2.57 -13.13
CA SER A 647 39.63 2.49 -14.36
C SER A 647 39.35 3.73 -15.20
N LEU A 648 39.02 3.54 -16.46
CA LEU A 648 38.48 4.62 -17.29
C LEU A 648 37.22 4.36 -18.09
N SER A 649 36.81 3.10 -18.23
CA SER A 649 35.56 2.81 -18.90
C SER A 649 34.61 2.73 -17.73
N HIS A 650 35.11 2.32 -16.56
CA HIS A 650 34.27 2.31 -15.38
C HIS A 650 33.69 3.70 -15.13
N ARG A 651 34.52 4.73 -15.19
CA ARG A 651 34.03 6.07 -14.95
C ARG A 651 32.94 6.45 -15.94
N PHE A 652 33.12 6.06 -17.20
CA PHE A 652 32.12 6.43 -18.20
C PHE A 652 30.82 5.71 -17.97
N TYR A 653 30.87 4.41 -17.64
CA TYR A 653 29.63 3.73 -17.35
C TYR A 653 28.96 4.31 -16.11
N ARG A 654 29.74 4.71 -15.12
CA ARG A 654 29.16 5.36 -13.97
C ARG A 654 28.43 6.62 -14.37
N LEU A 655 29.10 7.47 -15.14
CA LEU A 655 28.45 8.69 -15.63
C LEU A 655 27.18 8.36 -16.38
N ALA A 656 27.20 7.30 -17.17
CA ALA A 656 26.02 6.96 -17.95
C ALA A 656 24.86 6.57 -17.05
N ASN A 657 25.12 5.69 -16.09
CA ASN A 657 24.05 5.32 -15.17
C ASN A 657 23.53 6.54 -14.45
N GLU A 658 24.42 7.44 -14.06
CA GLU A 658 23.97 8.66 -13.39
C GLU A 658 23.02 9.44 -14.26
N CYS A 659 23.45 9.79 -15.47
CA CYS A 659 22.58 10.55 -16.35
C CYS A 659 21.26 9.84 -16.58
N ALA A 660 21.30 8.55 -16.88
CA ALA A 660 20.07 7.81 -17.11
C ALA A 660 19.18 7.75 -15.89
N GLN A 661 19.72 7.99 -14.71
CA GLN A 661 18.90 7.95 -13.51
C GLN A 661 18.43 9.30 -13.03
N VAL A 662 19.12 10.39 -13.38
CA VAL A 662 18.69 11.70 -12.91
C VAL A 662 18.75 12.71 -14.04
N LEU A 663 18.22 12.36 -15.19
CA LEU A 663 18.10 13.35 -16.26
C LEU A 663 16.97 13.07 -17.23
N SER A 664 16.90 11.90 -17.85
CA SER A 664 15.81 11.60 -18.77
C SER A 664 15.07 10.35 -18.34
N GLU A 665 15.05 10.08 -17.05
CA GLU A 665 14.38 8.90 -16.55
C GLU A 665 12.88 9.06 -16.61
N MET A 666 12.15 8.03 -16.26
CA MET A 666 10.70 8.03 -16.39
C MET A 666 10.09 8.47 -15.06
N VAL A 667 9.56 9.69 -15.04
CA VAL A 667 8.87 10.18 -13.87
C VAL A 667 7.55 9.45 -13.72
N MET A 668 7.20 9.10 -12.48
CA MET A 668 5.95 8.41 -12.20
C MET A 668 5.04 9.40 -11.50
N CYS A 669 4.27 10.15 -12.28
CA CYS A 669 3.38 11.15 -11.74
C CYS A 669 1.95 10.64 -11.73
N GLY A 670 1.27 10.88 -10.61
CA GLY A 670 -0.09 10.37 -10.47
C GLY A 670 -0.12 8.87 -10.54
N GLY A 671 -0.47 8.34 -11.70
CA GLY A 671 -0.45 6.90 -11.91
C GLY A 671 0.12 6.56 -13.27
N SER A 672 1.02 7.39 -13.77
CA SER A 672 1.45 7.29 -15.15
C SER A 672 2.92 7.67 -15.28
N LEU A 673 3.56 7.06 -16.26
CA LEU A 673 4.98 7.26 -16.51
C LEU A 673 5.17 8.22 -17.68
N TYR A 674 5.86 9.32 -17.42
CA TYR A 674 6.22 10.28 -18.44
C TYR A 674 7.74 10.35 -18.53
N VAL A 675 8.22 11.04 -19.54
CA VAL A 675 9.66 11.21 -19.70
C VAL A 675 10.05 12.62 -19.28
N LYS A 676 11.15 12.72 -18.56
CA LYS A 676 11.63 13.98 -18.07
C LYS A 676 12.68 14.51 -19.02
N PRO A 677 12.36 15.50 -19.85
CA PRO A 677 13.29 15.89 -20.91
C PRO A 677 14.65 16.33 -20.41
N GLY A 678 14.74 16.81 -19.18
CA GLY A 678 16.02 17.21 -18.66
C GLY A 678 15.89 17.87 -17.30
N GLY A 679 16.83 18.75 -17.01
CA GLY A 679 16.82 19.47 -15.75
C GLY A 679 17.15 18.59 -14.57
N THR A 680 17.55 19.24 -13.48
CA THR A 680 17.97 18.53 -12.28
C THR A 680 16.78 17.94 -11.56
N SER A 681 16.89 16.67 -11.20
CA SER A 681 15.92 16.03 -10.32
C SER A 681 16.06 16.64 -8.94
N SER A 682 14.95 17.13 -8.40
CA SER A 682 14.99 17.96 -7.21
C SER A 682 15.71 17.27 -6.06
N GLY A 683 15.65 15.96 -5.97
CA GLY A 683 16.18 15.31 -4.80
C GLY A 683 16.98 14.05 -5.07
N ASP A 684 18.04 14.16 -5.85
CA ASP A 684 18.91 13.02 -6.09
C ASP A 684 19.86 12.85 -4.90
N ALA A 685 21.03 12.27 -5.15
CA ALA A 685 22.01 12.14 -4.09
C ALA A 685 22.93 13.34 -4.03
N THR A 686 23.11 14.02 -5.15
CA THR A 686 24.22 14.95 -5.32
C THR A 686 23.73 16.32 -5.75
N THR A 687 22.50 16.68 -5.41
CA THR A 687 21.95 17.95 -5.87
C THR A 687 22.80 19.12 -5.43
N ALA A 688 22.73 19.45 -4.14
CA ALA A 688 23.27 20.71 -3.64
C ALA A 688 24.64 21.02 -4.19
N TYR A 689 25.51 20.03 -4.29
CA TYR A 689 26.83 20.24 -4.83
C TYR A 689 26.80 20.49 -6.32
N ALA A 690 25.98 19.72 -7.03
CA ALA A 690 25.88 19.90 -8.48
C ALA A 690 25.42 21.31 -8.82
N ASN A 691 24.38 21.77 -8.15
CA ASN A 691 23.90 23.12 -8.41
C ASN A 691 24.98 24.14 -8.15
N SER A 692 25.76 23.93 -7.09
CA SER A 692 26.82 24.88 -6.78
C SER A 692 27.86 24.91 -7.89
N VAL A 693 28.27 23.73 -8.36
CA VAL A 693 29.21 23.68 -9.47
C VAL A 693 28.67 24.43 -10.66
N PHE A 694 27.42 24.17 -11.02
CA PHE A 694 26.78 24.89 -12.11
C PHE A 694 26.86 26.40 -11.89
N ASN A 695 26.59 26.83 -10.67
CA ASN A 695 26.62 28.25 -10.36
C ASN A 695 27.99 28.83 -10.66
N ILE A 696 29.03 28.16 -10.19
CA ILE A 696 30.37 28.67 -10.42
C ILE A 696 30.68 28.70 -11.90
N CYS A 697 30.19 27.69 -12.63
CA CYS A 697 30.41 27.66 -14.06
C CYS A 697 29.80 28.88 -14.72
N GLN A 698 28.56 29.20 -14.36
CA GLN A 698 27.93 30.39 -14.92
C GLN A 698 28.72 31.64 -14.58
N ALA A 699 29.15 31.76 -13.34
CA ALA A 699 29.92 32.94 -12.95
C ALA A 699 31.15 33.10 -13.82
N VAL A 700 31.95 32.03 -13.92
CA VAL A 700 33.17 32.12 -14.70
C VAL A 700 32.86 32.47 -16.14
N THR A 701 31.80 31.86 -16.69
CA THR A 701 31.43 32.16 -18.05
C THR A 701 31.15 33.63 -18.23
N ALA A 702 30.44 34.23 -17.27
CA ALA A 702 30.16 35.64 -17.35
C ALA A 702 31.44 36.45 -17.32
N ASN A 703 32.37 36.09 -16.44
CA ASN A 703 33.64 36.80 -16.40
C ASN A 703 34.31 36.77 -17.76
N VAL A 704 34.37 35.59 -18.36
CA VAL A 704 35.07 35.46 -19.64
C VAL A 704 34.39 36.32 -20.69
N ASN A 705 33.07 36.23 -20.77
CA ASN A 705 32.35 37.01 -21.75
C ASN A 705 32.64 38.49 -21.58
N ALA A 706 32.43 39.02 -20.38
CA ALA A 706 32.66 40.43 -20.17
C ALA A 706 34.08 40.82 -20.54
N LEU A 707 35.05 40.01 -20.14
CA LEU A 707 36.43 40.38 -20.39
C LEU A 707 36.76 40.40 -21.87
N LEU A 708 36.46 39.33 -22.59
CA LEU A 708 36.66 39.36 -24.03
C LEU A 708 35.93 40.50 -24.69
N SER A 709 34.72 40.81 -24.22
CA SER A 709 33.83 41.76 -24.88
C SER A 709 34.09 43.19 -24.44
N THR A 710 35.24 43.73 -24.76
CA THR A 710 35.51 45.13 -24.49
C THR A 710 36.54 45.65 -25.46
N ASP A 711 36.55 46.97 -25.64
CA ASP A 711 37.45 47.60 -26.58
C ASP A 711 38.89 47.44 -26.13
N GLY A 712 39.53 46.34 -26.53
CA GLY A 712 40.90 46.08 -26.15
C GLY A 712 41.84 47.25 -26.38
N ASN A 713 41.53 48.13 -27.32
CA ASN A 713 42.39 49.28 -27.57
C ASN A 713 42.15 50.41 -26.57
N LYS A 714 41.27 50.23 -25.60
CA LYS A 714 41.00 51.28 -24.63
C LYS A 714 41.40 50.91 -23.21
N ILE A 715 41.63 49.63 -22.92
CA ILE A 715 42.07 49.22 -21.61
C ILE A 715 43.42 49.85 -21.33
N ALA A 716 43.56 50.48 -20.17
CA ALA A 716 44.77 51.23 -19.88
C ALA A 716 45.85 50.38 -19.23
N ASP A 717 45.50 49.58 -18.23
CA ASP A 717 46.48 48.80 -17.49
C ASP A 717 47.06 47.73 -18.42
N LYS A 718 48.24 48.00 -18.95
CA LYS A 718 48.95 47.13 -19.89
C LYS A 718 48.90 45.73 -19.53
N TYR A 719 49.07 45.40 -18.25
CA TYR A 719 48.99 44.03 -17.82
C TYR A 719 47.67 43.38 -18.20
N VAL A 720 46.56 44.05 -17.94
CA VAL A 720 45.27 43.47 -18.29
C VAL A 720 45.16 43.27 -19.79
N ARG A 721 45.71 44.19 -20.58
CA ARG A 721 45.57 44.06 -22.03
C ARG A 721 46.27 42.80 -22.52
N ASN A 722 47.52 42.61 -22.12
CA ASN A 722 48.19 41.36 -22.40
C ASN A 722 47.39 40.17 -21.92
N LEU A 723 46.79 40.29 -20.73
CA LEU A 723 45.99 39.18 -20.24
C LEU A 723 44.88 38.85 -21.21
N GLN A 724 44.13 39.85 -21.66
CA GLN A 724 43.00 39.57 -22.53
C GLN A 724 43.46 38.97 -23.84
N HIS A 725 44.52 39.53 -24.41
CA HIS A 725 45.04 39.00 -25.66
C HIS A 725 45.37 37.54 -25.52
N ARG A 726 46.27 37.22 -24.59
CA ARG A 726 46.66 35.82 -24.45
C ARG A 726 45.49 34.96 -24.05
N LEU A 727 44.48 35.53 -23.40
CA LEU A 727 43.30 34.76 -23.09
C LEU A 727 42.60 34.29 -24.35
N TYR A 728 42.22 35.23 -25.21
CA TYR A 728 41.61 34.84 -26.48
C TYR A 728 42.47 33.83 -27.18
N GLU A 729 43.79 34.07 -27.21
CA GLU A 729 44.68 33.14 -27.87
C GLU A 729 44.51 31.74 -27.31
N CYS A 730 44.67 31.59 -26.01
CA CYS A 730 44.54 30.28 -25.39
C CYS A 730 43.15 29.70 -25.56
N LEU A 731 42.17 30.54 -25.88
CA LEU A 731 40.81 30.02 -25.92
C LEU A 731 40.46 29.47 -27.30
N TYR A 732 40.84 30.19 -28.36
CA TYR A 732 40.38 29.83 -29.70
C TYR A 732 41.54 29.17 -30.43
N ARG A 733 42.71 29.77 -30.42
CA ARG A 733 43.82 29.14 -31.11
C ARG A 733 44.37 27.81 -30.61
N ASN A 734 45.08 27.83 -29.48
CA ASN A 734 45.62 26.61 -28.93
C ASN A 734 44.50 25.61 -28.67
N ARG A 735 44.82 24.33 -28.81
CA ARG A 735 43.83 23.29 -28.69
C ARG A 735 44.01 22.39 -27.48
N ASP A 736 45.21 22.36 -26.90
CA ASP A 736 45.47 21.55 -25.73
C ASP A 736 45.59 22.42 -24.49
N VAL A 737 45.35 21.82 -23.33
CA VAL A 737 45.28 22.57 -22.10
C VAL A 737 46.60 23.26 -21.82
N ASP A 738 46.52 24.49 -21.34
CA ASP A 738 47.66 25.20 -20.74
C ASP A 738 47.36 25.22 -19.25
N THR A 739 48.40 25.07 -18.44
CA THR A 739 48.22 25.13 -17.00
C THR A 739 48.54 26.50 -16.44
N ASP A 740 49.68 27.07 -16.88
CA ASP A 740 50.16 28.30 -16.26
C ASP A 740 49.14 29.42 -16.39
N PHE A 741 48.60 29.60 -17.59
CA PHE A 741 47.59 30.64 -17.77
C PHE A 741 46.36 30.37 -16.94
N VAL A 742 45.95 29.11 -16.83
CA VAL A 742 44.84 28.77 -15.95
C VAL A 742 45.11 29.23 -14.53
N ASN A 743 46.30 28.94 -14.02
CA ASN A 743 46.62 29.34 -12.66
C ASN A 743 46.60 30.84 -12.50
N GLU A 744 47.23 31.55 -13.44
CA GLU A 744 47.24 33.00 -13.34
C GLU A 744 45.84 33.55 -13.34
N PHE A 745 44.98 33.02 -14.20
CA PHE A 745 43.61 33.53 -14.28
C PHE A 745 42.85 33.25 -13.00
N TYR A 746 43.00 32.05 -12.47
CA TYR A 746 42.32 31.71 -11.23
C TYR A 746 42.73 32.66 -10.12
N ALA A 747 44.04 32.96 -10.04
CA ALA A 747 44.48 33.94 -9.06
C ALA A 747 43.84 35.29 -9.32
N TYR A 748 43.77 35.70 -10.58
CA TYR A 748 43.21 37.00 -10.89
C TYR A 748 41.77 37.08 -10.41
N LEU A 749 40.99 36.04 -10.66
CA LEU A 749 39.60 36.05 -10.23
C LEU A 749 39.50 36.07 -8.71
N ARG A 750 40.29 35.25 -8.03
CA ARG A 750 40.24 35.31 -6.58
C ARG A 750 40.76 36.61 -6.03
N LYS A 751 41.40 37.43 -6.88
CA LYS A 751 41.91 38.70 -6.41
C LYS A 751 40.97 39.85 -6.77
N HIS A 752 40.02 39.64 -7.67
CA HIS A 752 39.11 40.72 -8.02
C HIS A 752 37.66 40.30 -8.11
N PHE A 753 37.28 39.15 -7.58
CA PHE A 753 35.92 38.69 -7.71
C PHE A 753 36.14 37.69 -6.59
N SER A 754 35.31 37.71 -5.56
CA SER A 754 35.55 36.84 -4.43
C SER A 754 34.10 36.39 -4.39
N MET A 755 33.91 35.09 -4.24
CA MET A 755 32.59 34.50 -4.32
C MET A 755 32.35 33.57 -3.15
N MET A 756 31.23 33.78 -2.46
CA MET A 756 30.72 32.83 -1.48
C MET A 756 29.53 32.15 -2.12
N ILE A 757 29.57 30.83 -2.18
CA ILE A 757 28.62 30.06 -2.97
C ILE A 757 27.86 29.12 -2.07
N LEU A 758 26.60 28.88 -2.40
CA LEU A 758 25.78 27.84 -1.85
C LEU A 758 25.07 27.22 -3.05
N SER A 759 24.10 26.34 -2.78
CA SER A 759 23.58 25.50 -3.84
C SER A 759 22.60 26.37 -4.62
N ASP A 760 23.16 27.25 -5.45
CA ASP A 760 22.56 28.25 -6.34
C ASP A 760 22.54 29.64 -5.72
N ASP A 761 22.73 29.78 -4.42
CA ASP A 761 22.56 31.06 -3.76
C ASP A 761 23.93 31.67 -3.51
N ALA A 762 24.16 32.86 -4.01
CA ALA A 762 25.51 33.38 -4.11
C ALA A 762 25.64 34.74 -3.47
N VAL A 763 26.89 35.13 -3.22
CA VAL A 763 27.24 36.50 -2.86
C VAL A 763 28.60 36.78 -3.48
N VAL A 764 28.73 37.92 -4.14
CA VAL A 764 29.98 38.26 -4.82
C VAL A 764 30.45 39.60 -4.33
N CYS A 765 31.68 39.63 -3.83
CA CYS A 765 32.34 40.87 -3.47
C CYS A 765 33.36 41.17 -4.55
N PHE A 766 33.20 42.31 -5.21
CA PHE A 766 34.01 42.58 -6.38
C PHE A 766 34.45 44.03 -6.42
N ASN A 767 35.55 44.25 -7.14
CA ASN A 767 36.11 45.58 -7.28
C ASN A 767 35.18 46.43 -8.13
N SER A 768 35.01 47.69 -7.74
CA SER A 768 34.10 48.55 -8.47
C SER A 768 34.77 49.18 -9.67
N THR A 769 36.00 49.69 -9.49
CA THR A 769 36.66 50.42 -10.56
C THR A 769 36.79 49.57 -11.81
N TYR A 770 37.33 48.36 -11.67
CA TYR A 770 37.42 47.46 -12.81
C TYR A 770 36.04 47.20 -13.40
N ALA A 771 35.09 46.80 -12.54
CA ALA A 771 33.74 46.53 -13.01
C ALA A 771 33.21 47.65 -13.87
N SER A 772 33.59 48.89 -13.57
CA SER A 772 33.21 49.99 -14.44
C SER A 772 33.82 49.82 -15.82
N GLN A 773 35.11 49.53 -15.88
CA GLN A 773 35.77 49.38 -17.16
C GLN A 773 35.57 48.00 -17.76
N GLY A 774 34.54 47.28 -17.35
CA GLY A 774 34.21 46.01 -17.94
C GLY A 774 35.33 45.00 -17.89
N LEU A 775 36.06 44.97 -16.78
CA LEU A 775 37.11 43.97 -16.60
C LEU A 775 36.70 42.86 -15.66
N VAL A 776 35.51 42.95 -15.08
CA VAL A 776 34.84 41.86 -14.39
C VAL A 776 33.36 41.99 -14.67
N ALA A 777 32.64 40.89 -14.51
CA ALA A 777 31.23 40.86 -14.90
C ALA A 777 30.39 41.70 -13.95
N SER A 778 29.55 42.56 -14.52
CA SER A 778 28.68 43.41 -13.71
C SER A 778 27.41 42.66 -13.35
N ILE A 779 26.32 43.01 -14.02
CA ILE A 779 25.08 42.25 -13.89
C ILE A 779 24.55 41.98 -15.28
N LYS A 780 24.51 43.03 -16.10
CA LYS A 780 24.12 42.86 -17.49
C LYS A 780 24.84 41.69 -18.13
N ASN A 781 26.10 41.46 -17.75
CA ASN A 781 26.77 40.26 -18.19
C ASN A 781 26.00 39.02 -17.76
N PHE A 782 25.65 38.94 -16.48
CA PHE A 782 24.81 37.83 -16.04
C PHE A 782 23.54 37.74 -16.86
N LYS A 783 22.96 38.89 -17.19
CA LYS A 783 21.72 38.88 -17.97
C LYS A 783 21.93 38.18 -19.29
N SER A 784 22.89 38.66 -20.08
CA SER A 784 23.14 38.08 -21.39
C SER A 784 23.49 36.60 -21.27
N VAL A 785 24.23 36.24 -20.22
CA VAL A 785 24.64 34.86 -20.07
C VAL A 785 23.45 33.96 -19.84
N LEU A 786 22.62 34.29 -18.85
CA LEU A 786 21.43 33.49 -18.65
C LEU A 786 20.59 33.44 -19.91
N TYR A 787 20.51 34.55 -20.63
CA TYR A 787 19.75 34.55 -21.87
C TYR A 787 20.27 33.49 -22.83
N TYR A 788 21.49 33.64 -23.29
CA TYR A 788 21.97 32.85 -24.41
C TYR A 788 22.51 31.50 -24.00
N GLN A 789 22.58 31.17 -22.72
CA GLN A 789 23.08 29.89 -22.32
C GLN A 789 22.15 29.16 -21.38
N ASN A 790 21.03 29.76 -20.99
CA ASN A 790 20.11 29.11 -20.09
C ASN A 790 18.65 29.28 -20.49
N ASN A 791 18.37 29.96 -21.61
CA ASN A 791 17.04 30.00 -22.21
C ASN A 791 16.05 30.84 -21.41
N VAL A 792 16.50 31.55 -20.38
CA VAL A 792 15.58 32.34 -19.55
C VAL A 792 16.10 33.75 -19.44
N PHE A 793 15.32 34.59 -18.77
CA PHE A 793 15.60 36.01 -18.63
C PHE A 793 15.50 36.36 -17.15
N MET A 794 16.51 37.07 -16.64
CA MET A 794 16.57 37.41 -15.23
C MET A 794 16.40 38.92 -15.10
N SER A 795 15.19 39.34 -14.74
CA SER A 795 14.93 40.76 -14.57
C SER A 795 15.71 41.28 -13.37
N GLU A 796 16.21 42.51 -13.48
CA GLU A 796 16.99 43.09 -12.40
C GLU A 796 16.11 43.47 -11.23
N ALA A 797 14.87 42.99 -11.21
CA ALA A 797 14.00 43.14 -10.08
C ALA A 797 14.39 42.24 -8.91
N LYS A 798 15.28 41.28 -9.12
CA LYS A 798 15.78 40.45 -8.03
C LYS A 798 17.28 40.46 -7.78
N CYS A 799 18.08 40.85 -8.75
CA CYS A 799 19.49 41.05 -8.51
C CYS A 799 19.66 42.28 -7.64
N TRP A 800 20.36 42.11 -6.53
CA TRP A 800 20.55 43.20 -5.60
C TRP A 800 22.01 43.61 -5.61
N THR A 801 22.26 44.91 -5.50
CA THR A 801 23.60 45.42 -5.38
C THR A 801 23.77 46.05 -4.01
N GLU A 802 25.00 46.43 -3.71
CA GLU A 802 25.28 47.02 -2.41
C GLU A 802 26.62 47.75 -2.44
N THR A 803 26.62 48.96 -1.91
CA THR A 803 27.79 49.83 -1.95
C THR A 803 28.49 49.98 -0.61
N ASP A 804 27.76 49.86 0.49
CA ASP A 804 28.27 50.13 1.82
C ASP A 804 28.42 48.80 2.56
N LEU A 805 29.66 48.40 2.83
CA LEU A 805 29.88 47.13 3.49
C LEU A 805 29.47 47.14 4.95
N THR A 806 29.53 48.27 5.61
CA THR A 806 29.20 48.33 7.03
C THR A 806 27.90 47.74 7.33
N LYS A 807 26.99 47.76 6.36
CA LYS A 807 25.80 46.92 6.40
C LYS A 807 26.06 45.77 5.44
N GLY A 808 25.82 44.56 5.91
CA GLY A 808 26.19 43.37 5.17
C GLY A 808 25.40 43.22 3.89
N PRO A 809 25.53 42.06 3.26
CA PRO A 809 24.82 41.82 2.00
C PRO A 809 23.32 41.94 2.21
N HIS A 810 22.62 42.29 1.14
CA HIS A 810 21.20 42.57 1.29
C HIS A 810 20.44 41.36 1.81
N GLU A 811 20.79 40.16 1.37
CA GLU A 811 20.05 38.97 1.75
C GLU A 811 20.78 37.73 1.29
N PHE A 812 20.71 36.65 2.07
CA PHE A 812 21.45 35.44 1.76
C PHE A 812 20.84 34.30 2.55
N CYS A 813 20.46 33.24 1.86
CA CYS A 813 19.72 32.15 2.48
C CYS A 813 18.52 32.66 3.25
N SER A 814 17.94 33.76 2.78
CA SER A 814 16.77 34.39 3.36
C SER A 814 17.06 34.98 4.72
N GLN A 815 18.28 35.45 4.95
CA GLN A 815 18.62 36.14 6.18
C GLN A 815 19.13 37.52 5.84
N HIS A 816 18.85 38.48 6.69
CA HIS A 816 19.50 39.78 6.56
C HIS A 816 20.68 39.84 7.52
N THR A 817 21.58 40.76 7.26
CA THR A 817 22.78 40.90 8.07
C THR A 817 22.80 42.25 8.75
N MET A 818 23.27 42.27 9.98
CA MET A 818 23.30 43.49 10.77
C MET A 818 24.58 43.53 11.57
N LEU A 819 25.20 44.71 11.63
CA LEU A 819 26.47 44.87 12.34
C LEU A 819 26.15 45.35 13.75
N VAL A 820 26.35 44.49 14.73
CA VAL A 820 26.02 44.80 16.09
C VAL A 820 27.28 44.81 16.94
N LYS A 821 27.33 45.71 17.92
CA LYS A 821 28.40 45.75 18.90
C LYS A 821 28.12 44.67 19.93
N GLN A 822 28.92 43.62 19.89
CA GLN A 822 28.85 42.57 20.89
C GLN A 822 29.99 42.85 21.86
N GLY A 823 29.67 43.54 22.94
CA GLY A 823 30.67 43.89 23.92
C GLY A 823 31.67 44.90 23.39
N ASP A 824 32.95 44.52 23.38
CA ASP A 824 34.01 45.43 22.99
C ASP A 824 34.04 45.73 21.50
N ASP A 825 33.55 44.82 20.68
CA ASP A 825 33.80 44.88 19.25
C ASP A 825 32.50 44.78 18.47
N TYR A 826 32.64 44.69 17.16
CA TYR A 826 31.52 44.66 16.24
C TYR A 826 31.53 43.39 15.43
N VAL A 827 30.36 42.77 15.29
CA VAL A 827 30.24 41.47 14.64
C VAL A 827 29.00 41.49 13.76
N TYR A 828 29.07 40.76 12.66
CA TYR A 828 27.96 40.61 11.74
C TYR A 828 27.05 39.49 12.23
N LEU A 829 25.75 39.75 12.27
CA LEU A 829 24.81 38.76 12.74
C LEU A 829 23.64 38.62 11.78
N PRO A 830 23.12 37.44 11.64
CA PRO A 830 22.01 37.22 10.72
C PRO A 830 20.68 37.24 11.42
N TYR A 831 19.83 38.15 11.04
CA TYR A 831 18.49 38.07 11.59
C TYR A 831 17.51 37.72 10.49
N PRO A 832 16.52 36.91 10.80
CA PRO A 832 15.61 36.44 9.77
C PRO A 832 14.54 37.45 9.43
N ASP A 833 13.45 36.97 8.84
CA ASP A 833 12.34 37.81 8.43
C ASP A 833 11.18 37.61 9.39
N PRO A 834 10.83 38.60 10.20
CA PRO A 834 9.92 38.36 11.32
C PRO A 834 8.64 37.66 10.93
N SER A 835 8.01 38.11 9.85
CA SER A 835 6.77 37.51 9.40
C SER A 835 6.88 35.99 9.35
N ARG A 836 8.00 35.48 8.86
CA ARG A 836 8.20 34.04 8.81
C ARG A 836 8.10 33.42 10.19
N ILE A 837 8.76 34.03 11.16
CA ILE A 837 8.74 33.49 12.51
C ILE A 837 7.33 33.50 13.08
N LEU A 838 6.65 34.63 12.97
CA LEU A 838 5.29 34.71 13.47
C LEU A 838 4.43 33.63 12.84
N GLY A 839 4.46 33.53 11.52
CA GLY A 839 3.70 32.50 10.84
C GLY A 839 4.00 31.12 11.39
N ALA A 840 5.28 30.79 11.57
CA ALA A 840 5.61 29.52 12.17
C ALA A 840 5.02 29.38 13.56
N GLY A 841 4.80 30.50 14.24
CA GLY A 841 4.14 30.43 15.52
C GLY A 841 2.66 30.14 15.42
N CYS A 842 2.03 30.62 14.35
CA CYS A 842 0.57 30.64 14.33
C CYS A 842 -0.08 29.47 13.61
N PHE A 843 0.61 28.83 12.66
CA PHE A 843 -0.01 27.80 11.83
C PHE A 843 0.80 26.52 11.87
N VAL A 844 0.14 25.40 12.15
CA VAL A 844 0.84 24.13 12.30
C VAL A 844 -0.01 22.98 11.80
N ASP A 845 0.42 21.75 12.14
CA ASP A 845 -0.21 20.51 11.67
C ASP A 845 -0.83 19.75 12.84
N ASP A 846 -2.05 20.16 13.19
CA ASP A 846 -2.86 19.55 14.23
C ASP A 846 -2.22 19.60 15.61
N ILE A 847 -1.89 18.44 16.17
CA ILE A 847 -1.48 18.35 17.57
C ILE A 847 -0.31 19.26 17.86
N VAL A 848 0.60 19.39 16.90
CA VAL A 848 1.72 20.31 17.02
C VAL A 848 1.16 21.67 17.43
N LYS A 849 1.85 22.34 18.35
CA LYS A 849 1.51 23.69 18.77
C LYS A 849 0.12 23.82 19.39
N THR A 850 -0.89 23.27 18.74
CA THR A 850 -2.19 23.20 19.38
C THR A 850 -2.02 22.49 20.71
N ASP A 851 -2.33 23.20 21.79
CA ASP A 851 -1.98 22.76 23.14
C ASP A 851 -0.46 22.59 23.23
N GLY A 852 0.24 23.65 22.85
CA GLY A 852 1.69 23.66 22.85
C GLY A 852 2.30 23.56 24.22
N THR A 853 1.46 23.41 25.25
CA THR A 853 1.92 23.19 26.61
C THR A 853 2.66 21.88 26.74
N LEU A 854 2.92 21.22 25.63
CA LEU A 854 3.73 20.02 25.61
C LEU A 854 4.84 20.16 24.59
N MET A 855 4.90 21.30 23.93
CA MET A 855 5.82 21.47 22.82
C MET A 855 6.86 22.58 22.94
N ILE A 856 7.07 23.07 24.17
CA ILE A 856 7.92 24.23 24.40
C ILE A 856 9.16 24.32 23.53
N GLU A 857 9.82 23.19 23.27
CA GLU A 857 11.07 23.17 22.55
C GLU A 857 10.94 23.83 21.18
N ARG A 858 9.80 23.64 20.54
CA ARG A 858 9.49 24.40 19.34
C ARG A 858 9.80 25.86 19.55
N PHE A 859 9.19 26.45 20.57
CA PHE A 859 9.39 27.86 20.82
C PHE A 859 10.80 28.17 21.25
N VAL A 860 11.44 27.26 21.97
CA VAL A 860 12.84 27.47 22.32
C VAL A 860 13.64 27.72 21.05
N SER A 861 13.59 26.76 20.13
CA SER A 861 14.35 26.88 18.90
C SER A 861 13.95 28.13 18.13
N LEU A 862 12.64 28.37 18.03
CA LEU A 862 12.19 29.53 17.30
C LEU A 862 12.81 30.79 17.85
N ALA A 863 12.69 31.01 19.16
CA ALA A 863 13.34 32.14 19.77
C ALA A 863 14.81 32.19 19.44
N ILE A 864 15.49 31.05 19.48
CA ILE A 864 16.89 31.00 19.08
C ILE A 864 17.06 31.67 17.73
N ASP A 865 16.22 31.31 16.77
CA ASP A 865 16.31 31.91 15.45
C ASP A 865 16.04 33.40 15.46
N ALA A 866 15.29 33.89 16.44
CA ALA A 866 14.80 35.26 16.45
C ALA A 866 15.51 36.11 17.49
N TYR A 867 16.64 35.64 17.97
CA TYR A 867 17.37 36.43 18.95
C TYR A 867 17.84 37.77 18.38
N PRO A 868 18.56 37.79 17.26
CA PRO A 868 19.19 39.05 16.83
C PRO A 868 18.24 40.20 16.70
N LEU A 869 16.95 39.93 16.52
CA LEU A 869 15.98 41.01 16.47
C LEU A 869 16.02 41.85 17.73
N THR A 870 16.61 41.34 18.81
CA THR A 870 16.81 42.15 19.98
C THR A 870 17.63 43.39 19.66
N LYS A 871 18.75 43.22 18.97
CA LYS A 871 19.62 44.35 18.65
C LYS A 871 19.13 45.13 17.44
N HIS A 872 17.91 45.41 17.38
CA HIS A 872 17.59 46.02 16.10
C HIS A 872 17.18 47.47 16.29
N PRO A 873 17.49 48.33 15.32
CA PRO A 873 17.08 49.74 15.44
C PRO A 873 15.58 49.92 15.50
N ASN A 874 14.84 49.36 14.55
CA ASN A 874 13.38 49.42 14.59
C ASN A 874 12.76 48.68 15.77
N GLN A 875 11.61 49.20 16.21
CA GLN A 875 10.97 48.71 17.41
C GLN A 875 10.36 47.32 17.44
N GLU A 876 9.26 47.11 16.73
CA GLU A 876 8.46 45.90 16.88
C GLU A 876 9.30 44.64 16.83
N TYR A 877 10.44 44.72 16.16
CA TYR A 877 11.28 43.54 16.03
C TYR A 877 11.60 42.95 17.39
N ALA A 878 12.33 43.68 18.23
CA ALA A 878 12.67 43.15 19.55
C ALA A 878 11.41 42.77 20.33
N ASP A 879 10.31 43.45 20.07
CA ASP A 879 9.06 43.05 20.70
C ASP A 879 8.70 41.63 20.33
N VAL A 880 9.04 41.19 19.12
CA VAL A 880 8.80 39.79 18.78
C VAL A 880 9.53 38.87 19.75
N PHE A 881 10.80 39.18 20.01
CA PHE A 881 11.58 38.36 20.92
C PHE A 881 10.94 38.32 22.29
N HIS A 882 10.68 39.49 22.87
CA HIS A 882 10.11 39.51 24.21
C HIS A 882 8.77 38.79 24.23
N LEU A 883 8.02 38.86 23.14
CA LEU A 883 6.78 38.14 23.05
C LEU A 883 7.02 36.66 23.21
N TYR A 884 7.95 36.12 22.44
CA TYR A 884 8.22 34.69 22.54
C TYR A 884 8.62 34.31 23.95
N LEU A 885 9.43 35.16 24.58
CA LEU A 885 9.84 34.89 25.95
C LEU A 885 8.64 34.77 26.88
N GLN A 886 7.88 35.85 27.01
CA GLN A 886 6.74 35.83 27.92
C GLN A 886 5.81 34.69 27.60
N TYR A 887 5.67 34.34 26.32
CA TYR A 887 4.79 33.23 25.99
C TYR A 887 5.32 31.93 26.55
N ILE A 888 6.62 31.70 26.40
CA ILE A 888 7.21 30.50 27.01
C ILE A 888 6.91 30.46 28.48
N ARG A 889 7.05 31.60 29.16
CA ARG A 889 6.85 31.63 30.60
C ARG A 889 5.43 31.23 30.94
N LYS A 890 4.46 31.86 30.29
CA LYS A 890 3.07 31.52 30.56
C LYS A 890 2.81 30.05 30.26
N LEU A 891 3.42 29.55 29.20
CA LEU A 891 3.26 28.14 28.87
C LEU A 891 3.65 27.25 30.03
N HIS A 892 4.89 27.37 30.47
CA HIS A 892 5.36 26.49 31.54
C HIS A 892 4.51 26.67 32.79
N ASP A 893 4.11 27.91 33.08
CA ASP A 893 3.31 28.13 34.28
C ASP A 893 2.01 27.36 34.22
N GLU A 894 1.19 27.60 33.20
CA GLU A 894 -0.06 26.88 33.14
C GLU A 894 0.13 25.39 32.91
N LEU A 895 1.32 24.96 32.51
CA LEU A 895 1.57 23.53 32.44
C LEU A 895 1.69 22.93 33.83
N THR A 896 2.58 23.49 34.64
CA THR A 896 2.76 22.98 35.99
C THR A 896 1.45 22.96 36.74
N GLY A 897 0.63 23.99 36.54
CA GLY A 897 -0.65 24.04 37.21
C GLY A 897 -1.52 22.84 36.89
N HIS A 898 -1.55 22.44 35.63
CA HIS A 898 -2.33 21.26 35.28
C HIS A 898 -1.71 19.99 35.82
N MET A 899 -0.40 19.86 35.68
CA MET A 899 0.23 18.65 36.16
C MET A 899 0.05 18.46 37.66
N LEU A 900 -0.02 19.55 38.42
CA LEU A 900 -0.25 19.41 39.85
C LEU A 900 -1.59 18.77 40.12
N ASP A 901 -2.65 19.24 39.49
CA ASP A 901 -3.96 18.66 39.71
C ASP A 901 -4.01 17.23 39.20
N MET A 902 -3.39 16.96 38.05
CA MET A 902 -3.41 15.61 37.50
C MET A 902 -2.98 14.60 38.55
N TYR A 903 -1.88 14.89 39.24
CA TYR A 903 -1.46 14.06 40.36
C TYR A 903 -1.71 14.97 41.54
N SER A 904 -0.80 14.92 42.50
CA SER A 904 -0.85 15.93 43.58
C SER A 904 0.45 16.57 43.97
N VAL A 905 1.57 16.23 43.33
CA VAL A 905 2.86 16.81 43.67
C VAL A 905 3.56 17.22 42.39
N MET A 906 3.97 18.48 42.31
CA MET A 906 4.70 18.94 41.15
C MET A 906 6.02 18.19 41.02
N LEU A 907 6.68 18.38 39.89
CA LEU A 907 7.91 17.67 39.64
C LEU A 907 8.99 18.14 40.61
N THR A 908 10.04 17.33 40.72
CA THR A 908 11.11 17.63 41.65
C THR A 908 12.04 18.72 41.14
N ASN A 909 12.57 18.58 39.93
CA ASN A 909 13.52 19.54 39.40
C ASN A 909 13.31 19.68 37.91
N ASN A 910 12.76 20.83 37.51
CA ASN A 910 12.46 21.13 36.12
C ASN A 910 13.67 21.71 35.40
N ASN A 911 14.34 22.68 36.02
CA ASN A 911 15.50 23.32 35.43
C ASN A 911 15.15 23.96 34.09
N THR A 912 13.87 24.27 33.90
CA THR A 912 13.41 24.86 32.66
C THR A 912 13.39 26.38 32.73
N SER A 913 13.63 26.95 33.90
CA SER A 913 13.62 28.39 34.03
C SER A 913 14.67 29.06 33.17
N ARG A 914 15.83 28.43 33.01
CA ARG A 914 16.86 28.98 32.15
C ARG A 914 16.34 29.32 30.77
N TYR A 915 15.33 28.59 30.29
CA TYR A 915 14.85 28.82 28.95
C TYR A 915 14.28 30.21 28.75
N TRP A 916 13.79 30.87 29.80
CA TRP A 916 13.21 32.19 29.62
C TRP A 916 14.10 33.28 30.19
N GLU A 917 15.39 33.02 30.28
CA GLU A 917 16.31 34.11 30.56
C GLU A 917 17.12 34.41 29.31
N PRO A 918 17.31 35.68 28.99
CA PRO A 918 17.90 36.02 27.69
C PRO A 918 19.31 35.49 27.50
N GLU A 919 20.15 35.54 28.52
CA GLU A 919 21.57 35.22 28.35
C GLU A 919 21.78 33.90 27.63
N PHE A 920 21.03 32.86 28.00
CA PHE A 920 21.24 31.56 27.38
C PHE A 920 21.18 31.64 25.86
N TYR A 921 20.27 32.42 25.33
CA TYR A 921 20.22 32.62 23.89
C TYR A 921 21.47 33.32 23.39
N GLU A 922 21.92 34.35 24.10
CA GLU A 922 23.09 35.08 23.66
C GLU A 922 24.28 34.17 23.45
N ALA A 923 24.41 33.15 24.29
CA ALA A 923 25.51 32.20 24.13
C ALA A 923 25.59 31.58 22.75
N MET A 924 24.48 31.49 22.05
CA MET A 924 24.46 30.86 20.73
C MET A 924 25.11 31.75 19.69
N TYR A 925 25.56 32.94 20.05
CA TYR A 925 26.31 33.77 19.12
C TYR A 925 27.57 34.38 19.69
N THR A 926 28.58 33.56 19.95
CA THR A 926 29.83 34.07 20.50
C THR A 926 30.93 33.05 20.25
N PRO A 927 32.08 33.47 19.77
CA PRO A 927 33.08 32.50 19.30
C PRO A 927 33.80 31.80 20.42
N HIS A 928 33.16 30.82 21.05
CA HIS A 928 33.89 29.92 21.93
C HIS A 928 33.11 28.65 22.16
N THR A 929 33.18 27.73 21.20
CA THR A 929 32.61 26.40 21.39
C THR A 929 33.24 25.43 20.39
N PHE B 6 23.06 -16.38 42.40
CA PHE B 6 23.27 -15.41 43.48
C PHE B 6 22.66 -15.92 44.78
N SER B 7 22.77 -17.23 44.99
CA SER B 7 22.31 -17.86 46.22
C SER B 7 22.95 -19.21 46.46
N SER B 8 22.89 -20.12 45.48
CA SER B 8 23.43 -21.47 45.61
C SER B 8 24.83 -21.58 45.03
N LEU B 9 25.83 -21.17 45.77
CA LEU B 9 27.19 -21.20 45.29
C LEU B 9 28.13 -21.79 46.31
N PRO B 10 29.22 -22.42 45.87
CA PRO B 10 30.24 -22.88 46.82
C PRO B 10 30.89 -21.74 47.60
N SER B 11 30.83 -20.52 47.09
CA SER B 11 31.29 -19.36 47.85
C SER B 11 30.31 -18.97 48.95
N TYR B 12 29.01 -19.12 48.69
CA TYR B 12 28.02 -18.79 49.71
C TYR B 12 28.16 -19.69 50.93
N ALA B 13 28.39 -20.98 50.72
CA ALA B 13 28.54 -21.88 51.86
C ALA B 13 29.79 -21.59 52.66
N ALA B 14 30.90 -21.28 51.99
CA ALA B 14 32.10 -20.86 52.71
C ALA B 14 31.83 -19.60 53.52
N PHE B 15 31.13 -18.64 52.92
CA PHE B 15 30.69 -17.46 53.66
C PHE B 15 29.92 -17.84 54.91
N ALA B 16 28.93 -18.73 54.76
CA ALA B 16 28.05 -19.06 55.87
C ALA B 16 28.81 -19.73 57.00
N THR B 17 29.69 -20.68 56.66
CA THR B 17 30.41 -21.39 57.72
C THR B 17 31.46 -20.51 58.38
N ALA B 18 32.16 -19.68 57.60
CA ALA B 18 33.12 -18.75 58.19
C ALA B 18 32.42 -17.78 59.11
N GLN B 19 31.25 -17.27 58.70
CA GLN B 19 30.48 -16.38 59.55
C GLN B 19 29.94 -17.08 60.78
N GLU B 20 29.59 -18.36 60.67
CA GLU B 20 29.12 -19.09 61.85
C GLU B 20 30.23 -19.26 62.88
N ALA B 21 31.41 -19.69 62.43
CA ALA B 21 32.55 -19.76 63.33
C ALA B 21 32.89 -18.39 63.90
N TYR B 22 32.71 -17.35 63.09
CA TYR B 22 32.98 -15.98 63.55
C TYR B 22 32.03 -15.60 64.68
N GLU B 23 30.74 -15.82 64.49
CA GLU B 23 29.76 -15.54 65.54
C GLU B 23 30.05 -16.33 66.81
N GLN B 24 30.39 -17.62 66.64
CA GLN B 24 30.71 -18.45 67.80
C GLN B 24 31.87 -17.87 68.59
N ALA B 25 33.02 -17.70 67.96
CA ALA B 25 34.21 -17.29 68.70
C ALA B 25 34.23 -15.80 68.98
N VAL B 26 33.24 -15.06 68.47
CA VAL B 26 33.11 -13.65 68.83
C VAL B 26 32.20 -13.49 70.04
N ALA B 27 31.11 -14.25 70.10
CA ALA B 27 30.33 -14.33 71.32
C ALA B 27 31.15 -14.92 72.45
N ASN B 28 32.12 -15.79 72.12
CA ASN B 28 33.11 -16.19 73.11
C ASN B 28 33.97 -14.99 73.51
N GLY B 29 34.26 -14.11 72.57
CA GLY B 29 35.11 -12.96 72.85
C GLY B 29 36.48 -13.35 73.36
N ASP B 30 37.11 -14.33 72.71
CA ASP B 30 38.32 -14.94 73.26
C ASP B 30 39.58 -14.21 72.81
N SER B 31 40.43 -14.90 72.05
CA SER B 31 41.79 -14.46 71.79
C SER B 31 41.82 -13.33 70.76
N GLU B 32 42.96 -12.65 70.72
CA GLU B 32 43.28 -11.80 69.58
C GLU B 32 43.53 -12.60 68.32
N VAL B 33 44.06 -13.83 68.45
CA VAL B 33 44.14 -14.72 67.31
C VAL B 33 42.75 -15.06 66.80
N VAL B 34 41.77 -15.10 67.70
CA VAL B 34 40.37 -15.27 67.28
C VAL B 34 39.96 -14.14 66.36
N LEU B 35 40.20 -12.90 66.80
CA LEU B 35 39.90 -11.74 65.97
C LEU B 35 40.62 -11.79 64.64
N LYS B 36 41.89 -12.22 64.64
CA LYS B 36 42.64 -12.31 63.39
C LYS B 36 42.03 -13.33 62.44
N LYS B 37 41.82 -14.55 62.93
CA LYS B 37 41.31 -15.62 62.08
C LYS B 37 39.88 -15.40 61.65
N LEU B 38 39.14 -14.53 62.34
CA LEU B 38 37.74 -14.26 61.97
C LEU B 38 37.59 -12.96 61.22
N LYS B 39 38.61 -12.10 61.20
CA LYS B 39 38.65 -11.04 60.20
C LYS B 39 39.19 -11.56 58.88
N LYS B 40 40.11 -12.52 58.91
CA LYS B 40 40.44 -13.31 57.73
C LYS B 40 39.24 -14.18 57.37
N SER B 41 38.14 -13.54 56.99
CA SER B 41 36.88 -14.20 56.71
C SER B 41 36.05 -13.26 55.86
N LEU B 42 35.72 -12.09 56.41
CA LEU B 42 35.29 -10.93 55.63
C LEU B 42 36.40 -10.41 54.73
N ASN B 43 37.62 -10.92 54.86
CA ASN B 43 38.76 -10.45 54.09
C ASN B 43 39.31 -11.54 53.12
N VAL B 44 39.16 -12.82 53.45
CA VAL B 44 39.65 -13.89 52.58
C VAL B 44 38.59 -14.80 51.97
N ALA B 45 37.45 -14.96 52.66
CA ALA B 45 36.38 -15.83 52.19
C ALA B 45 35.39 -15.08 51.31
N LYS B 46 35.64 -13.81 51.01
CA LYS B 46 34.76 -13.02 50.19
C LYS B 46 35.37 -12.57 48.88
N SER B 47 36.69 -12.68 48.72
CA SER B 47 37.30 -12.45 47.41
C SER B 47 36.70 -13.39 46.38
N GLU B 48 36.62 -14.67 46.70
CA GLU B 48 35.84 -15.61 45.90
C GLU B 48 34.41 -15.13 45.77
N PHE B 49 33.84 -14.62 46.86
CA PHE B 49 32.47 -14.11 46.84
C PHE B 49 32.36 -12.75 46.17
N ASP B 50 33.48 -12.08 45.91
CA ASP B 50 33.44 -10.90 45.06
C ASP B 50 33.43 -11.33 43.59
N ARG B 51 34.38 -12.17 43.22
CA ARG B 51 34.50 -12.66 41.86
C ARG B 51 33.24 -13.37 41.40
N ASP B 52 32.91 -14.49 42.02
CA ASP B 52 31.86 -15.38 41.53
C ASP B 52 30.47 -14.81 41.77
N ALA B 53 30.38 -13.74 42.56
CA ALA B 53 29.09 -13.11 42.78
C ALA B 53 29.06 -11.75 42.11
N ALA B 54 30.08 -11.46 41.32
CA ALA B 54 30.02 -10.38 40.34
C ALA B 54 30.24 -10.84 38.92
N MET B 55 31.20 -11.74 38.70
CA MET B 55 31.40 -12.31 37.37
C MET B 55 30.16 -13.04 36.89
N GLN B 56 29.60 -13.92 37.73
CA GLN B 56 28.38 -14.61 37.38
C GLN B 56 27.23 -13.66 37.11
N ARG B 57 27.27 -12.44 37.64
CA ARG B 57 26.27 -11.44 37.31
C ARG B 57 26.45 -10.87 35.93
N LYS B 58 27.68 -10.89 35.40
CA LYS B 58 27.91 -10.43 34.03
C LYS B 58 27.69 -11.50 33.00
N LEU B 59 27.86 -12.78 33.37
CA LEU B 59 27.56 -13.86 32.45
C LEU B 59 26.11 -13.79 32.00
N GLU B 60 25.20 -13.59 32.94
CA GLU B 60 23.78 -13.49 32.58
C GLU B 60 23.54 -12.33 31.64
N LYS B 61 24.10 -11.16 31.97
CA LYS B 61 23.90 -9.98 31.14
C LYS B 61 24.34 -10.24 29.71
N MET B 62 25.56 -10.75 29.56
CA MET B 62 26.07 -10.95 28.21
C MET B 62 25.32 -12.05 27.46
N ALA B 63 24.96 -13.13 28.14
CA ALA B 63 24.16 -14.15 27.47
C ALA B 63 22.83 -13.60 27.00
N ASP B 64 22.20 -12.76 27.81
CA ASP B 64 20.88 -12.26 27.44
C ASP B 64 20.95 -11.24 26.32
N GLN B 65 21.99 -10.41 26.32
CA GLN B 65 22.12 -9.51 25.17
C GLN B 65 22.44 -10.29 23.90
N ALA B 66 23.21 -11.37 24.01
CA ALA B 66 23.42 -12.22 22.85
C ALA B 66 22.10 -12.79 22.36
N MET B 67 21.25 -13.23 23.28
CA MET B 67 19.96 -13.76 22.89
C MET B 67 19.12 -12.70 22.18
N THR B 68 19.08 -11.50 22.72
CA THR B 68 18.22 -10.50 22.09
C THR B 68 18.76 -10.08 20.73
N GLN B 69 20.07 -10.02 20.57
CA GLN B 69 20.58 -9.65 19.25
C GLN B 69 20.34 -10.76 18.24
N MET B 70 20.42 -12.02 18.66
CA MET B 70 20.11 -13.06 17.71
C MET B 70 18.63 -13.06 17.37
N TYR B 71 17.78 -12.68 18.33
CA TYR B 71 16.37 -12.48 18.02
C TYR B 71 16.19 -11.43 16.95
N LYS B 72 16.85 -10.28 17.12
CA LYS B 72 16.68 -9.21 16.14
C LYS B 72 17.19 -9.65 14.78
N GLN B 73 18.30 -10.38 14.73
CA GLN B 73 18.81 -10.83 13.44
C GLN B 73 17.87 -11.81 12.79
N ALA B 74 17.26 -12.70 13.59
CA ALA B 74 16.31 -13.65 13.05
C ALA B 74 15.13 -12.94 12.43
N ARG B 75 14.52 -12.02 13.18
CA ARG B 75 13.39 -11.26 12.63
C ARG B 75 13.80 -10.51 11.37
N SER B 76 15.00 -9.94 11.37
CA SER B 76 15.51 -9.28 10.18
C SER B 76 15.50 -10.20 8.98
N GLU B 77 16.23 -11.30 9.05
CA GLU B 77 16.28 -12.21 7.91
C GLU B 77 14.92 -12.78 7.56
N ASP B 78 13.99 -12.83 8.53
CA ASP B 78 12.62 -13.20 8.20
C ASP B 78 12.00 -12.19 7.25
N LYS B 79 12.06 -10.91 7.62
CA LYS B 79 11.53 -9.86 6.74
C LYS B 79 12.11 -9.96 5.35
N ARG B 80 13.40 -10.28 5.25
CA ARG B 80 14.03 -10.43 3.95
C ARG B 80 13.32 -11.46 3.10
N ALA B 81 13.14 -12.66 3.66
CA ALA B 81 12.44 -13.70 2.93
C ALA B 81 11.05 -13.24 2.53
N LYS B 82 10.35 -12.58 3.45
CA LYS B 82 9.00 -12.17 3.12
C LYS B 82 8.98 -11.22 1.93
N VAL B 83 9.82 -10.19 1.97
CA VAL B 83 9.78 -9.19 0.91
C VAL B 83 10.25 -9.77 -0.40
N THR B 84 11.22 -10.68 -0.37
CA THR B 84 11.67 -11.23 -1.64
C THR B 84 10.60 -12.12 -2.24
N SER B 85 9.89 -12.88 -1.41
CA SER B 85 8.75 -13.63 -1.91
C SER B 85 7.74 -12.69 -2.55
N ALA B 86 7.46 -11.57 -1.88
CA ALA B 86 6.45 -10.65 -2.39
C ALA B 86 6.86 -10.10 -3.75
N MET B 87 8.10 -9.66 -3.88
CA MET B 87 8.50 -9.06 -5.15
C MET B 87 8.59 -10.10 -6.25
N GLN B 88 8.99 -11.32 -5.92
CA GLN B 88 8.95 -12.39 -6.90
C GLN B 88 7.54 -12.61 -7.40
N THR B 89 6.58 -12.64 -6.47
CA THR B 89 5.19 -12.78 -6.87
C THR B 89 4.76 -11.63 -7.78
N MET B 90 5.15 -10.41 -7.43
CA MET B 90 4.79 -9.26 -8.26
C MET B 90 5.32 -9.43 -9.67
N LEU B 91 6.59 -9.81 -9.80
CA LEU B 91 7.15 -10.04 -11.11
C LEU B 91 6.36 -11.10 -11.87
N PHE B 92 6.19 -12.26 -11.27
CA PHE B 92 5.54 -13.37 -11.96
C PHE B 92 4.11 -13.05 -12.34
N THR B 93 3.42 -12.21 -11.58
CA THR B 93 2.07 -11.85 -11.97
C THR B 93 2.04 -10.73 -12.98
N MET B 94 3.07 -9.90 -13.03
CA MET B 94 3.09 -8.82 -14.01
C MET B 94 3.14 -9.35 -15.43
N LEU B 95 4.06 -10.28 -15.70
CA LEU B 95 4.21 -10.80 -17.05
C LEU B 95 2.97 -11.54 -17.52
N ARG B 96 2.16 -12.04 -16.59
CA ARG B 96 1.05 -12.90 -16.95
C ARG B 96 -0.11 -12.09 -17.50
N LYS B 97 0.19 -11.00 -18.19
CA LYS B 97 -0.84 -10.20 -18.82
C LYS B 97 -0.47 -9.70 -20.20
N LEU B 98 0.62 -10.19 -20.79
CA LEU B 98 1.17 -9.53 -21.97
C LEU B 98 1.48 -10.45 -23.14
N ASP B 99 1.75 -11.73 -22.92
CA ASP B 99 2.38 -12.53 -23.96
C ASP B 99 1.48 -12.78 -25.16
N ASN B 100 0.98 -11.71 -25.78
CA ASN B 100 0.38 -11.87 -27.09
C ASN B 100 1.47 -12.22 -28.10
N ASP B 101 1.08 -12.99 -29.09
CA ASP B 101 1.99 -13.40 -30.15
C ASP B 101 2.52 -12.24 -30.96
N ALA B 102 1.77 -11.14 -31.07
CA ALA B 102 2.24 -10.02 -31.88
C ALA B 102 3.49 -9.39 -31.27
N LEU B 103 3.56 -9.38 -29.95
CA LEU B 103 4.79 -8.94 -29.30
C LEU B 103 5.96 -9.77 -29.75
N ASN B 104 5.84 -11.09 -29.62
CA ASN B 104 6.86 -12.00 -30.12
C ASN B 104 7.19 -11.69 -31.57
N ASN B 105 6.15 -11.42 -32.36
CA ASN B 105 6.33 -11.14 -33.78
C ASN B 105 7.24 -9.94 -33.98
N ILE B 106 6.87 -8.79 -33.42
CA ILE B 106 7.70 -7.61 -33.60
C ILE B 106 9.08 -7.84 -33.03
N ILE B 107 9.21 -8.69 -32.02
CA ILE B 107 10.53 -9.07 -31.56
C ILE B 107 11.31 -9.72 -32.68
N ASN B 108 10.72 -10.72 -33.33
CA ASN B 108 11.40 -11.43 -34.41
C ASN B 108 11.74 -10.52 -35.57
N ASN B 109 11.07 -9.38 -35.69
CA ASN B 109 11.37 -8.44 -36.76
C ASN B 109 12.60 -7.60 -36.46
N ALA B 110 13.08 -7.62 -35.23
CA ALA B 110 14.29 -6.87 -34.88
C ALA B 110 15.50 -7.55 -35.49
N ARG B 111 16.41 -6.74 -36.04
CA ARG B 111 17.65 -7.30 -36.57
C ARG B 111 18.53 -7.90 -35.49
N ASP B 112 18.16 -7.73 -34.24
CA ASP B 112 18.99 -8.15 -33.13
C ASP B 112 18.20 -8.72 -31.97
N GLY B 113 16.94 -8.31 -31.83
CA GLY B 113 16.13 -8.71 -30.70
C GLY B 113 16.04 -7.66 -29.62
N CYS B 114 16.51 -6.44 -29.86
CA CYS B 114 16.37 -5.34 -28.92
C CYS B 114 15.64 -4.19 -29.57
N VAL B 115 14.65 -3.66 -28.88
CA VAL B 115 13.80 -2.62 -29.46
C VAL B 115 13.55 -1.52 -28.43
N PRO B 116 13.36 -0.28 -28.86
CA PRO B 116 13.18 0.81 -27.90
C PRO B 116 11.89 0.65 -27.14
N LEU B 117 11.94 0.99 -25.85
CA LEU B 117 10.81 0.73 -24.97
C LEU B 117 9.57 1.48 -25.41
N ASN B 118 9.73 2.76 -25.76
CA ASN B 118 8.59 3.62 -26.02
C ASN B 118 7.62 3.05 -27.03
N ILE B 119 8.09 2.28 -28.00
CA ILE B 119 7.22 1.81 -29.05
C ILE B 119 6.55 0.48 -28.73
N ILE B 120 6.92 -0.16 -27.64
CA ILE B 120 6.25 -1.40 -27.27
C ILE B 120 4.78 -1.14 -26.98
N PRO B 121 4.42 -0.35 -25.96
CA PRO B 121 3.01 -0.18 -25.66
C PRO B 121 2.28 0.57 -26.74
N LEU B 122 2.96 1.47 -27.44
CA LEU B 122 2.33 2.24 -28.50
C LEU B 122 1.69 1.33 -29.54
N THR B 123 2.40 0.29 -29.96
CA THR B 123 1.88 -0.60 -30.96
C THR B 123 1.14 -1.79 -30.39
N THR B 124 1.51 -2.25 -29.21
CA THR B 124 1.06 -3.55 -28.74
C THR B 124 0.07 -3.52 -27.59
N ALA B 125 -0.24 -2.35 -27.03
CA ALA B 125 -1.21 -2.31 -25.95
C ALA B 125 -2.57 -2.78 -26.45
N ALA B 126 -3.42 -3.18 -25.51
CA ALA B 126 -4.76 -3.65 -25.84
C ALA B 126 -5.83 -2.68 -25.39
N LYS B 127 -5.45 -1.55 -24.82
CA LYS B 127 -6.42 -0.60 -24.29
C LYS B 127 -5.72 0.72 -24.07
N LEU B 128 -6.36 1.80 -24.50
CA LEU B 128 -5.79 3.13 -24.42
C LEU B 128 -6.62 3.98 -23.47
N MET B 129 -5.94 4.85 -22.74
CA MET B 129 -6.61 5.81 -21.86
C MET B 129 -6.14 7.20 -22.24
N VAL B 130 -7.07 8.11 -22.39
CA VAL B 130 -6.76 9.48 -22.77
C VAL B 130 -7.37 10.42 -21.75
N VAL B 131 -6.64 11.47 -21.41
CA VAL B 131 -7.07 12.44 -20.43
C VAL B 131 -7.33 13.75 -21.17
N ILE B 132 -8.52 14.31 -20.99
CA ILE B 132 -8.97 15.46 -21.74
C ILE B 132 -9.27 16.60 -20.78
N PRO B 133 -8.80 17.79 -21.03
CA PRO B 133 -9.17 18.94 -20.19
C PRO B 133 -10.52 19.52 -20.57
N ASP B 134 -10.55 20.17 -21.73
CA ASP B 134 -11.66 21.04 -22.09
C ASP B 134 -12.42 20.59 -23.33
N TYR B 135 -13.62 21.14 -23.51
CA TYR B 135 -14.57 20.57 -24.46
C TYR B 135 -14.07 20.67 -25.88
N ASN B 136 -13.72 21.87 -26.32
CA ASN B 136 -13.15 22.03 -27.65
C ASN B 136 -12.05 21.01 -27.90
N THR B 137 -11.20 20.76 -26.91
CA THR B 137 -10.15 19.79 -27.10
C THR B 137 -10.71 18.41 -27.36
N TYR B 138 -11.67 17.99 -26.55
CA TYR B 138 -12.32 16.70 -26.80
C TYR B 138 -12.85 16.63 -28.22
N LYS B 139 -13.53 17.68 -28.67
CA LYS B 139 -14.06 17.70 -30.01
C LYS B 139 -12.98 17.41 -31.04
N ASN B 140 -11.79 17.93 -30.82
CA ASN B 140 -10.71 17.76 -31.77
C ASN B 140 -9.96 16.46 -31.59
N THR B 141 -10.57 15.47 -30.93
CA THR B 141 -9.93 14.18 -30.81
C THR B 141 -11.02 13.12 -30.80
N CYS B 142 -11.24 12.44 -29.67
CA CYS B 142 -12.12 11.27 -29.64
C CYS B 142 -13.59 11.68 -29.71
N ASP B 143 -13.87 12.56 -30.66
CA ASP B 143 -15.26 12.91 -30.93
C ASP B 143 -15.87 11.83 -31.81
N GLY B 144 -17.14 11.54 -31.59
CA GLY B 144 -17.74 10.36 -32.18
C GLY B 144 -17.43 9.13 -31.36
N THR B 145 -18.00 8.01 -31.77
CA THR B 145 -17.91 6.79 -31.00
C THR B 145 -16.64 5.98 -31.26
N THR B 146 -15.97 6.22 -32.39
CA THR B 146 -14.67 5.62 -32.65
C THR B 146 -13.79 6.68 -33.29
N PHE B 147 -12.48 6.49 -33.18
CA PHE B 147 -11.50 7.40 -33.74
C PHE B 147 -10.27 6.61 -34.13
N THR B 148 -9.24 7.31 -34.57
CA THR B 148 -7.98 6.69 -34.89
C THR B 148 -6.88 7.34 -34.09
N TYR B 149 -5.80 6.60 -33.87
CA TYR B 149 -4.62 7.13 -33.22
C TYR B 149 -3.48 6.15 -33.42
N ALA B 150 -2.29 6.69 -33.62
CA ALA B 150 -1.08 5.88 -33.77
C ALA B 150 -1.28 4.82 -34.85
N SER B 151 -1.79 5.26 -36.00
CA SER B 151 -2.02 4.42 -37.16
C SER B 151 -2.97 3.26 -36.89
N ALA B 152 -3.72 3.32 -35.80
CA ALA B 152 -4.65 2.25 -35.46
C ALA B 152 -6.04 2.84 -35.23
N LEU B 153 -7.02 1.95 -35.12
CA LEU B 153 -8.41 2.31 -34.95
C LEU B 153 -8.85 1.95 -33.54
N TRP B 154 -9.30 2.94 -32.79
CA TRP B 154 -9.77 2.75 -31.44
C TRP B 154 -11.25 3.04 -31.36
N GLU B 155 -11.94 2.28 -30.52
CA GLU B 155 -13.38 2.45 -30.32
C GLU B 155 -13.62 2.85 -28.87
N ILE B 156 -14.52 3.79 -28.67
CA ILE B 156 -14.77 4.30 -27.33
C ILE B 156 -15.75 3.40 -26.61
N GLN B 157 -15.52 3.19 -25.32
CA GLN B 157 -16.50 2.56 -24.47
C GLN B 157 -16.18 2.89 -23.03
N GLN B 158 -17.21 3.30 -22.29
CA GLN B 158 -17.10 3.60 -20.86
C GLN B 158 -16.28 4.87 -20.66
N VAL B 159 -16.92 5.94 -20.19
CA VAL B 159 -16.24 7.22 -19.99
C VAL B 159 -16.60 7.74 -18.61
N VAL B 160 -15.58 8.14 -17.86
CA VAL B 160 -15.75 8.56 -16.48
C VAL B 160 -15.30 10.00 -16.31
N ASP B 161 -15.35 10.49 -15.08
CA ASP B 161 -15.00 11.87 -14.80
C ASP B 161 -13.93 11.95 -13.72
N ALA B 162 -13.64 13.17 -13.26
CA ALA B 162 -12.69 13.33 -12.17
C ALA B 162 -13.20 12.64 -10.91
N ASP B 163 -14.46 12.86 -10.56
CA ASP B 163 -15.04 12.16 -9.42
C ASP B 163 -15.18 10.67 -9.67
N SER B 164 -14.78 10.18 -10.84
CA SER B 164 -14.82 8.76 -11.17
C SER B 164 -16.27 8.25 -11.19
N LYS B 165 -17.13 9.01 -11.83
CA LYS B 165 -18.50 8.58 -12.05
C LYS B 165 -18.75 8.50 -13.56
N ILE B 166 -19.59 7.55 -13.95
CA ILE B 166 -19.82 7.31 -15.36
C ILE B 166 -20.58 8.48 -15.96
N VAL B 167 -20.34 8.72 -17.25
CA VAL B 167 -21.03 9.75 -18.00
C VAL B 167 -21.18 9.25 -19.42
N GLN B 168 -22.31 9.57 -20.05
CA GLN B 168 -22.57 9.13 -21.41
C GLN B 168 -22.12 10.18 -22.40
N LEU B 169 -21.98 9.77 -23.65
CA LEU B 169 -21.54 10.69 -24.68
C LEU B 169 -22.56 11.76 -25.00
N SER B 170 -23.83 11.49 -24.71
CA SER B 170 -24.87 12.48 -24.98
C SER B 170 -24.62 13.78 -24.23
N GLU B 171 -24.27 13.69 -22.95
CA GLU B 171 -24.17 14.88 -22.11
C GLU B 171 -23.06 15.81 -22.58
N ILE B 172 -22.13 15.29 -23.37
CA ILE B 172 -20.94 16.04 -23.73
C ILE B 172 -21.26 17.06 -24.81
N SER B 173 -22.17 17.98 -24.52
CA SER B 173 -22.50 19.00 -25.50
C SER B 173 -21.47 20.10 -25.42
N MET B 174 -21.74 21.20 -26.10
CA MET B 174 -20.94 22.40 -25.93
C MET B 174 -21.36 23.21 -24.71
N ASP B 175 -22.65 23.27 -24.42
CA ASP B 175 -23.11 24.13 -23.34
C ASP B 175 -23.48 23.35 -22.09
N ASN B 176 -23.59 22.03 -22.18
CA ASN B 176 -23.76 21.24 -20.96
C ASN B 176 -22.43 21.04 -20.24
N SER B 177 -21.31 21.23 -20.94
CA SER B 177 -19.99 21.00 -20.33
C SER B 177 -19.78 21.69 -18.99
N PRO B 178 -20.23 22.93 -18.76
CA PRO B 178 -19.99 23.52 -17.45
C PRO B 178 -20.83 22.89 -16.36
N ASN B 179 -20.95 21.56 -16.39
CA ASN B 179 -21.72 20.83 -15.39
C ASN B 179 -21.01 19.56 -14.97
N LEU B 180 -19.71 19.44 -15.25
CA LEU B 180 -19.01 18.19 -15.06
C LEU B 180 -17.65 18.45 -14.41
N ALA B 181 -17.17 17.44 -13.70
CA ALA B 181 -15.80 17.43 -13.21
C ALA B 181 -14.92 17.34 -14.44
N TRP B 182 -14.31 18.44 -14.82
CA TRP B 182 -13.99 18.54 -16.23
C TRP B 182 -12.51 18.35 -16.57
N PRO B 183 -11.91 17.23 -16.20
CA PRO B 183 -10.82 16.68 -17.01
C PRO B 183 -11.04 15.20 -17.24
N LEU B 184 -11.84 14.85 -18.24
CA LEU B 184 -12.37 13.50 -18.32
C LEU B 184 -11.32 12.47 -18.66
N ILE B 185 -11.65 11.22 -18.33
CA ILE B 185 -10.83 10.06 -18.63
C ILE B 185 -11.64 9.23 -19.62
N VAL B 186 -11.06 8.95 -20.78
CA VAL B 186 -11.71 8.14 -21.79
C VAL B 186 -10.89 6.88 -22.00
N THR B 187 -11.52 5.72 -21.84
CA THR B 187 -10.86 4.44 -22.09
C THR B 187 -11.41 3.83 -23.37
N ALA B 188 -10.53 3.58 -24.32
CA ALA B 188 -10.91 3.05 -25.62
C ALA B 188 -10.21 1.74 -25.86
N LEU B 189 -10.76 0.96 -26.78
CA LEU B 189 -10.29 -0.37 -27.07
C LEU B 189 -9.73 -0.46 -28.48
N ARG B 190 -8.76 -1.35 -28.63
CA ARG B 190 -8.12 -1.62 -29.91
C ARG B 190 -9.13 -2.29 -30.83
N ALA B 191 -9.60 -1.55 -31.82
CA ALA B 191 -10.53 -2.09 -32.82
C ALA B 191 -9.74 -2.68 -33.96
N ASN B 192 -10.18 -3.81 -34.46
CA ASN B 192 -9.55 -4.48 -35.59
C ASN B 192 -10.10 -3.99 -36.92
N LYS C 2 -6.44 43.57 12.33
CA LYS C 2 -7.84 43.22 12.12
C LYS C 2 -7.98 42.25 10.97
N MET C 3 -7.39 42.60 9.84
CA MET C 3 -7.45 41.72 8.68
C MET C 3 -6.91 40.33 9.00
N SER C 4 -5.93 40.25 9.88
CA SER C 4 -5.45 38.97 10.34
C SER C 4 -6.59 38.10 10.83
N ASP C 5 -7.58 38.71 11.50
CA ASP C 5 -8.70 37.95 12.03
C ASP C 5 -9.44 37.25 10.91
N VAL C 6 -9.82 38.00 9.88
CA VAL C 6 -10.59 37.37 8.82
C VAL C 6 -9.75 36.33 8.10
N LYS C 7 -8.44 36.56 7.97
CA LYS C 7 -7.61 35.57 7.30
C LYS C 7 -7.58 34.25 8.08
N CYS C 8 -7.24 34.33 9.36
CA CYS C 8 -7.24 33.12 10.17
C CYS C 8 -8.60 32.47 10.16
N THR C 9 -9.66 33.26 10.16
CA THR C 9 -11.00 32.72 10.10
C THR C 9 -11.18 31.89 8.84
N SER C 10 -10.75 32.43 7.71
CA SER C 10 -10.81 31.69 6.46
C SER C 10 -10.10 30.37 6.59
N VAL C 11 -8.91 30.38 7.20
CA VAL C 11 -8.16 29.14 7.33
C VAL C 11 -8.97 28.11 8.10
N VAL C 12 -9.49 28.51 9.26
CA VAL C 12 -10.24 27.57 10.07
C VAL C 12 -11.42 27.03 9.29
N LEU C 13 -12.15 27.90 8.61
CA LEU C 13 -13.34 27.49 7.88
C LEU C 13 -13.00 26.48 6.81
N LEU C 14 -11.94 26.73 6.04
CA LEU C 14 -11.55 25.80 5.00
C LEU C 14 -11.17 24.46 5.62
N SER C 15 -10.45 24.48 6.72
CA SER C 15 -10.17 23.22 7.41
C SER C 15 -11.45 22.48 7.72
N VAL C 16 -12.47 23.20 8.19
CA VAL C 16 -13.74 22.55 8.52
C VAL C 16 -14.30 21.88 7.28
N LEU C 17 -14.44 22.64 6.21
CA LEU C 17 -14.96 22.09 4.97
C LEU C 17 -14.22 20.83 4.60
N GLN C 18 -12.90 20.83 4.75
CA GLN C 18 -12.14 19.62 4.51
C GLN C 18 -12.63 18.49 5.38
N GLN C 19 -12.74 18.74 6.68
CA GLN C 19 -13.20 17.69 7.59
C GLN C 19 -14.54 17.13 7.17
N LEU C 20 -15.37 17.91 6.49
CA LEU C 20 -16.66 17.43 6.04
C LEU C 20 -16.59 16.63 4.74
N ARG C 21 -15.39 16.23 4.32
CA ARG C 21 -15.22 15.41 3.13
C ARG C 21 -15.66 16.13 1.87
N VAL C 22 -15.56 17.45 1.86
CA VAL C 22 -16.04 18.23 0.72
C VAL C 22 -15.21 18.01 -0.53
N GLU C 23 -14.05 17.38 -0.41
CA GLU C 23 -13.19 17.17 -1.56
C GLU C 23 -13.61 15.98 -2.41
N SER C 24 -14.83 15.47 -2.21
CA SER C 24 -15.34 14.40 -3.05
C SER C 24 -16.06 14.92 -4.28
N SER C 25 -15.87 16.19 -4.62
CA SER C 25 -16.50 16.76 -5.81
C SER C 25 -15.48 17.81 -6.24
N SER C 26 -14.85 17.56 -7.38
CA SER C 26 -13.63 18.28 -7.75
C SER C 26 -13.99 19.73 -7.99
N LYS C 27 -15.12 19.99 -8.64
CA LYS C 27 -15.49 21.37 -8.94
C LYS C 27 -15.65 22.18 -7.66
N LEU C 28 -16.40 21.65 -6.72
CA LEU C 28 -16.64 22.38 -5.48
C LEU C 28 -15.36 22.63 -4.73
N TRP C 29 -14.57 21.58 -4.52
CA TRP C 29 -13.32 21.72 -3.79
C TRP C 29 -12.39 22.69 -4.48
N ALA C 30 -12.37 22.66 -5.81
CA ALA C 30 -11.50 23.57 -6.54
C ALA C 30 -11.92 25.01 -6.35
N GLN C 31 -13.22 25.30 -6.48
CA GLN C 31 -13.69 26.65 -6.25
C GLN C 31 -13.33 27.11 -4.83
N CYS C 32 -13.53 26.23 -3.85
CA CYS C 32 -13.23 26.59 -2.48
C CYS C 32 -11.77 26.94 -2.31
N VAL C 33 -10.87 26.07 -2.76
CA VAL C 33 -9.46 26.32 -2.59
C VAL C 33 -9.06 27.61 -3.29
N GLN C 34 -9.60 27.84 -4.48
CA GLN C 34 -9.27 29.05 -5.21
C GLN C 34 -9.68 30.28 -4.42
N LEU C 35 -10.90 30.27 -3.89
CA LEU C 35 -11.35 31.37 -3.06
C LEU C 35 -10.43 31.59 -1.88
N HIS C 36 -10.12 30.52 -1.16
CA HIS C 36 -9.32 30.64 0.06
C HIS C 36 -7.97 31.24 -0.25
N ASN C 37 -7.28 30.71 -1.27
CA ASN C 37 -6.04 31.31 -1.71
C ASN C 37 -6.21 32.80 -1.93
N ASP C 38 -7.15 33.19 -2.80
CA ASP C 38 -7.29 34.61 -3.09
C ASP C 38 -7.48 35.43 -1.84
N ILE C 39 -8.26 34.91 -0.89
CA ILE C 39 -8.41 35.60 0.38
C ILE C 39 -7.05 35.85 1.00
N LEU C 40 -6.26 34.80 1.14
CA LEU C 40 -4.99 34.96 1.84
C LEU C 40 -4.05 35.92 1.15
N LEU C 41 -4.29 36.24 -0.12
CA LEU C 41 -3.48 37.23 -0.80
C LEU C 41 -4.17 38.58 -0.90
N ALA C 42 -5.42 38.66 -0.45
CA ALA C 42 -6.15 39.90 -0.56
C ALA C 42 -5.70 41.06 0.32
N LYS C 43 -5.49 42.21 -0.31
CA LYS C 43 -5.03 43.38 0.42
C LYS C 43 -5.95 44.59 0.53
N ASP C 44 -7.26 44.38 0.63
CA ASP C 44 -8.17 45.46 0.97
C ASP C 44 -8.99 45.00 2.17
N THR C 45 -9.67 45.92 2.78
CA THR C 45 -10.55 45.38 3.80
C THR C 45 -11.81 44.72 3.24
N THR C 46 -12.52 45.28 2.27
CA THR C 46 -13.87 44.80 1.98
C THR C 46 -13.93 43.60 1.06
N GLU C 47 -13.11 43.55 0.01
CA GLU C 47 -13.15 42.41 -0.89
C GLU C 47 -12.95 41.12 -0.12
N ALA C 48 -12.17 41.19 0.95
CA ALA C 48 -12.03 40.05 1.83
C ALA C 48 -13.38 39.53 2.28
N PHE C 49 -14.23 40.40 2.82
CA PHE C 49 -15.52 39.94 3.31
C PHE C 49 -16.37 39.35 2.20
N GLU C 50 -16.35 39.97 1.03
CA GLU C 50 -17.13 39.44 -0.08
C GLU C 50 -16.73 38.00 -0.36
N LYS C 51 -15.43 37.78 -0.58
CA LYS C 51 -15.00 36.40 -0.80
C LYS C 51 -15.30 35.53 0.40
N MET C 52 -15.25 36.09 1.61
CA MET C 52 -15.46 35.30 2.80
C MET C 52 -16.86 34.73 2.86
N VAL C 53 -17.86 35.59 2.70
CA VAL C 53 -19.24 35.11 2.69
C VAL C 53 -19.48 34.22 1.49
N SER C 54 -18.89 34.58 0.35
CA SER C 54 -19.02 33.72 -0.83
C SER C 54 -18.59 32.31 -0.51
N LEU C 55 -17.53 32.17 0.28
CA LEU C 55 -17.11 30.85 0.72
C LEU C 55 -18.10 30.25 1.70
N LEU C 56 -18.33 30.95 2.82
CA LEU C 56 -19.14 30.42 3.91
C LEU C 56 -20.45 29.85 3.42
N SER C 57 -21.04 30.48 2.40
CA SER C 57 -22.21 29.89 1.76
C SER C 57 -22.04 28.40 1.54
N VAL C 58 -20.85 27.98 1.10
CA VAL C 58 -20.62 26.58 0.80
C VAL C 58 -20.89 25.73 2.02
N LEU C 59 -20.34 26.10 3.17
CA LEU C 59 -20.66 25.37 4.38
C LEU C 59 -22.14 25.41 4.65
N LEU C 60 -22.77 26.56 4.44
CA LEU C 60 -24.20 26.67 4.67
C LEU C 60 -24.99 25.67 3.84
N SER C 61 -24.46 25.24 2.71
CA SER C 61 -25.17 24.34 1.81
C SER C 61 -25.68 23.09 2.51
N MET C 62 -24.77 22.21 2.92
CA MET C 62 -25.19 20.92 3.44
C MET C 62 -25.81 21.08 4.82
N GLN C 63 -26.21 19.94 5.39
CA GLN C 63 -26.86 19.92 6.69
C GLN C 63 -26.08 19.07 7.68
N GLY C 64 -24.75 19.12 7.60
CA GLY C 64 -23.95 18.34 8.51
C GLY C 64 -23.66 19.08 9.80
N ALA C 65 -23.67 20.40 9.74
CA ALA C 65 -23.33 21.25 10.88
C ALA C 65 -24.62 21.81 11.46
N VAL C 66 -25.05 21.25 12.59
CA VAL C 66 -26.26 21.70 13.26
C VAL C 66 -25.94 23.14 13.63
N ASP C 67 -26.60 24.09 12.96
CA ASP C 67 -26.23 25.48 13.13
C ASP C 67 -26.81 25.97 14.44
N ILE C 68 -28.09 25.68 14.68
CA ILE C 68 -28.77 26.21 15.87
C ILE C 68 -28.02 25.82 17.14
N ASN C 69 -27.55 24.58 17.22
CA ASN C 69 -26.85 24.13 18.41
C ASN C 69 -25.62 24.99 18.66
N LYS C 70 -24.76 25.12 17.65
CA LYS C 70 -23.59 25.99 17.80
C LYS C 70 -23.96 27.42 18.07
N LEU C 71 -25.16 27.85 17.68
CA LEU C 71 -25.60 29.21 17.91
C LEU C 71 -26.10 29.42 19.34
N CYS C 72 -25.71 28.53 20.24
CA CYS C 72 -26.08 28.67 21.64
C CYS C 72 -25.40 29.84 22.33
N GLU C 73 -24.52 30.56 21.63
CA GLU C 73 -23.79 31.68 22.22
C GLU C 73 -23.03 31.27 23.46
N PHE D 6 16.79 15.22 51.37
CA PHE D 6 16.86 13.98 52.11
C PHE D 6 17.28 14.22 53.56
N SER D 7 16.57 13.58 54.49
CA SER D 7 16.87 13.77 55.90
C SER D 7 16.32 12.62 56.74
N SER D 8 15.02 12.38 56.65
CA SER D 8 14.35 11.45 57.55
C SER D 8 14.72 9.98 57.31
N LEU D 9 15.73 9.74 56.49
CA LEU D 9 16.12 8.38 56.20
C LEU D 9 16.75 7.63 57.37
N PRO D 10 16.53 6.32 57.47
CA PRO D 10 17.11 5.56 58.59
C PRO D 10 18.62 5.67 58.67
N SER D 11 19.32 5.45 57.55
CA SER D 11 20.77 5.59 57.55
C SER D 11 21.22 6.99 57.97
N TYR D 12 20.36 7.98 57.79
CA TYR D 12 20.73 9.31 58.26
C TYR D 12 20.80 9.37 59.77
N ALA D 13 19.99 8.55 60.45
CA ALA D 13 20.12 8.46 61.91
C ALA D 13 21.52 8.01 62.29
N ALA D 14 22.03 6.98 61.63
CA ALA D 14 23.35 6.47 61.94
C ALA D 14 24.43 7.49 61.61
N PHE D 15 24.32 8.11 60.43
CA PHE D 15 25.30 9.13 60.08
C PHE D 15 25.26 10.29 61.06
N ALA D 16 24.07 10.66 61.53
CA ALA D 16 23.94 11.73 62.51
C ALA D 16 24.60 11.33 63.83
N THR D 17 24.39 10.08 64.26
CA THR D 17 25.03 9.61 65.48
C THR D 17 26.54 9.67 65.37
N ALA D 18 27.10 9.19 64.26
CA ALA D 18 28.55 9.21 64.10
C ALA D 18 29.08 10.63 64.04
N GLN D 19 28.38 11.51 63.33
CA GLN D 19 28.81 12.90 63.26
C GLN D 19 28.77 13.58 64.62
N GLU D 20 27.71 13.35 65.41
CA GLU D 20 27.64 13.96 66.73
C GLU D 20 28.70 13.38 67.67
N ALA D 21 28.95 12.08 67.57
CA ALA D 21 29.99 11.48 68.40
C ALA D 21 31.35 12.06 68.07
N TYR D 22 31.67 12.18 66.79
CA TYR D 22 32.94 12.81 66.42
C TYR D 22 32.97 14.27 66.85
N GLU D 23 31.83 14.96 66.79
CA GLU D 23 31.80 16.34 67.25
C GLU D 23 32.18 16.43 68.72
N GLN D 24 31.56 15.58 69.55
CA GLN D 24 31.89 15.59 70.98
C GLN D 24 33.34 15.20 71.21
N ALA D 25 33.86 14.25 70.43
CA ALA D 25 35.23 13.81 70.62
C ALA D 25 36.24 14.88 70.26
N VAL D 26 36.10 15.49 69.08
CA VAL D 26 36.99 16.58 68.69
C VAL D 26 36.76 17.84 69.51
N ALA D 27 35.61 17.93 70.19
CA ALA D 27 35.41 19.02 71.14
C ALA D 27 36.17 18.78 72.44
N ASN D 28 36.09 17.57 72.98
CA ASN D 28 36.87 17.24 74.17
C ASN D 28 38.36 17.20 73.88
N GLY D 29 38.74 17.02 72.61
CA GLY D 29 40.14 16.92 72.24
C GLY D 29 40.72 15.76 73.02
N ASP D 30 40.32 14.54 72.67
CA ASP D 30 40.72 13.36 73.42
C ASP D 30 41.88 12.74 72.66
N SER D 31 42.06 11.43 72.81
CA SER D 31 43.20 10.73 72.24
C SER D 31 43.10 10.62 70.73
N GLU D 32 44.13 10.04 70.11
CA GLU D 32 44.12 9.77 68.68
C GLU D 32 43.60 8.37 68.43
N VAL D 33 43.81 7.48 69.39
CA VAL D 33 43.43 6.07 69.24
C VAL D 33 41.93 5.93 69.28
N VAL D 34 41.24 6.95 69.81
CA VAL D 34 39.80 6.93 69.91
C VAL D 34 39.14 7.38 68.61
N LEU D 35 39.75 8.31 67.88
CA LEU D 35 39.21 8.74 66.60
C LEU D 35 39.45 7.72 65.50
N LYS D 36 40.40 6.81 65.69
CA LYS D 36 40.60 5.70 64.78
C LYS D 36 39.33 4.93 64.55
N LYS D 37 38.46 4.88 65.55
CA LYS D 37 37.09 4.48 65.36
C LYS D 37 36.26 5.57 64.70
N LEU D 38 36.23 6.76 65.29
CA LEU D 38 35.45 7.87 64.77
C LEU D 38 35.76 8.19 63.33
N LYS D 39 36.85 7.66 62.78
CA LYS D 39 37.06 7.71 61.35
C LYS D 39 36.59 6.43 60.68
N LYS D 40 36.98 5.27 61.20
CA LYS D 40 36.50 3.99 60.71
C LYS D 40 35.06 3.71 61.12
N SER D 41 34.41 4.66 61.79
CA SER D 41 32.99 4.48 62.09
C SER D 41 32.15 5.59 61.48
N LEU D 42 32.78 6.62 60.94
CA LEU D 42 32.05 7.69 60.29
C LEU D 42 32.17 7.63 58.78
N ASN D 43 33.36 7.31 58.26
CA ASN D 43 33.48 6.99 56.85
C ASN D 43 32.44 5.96 56.43
N VAL D 44 32.27 4.90 57.22
CA VAL D 44 31.27 3.90 56.88
C VAL D 44 29.88 4.53 56.87
N ALA D 45 29.59 5.41 57.82
CA ALA D 45 28.30 6.08 57.83
C ALA D 45 28.04 6.78 56.51
N LYS D 46 28.99 7.60 56.06
CA LYS D 46 28.89 8.16 54.73
C LYS D 46 28.73 7.09 53.67
N SER D 47 29.41 5.95 53.83
CA SER D 47 29.31 4.87 52.89
C SER D 47 27.96 4.18 52.93
N GLU D 48 27.57 3.59 54.05
CA GLU D 48 26.27 2.99 54.21
C GLU D 48 25.13 3.99 54.10
N PHE D 49 25.44 5.26 53.85
CA PHE D 49 24.42 6.29 53.71
C PHE D 49 24.14 6.78 52.31
N ASP D 50 25.19 7.10 51.56
CA ASP D 50 25.02 7.54 50.19
C ASP D 50 24.55 6.38 49.34
N ARG D 51 25.03 5.17 49.60
CA ARG D 51 24.57 3.99 48.89
C ARG D 51 23.09 3.74 49.11
N ASP D 52 22.40 4.61 49.84
CA ASP D 52 20.95 4.62 49.88
C ASP D 52 20.24 5.92 49.54
N ALA D 53 20.93 7.05 49.63
CA ALA D 53 20.34 8.33 49.26
C ALA D 53 20.40 8.38 47.75
N ALA D 54 21.48 7.90 47.17
CA ALA D 54 21.55 7.78 45.72
C ALA D 54 20.49 6.84 45.17
N MET D 55 20.27 5.70 45.81
CA MET D 55 19.35 4.71 45.28
C MET D 55 17.91 5.21 45.25
N GLN D 56 17.45 5.85 46.33
CA GLN D 56 16.14 6.48 46.28
C GLN D 56 16.13 7.67 45.33
N ARG D 57 17.25 8.35 45.16
CA ARG D 57 17.30 9.47 44.24
C ARG D 57 16.99 9.04 42.83
N LYS D 58 17.56 7.92 42.39
CA LYS D 58 17.29 7.42 41.04
C LYS D 58 15.81 7.16 40.84
N LEU D 59 15.18 6.49 41.79
CA LEU D 59 13.74 6.30 41.72
C LEU D 59 13.02 7.64 41.68
N GLU D 60 13.55 8.63 42.39
CA GLU D 60 12.92 9.94 42.41
C GLU D 60 12.99 10.64 41.07
N LYS D 61 13.95 10.29 40.22
CA LYS D 61 13.98 10.80 38.86
C LYS D 61 13.13 9.96 37.93
N MET D 62 13.08 8.65 38.17
CA MET D 62 12.19 7.80 37.39
C MET D 62 10.74 8.23 37.54
N ALA D 63 10.32 8.57 38.74
CA ALA D 63 8.96 9.03 38.95
C ALA D 63 8.63 10.21 38.04
N ASP D 64 9.52 11.21 38.04
CA ASP D 64 9.34 12.34 37.15
C ASP D 64 9.26 11.88 35.71
N GLN D 65 10.36 11.34 35.19
CA GLN D 65 10.38 11.01 33.78
C GLN D 65 9.35 9.98 33.39
N ALA D 66 8.57 9.46 34.33
CA ALA D 66 7.37 8.72 33.98
C ALA D 66 6.12 9.59 33.96
N MET D 67 5.92 10.41 34.98
CA MET D 67 4.73 11.24 35.02
C MET D 67 4.71 12.24 33.88
N THR D 68 5.84 12.92 33.69
CA THR D 68 5.94 13.90 32.62
C THR D 68 5.68 13.32 31.27
N GLN D 69 5.84 12.01 31.10
CA GLN D 69 5.48 11.35 29.86
C GLN D 69 4.00 10.98 29.81
N MET D 70 3.51 10.34 30.87
CA MET D 70 2.13 9.88 30.85
C MET D 70 1.17 11.04 30.67
N TYR D 71 1.47 12.18 31.28
CA TYR D 71 0.59 13.33 31.13
C TYR D 71 0.38 13.68 29.67
N LYS D 72 1.47 13.94 28.96
CA LYS D 72 1.34 14.36 27.58
C LYS D 72 0.78 13.23 26.73
N GLN D 73 1.11 11.99 27.06
CA GLN D 73 0.51 10.88 26.32
C GLN D 73 -1.00 10.90 26.46
N ALA D 74 -1.51 11.26 27.63
CA ALA D 74 -2.95 11.34 27.80
C ALA D 74 -3.54 12.47 26.99
N ARG D 75 -3.06 13.69 27.23
CA ARG D 75 -3.69 14.84 26.60
C ARG D 75 -3.49 14.85 25.09
N SER D 76 -2.53 14.07 24.62
CA SER D 76 -2.35 13.90 23.17
C SER D 76 -3.55 13.28 22.53
N GLU D 77 -3.82 12.03 22.89
CA GLU D 77 -4.98 11.30 22.33
C GLU D 77 -6.26 12.04 22.75
N ASP D 78 -6.26 12.76 23.87
CA ASP D 78 -7.41 13.61 24.14
C ASP D 78 -7.67 14.57 22.99
N LYS D 79 -6.66 15.35 22.61
CA LYS D 79 -6.86 16.34 21.57
C LYS D 79 -7.09 15.78 20.16
N ARG D 80 -6.76 14.51 19.95
CA ARG D 80 -7.00 13.90 18.65
C ARG D 80 -8.28 13.11 18.79
N ALA D 81 -9.21 13.55 19.63
CA ALA D 81 -10.50 12.89 19.75
C ALA D 81 -11.64 13.82 19.40
N LYS D 82 -11.39 15.13 19.31
CA LYS D 82 -12.42 16.15 19.41
C LYS D 82 -12.31 17.20 18.33
N VAL D 83 -11.50 16.94 17.29
CA VAL D 83 -11.32 17.94 16.24
C VAL D 83 -12.65 18.37 15.65
N THR D 84 -13.35 17.44 15.01
CA THR D 84 -14.60 17.77 14.34
C THR D 84 -15.67 18.10 15.36
N SER D 85 -15.35 19.00 16.28
CA SER D 85 -16.28 19.46 17.29
C SER D 85 -15.76 20.77 17.83
N ALA D 86 -14.61 20.72 18.50
CA ALA D 86 -13.95 21.93 18.94
C ALA D 86 -13.66 22.86 17.78
N MET D 87 -13.29 22.29 16.64
CA MET D 87 -13.01 23.11 15.48
C MET D 87 -14.20 23.99 15.12
N GLN D 88 -15.39 23.39 15.02
CA GLN D 88 -16.55 24.14 14.62
C GLN D 88 -16.88 25.25 15.62
N THR D 89 -16.84 24.93 16.91
CA THR D 89 -17.21 25.94 17.88
C THR D 89 -16.19 27.07 17.90
N MET D 90 -14.91 26.77 17.73
CA MET D 90 -13.93 27.83 17.60
C MET D 90 -14.24 28.68 16.37
N LEU D 91 -14.61 28.04 15.27
CA LEU D 91 -14.98 28.77 14.07
C LEU D 91 -16.08 29.76 14.35
N PHE D 92 -17.17 29.31 14.95
CA PHE D 92 -18.29 30.19 15.16
C PHE D 92 -17.98 31.25 16.20
N THR D 93 -17.10 30.93 17.14
CA THR D 93 -16.62 31.95 18.06
C THR D 93 -15.92 33.06 17.31
N MET D 94 -15.00 32.69 16.42
CA MET D 94 -14.30 33.70 15.62
C MET D 94 -15.28 34.48 14.76
N LEU D 95 -16.30 33.81 14.24
CA LEU D 95 -17.34 34.51 13.50
C LEU D 95 -17.95 35.60 14.34
N ARG D 96 -18.58 35.20 15.45
CA ARG D 96 -19.26 36.17 16.30
C ARG D 96 -18.34 37.31 16.68
N LYS D 97 -17.09 37.01 17.02
CA LYS D 97 -16.16 38.09 17.34
C LYS D 97 -15.91 38.98 16.14
N LEU D 98 -15.86 38.39 14.93
CA LEU D 98 -15.47 39.15 13.76
C LEU D 98 -16.46 40.27 13.48
N ASP D 99 -17.75 39.97 13.60
CA ASP D 99 -18.81 40.97 13.51
C ASP D 99 -18.86 41.63 12.14
N ASN D 100 -19.69 41.08 11.24
CA ASN D 100 -19.99 41.72 9.97
C ASN D 100 -21.45 41.47 9.65
N ASP D 101 -22.24 42.54 9.66
CA ASP D 101 -23.68 42.44 9.45
C ASP D 101 -24.02 41.58 8.24
N ALA D 102 -23.25 41.72 7.15
CA ALA D 102 -23.46 40.86 6.00
C ALA D 102 -23.52 39.41 6.40
N LEU D 103 -22.51 38.93 7.11
CA LEU D 103 -22.50 37.55 7.56
C LEU D 103 -23.66 37.25 8.50
N ASN D 104 -23.74 37.97 9.62
CA ASN D 104 -24.77 37.70 10.61
C ASN D 104 -26.14 37.58 9.97
N ASN D 105 -26.42 38.41 8.97
CA ASN D 105 -27.69 38.31 8.27
C ASN D 105 -27.92 36.89 7.80
N ILE D 106 -27.05 36.38 6.93
CA ILE D 106 -27.28 35.07 6.36
C ILE D 106 -27.19 34.00 7.44
N ILE D 107 -26.39 34.22 8.48
CA ILE D 107 -26.24 33.20 9.51
C ILE D 107 -27.56 33.03 10.25
N ASN D 108 -28.15 34.13 10.68
CA ASN D 108 -29.48 34.05 11.28
C ASN D 108 -30.47 33.46 10.29
N ASN D 109 -30.44 33.93 9.05
CA ASN D 109 -31.35 33.42 8.03
C ASN D 109 -31.26 31.90 7.94
N ALA D 110 -30.05 31.37 8.15
CA ALA D 110 -29.85 29.94 8.03
C ALA D 110 -30.28 29.20 9.28
N ARG D 111 -30.07 29.81 10.44
CA ARG D 111 -30.74 29.31 11.64
C ARG D 111 -32.24 29.20 11.38
N ASP D 112 -32.76 30.09 10.54
CA ASP D 112 -34.16 30.05 10.16
C ASP D 112 -34.41 29.00 9.09
N GLY D 113 -33.69 29.09 7.97
CA GLY D 113 -33.87 28.14 6.89
C GLY D 113 -33.38 28.60 5.54
N CYS D 114 -32.95 29.86 5.44
CA CYS D 114 -32.57 30.42 4.15
C CYS D 114 -31.26 29.82 3.62
N VAL D 115 -31.30 28.53 3.31
CA VAL D 115 -30.13 27.81 2.81
C VAL D 115 -30.01 28.09 1.31
N PRO D 116 -28.89 28.59 0.83
CA PRO D 116 -28.68 28.68 -0.61
C PRO D 116 -28.20 27.37 -1.19
N LEU D 117 -28.78 26.98 -2.31
CA LEU D 117 -28.44 25.73 -2.97
C LEU D 117 -27.23 25.86 -3.89
N ASN D 118 -26.51 26.97 -3.82
CA ASN D 118 -25.36 27.18 -4.68
C ASN D 118 -24.54 28.32 -4.11
N ILE D 119 -23.38 28.55 -4.71
CA ILE D 119 -22.48 29.58 -4.23
C ILE D 119 -23.08 30.96 -4.47
N ILE D 120 -22.92 31.84 -3.50
CA ILE D 120 -23.30 33.23 -3.68
C ILE D 120 -22.36 33.84 -4.70
N PRO D 121 -22.85 34.34 -5.82
CA PRO D 121 -21.98 35.00 -6.78
C PRO D 121 -21.78 36.46 -6.43
N LEU D 122 -20.90 37.11 -7.20
CA LEU D 122 -20.61 38.53 -7.02
C LEU D 122 -20.74 39.34 -8.28
N THR D 123 -20.69 38.71 -9.45
CA THR D 123 -20.88 39.42 -10.70
C THR D 123 -22.22 40.13 -10.71
N THR D 124 -22.25 41.30 -11.34
CA THR D 124 -23.50 42.06 -11.44
C THR D 124 -24.62 41.26 -12.08
N ALA D 125 -24.29 40.35 -12.99
CA ALA D 125 -25.24 39.40 -13.54
C ALA D 125 -25.26 38.17 -12.63
N ALA D 126 -25.24 36.94 -13.16
CA ALA D 126 -25.09 35.72 -12.39
C ALA D 126 -26.33 35.41 -11.56
N LYS D 127 -26.68 34.14 -11.47
CA LYS D 127 -27.91 33.74 -10.81
C LYS D 127 -27.66 33.26 -9.39
N LEU D 128 -28.73 33.26 -8.61
CA LEU D 128 -28.71 32.87 -7.22
C LEU D 128 -29.96 32.06 -6.92
N MET D 129 -29.80 30.95 -6.21
CA MET D 129 -30.90 30.06 -5.87
C MET D 129 -30.93 29.88 -4.35
N VAL D 130 -31.96 30.40 -3.71
CA VAL D 130 -32.12 30.24 -2.27
C VAL D 130 -33.38 29.45 -2.01
N VAL D 131 -33.53 29.03 -0.77
CA VAL D 131 -34.70 28.27 -0.34
C VAL D 131 -35.46 29.10 0.69
N ILE D 132 -36.78 28.96 0.70
CA ILE D 132 -37.63 29.64 1.67
C ILE D 132 -38.63 28.63 2.21
N PRO D 133 -38.77 28.51 3.52
CA PRO D 133 -39.70 27.53 4.06
C PRO D 133 -41.14 27.96 4.01
N ASP D 134 -41.45 29.19 4.44
CA ASP D 134 -42.83 29.58 4.68
C ASP D 134 -43.07 31.03 4.32
N TYR D 135 -44.29 31.47 4.60
CA TYR D 135 -44.77 32.79 4.20
C TYR D 135 -43.95 33.92 4.81
N ASN D 136 -43.95 34.02 6.14
CA ASN D 136 -43.34 35.18 6.79
C ASN D 136 -41.89 35.35 6.37
N THR D 137 -41.15 34.24 6.30
CA THR D 137 -39.83 34.28 5.69
C THR D 137 -39.84 35.10 4.41
N TYR D 138 -40.68 34.70 3.46
CA TYR D 138 -40.87 35.47 2.24
C TYR D 138 -41.16 36.92 2.54
N LYS D 139 -42.16 37.19 3.38
CA LYS D 139 -42.55 38.56 3.68
C LYS D 139 -41.41 39.32 4.35
N ASN D 140 -40.64 38.61 5.17
CA ASN D 140 -39.49 39.26 5.80
C ASN D 140 -38.34 39.42 4.84
N THR D 141 -38.47 38.98 3.60
CA THR D 141 -37.38 38.95 2.64
C THR D 141 -37.82 39.35 1.24
N CYS D 142 -38.85 38.71 0.71
CA CYS D 142 -39.28 38.94 -0.66
C CYS D 142 -40.27 40.09 -0.68
N ASP D 143 -39.86 41.21 -1.26
CA ASP D 143 -40.58 42.46 -1.18
C ASP D 143 -40.67 43.05 -2.59
N GLY D 144 -41.77 42.76 -3.28
CA GLY D 144 -41.93 43.23 -4.64
C GLY D 144 -41.24 42.32 -5.64
N THR D 145 -40.16 42.81 -6.24
CA THR D 145 -39.33 42.00 -7.12
C THR D 145 -37.85 42.16 -6.82
N THR D 146 -37.50 43.03 -5.89
CA THR D 146 -36.14 43.13 -5.39
C THR D 146 -35.99 42.23 -4.18
N PHE D 147 -34.86 41.53 -4.10
CA PHE D 147 -34.61 40.63 -3.00
C PHE D 147 -33.43 41.12 -2.19
N THR D 148 -33.62 41.22 -0.88
CA THR D 148 -32.59 41.65 0.05
C THR D 148 -32.02 40.41 0.72
N TYR D 149 -30.85 39.99 0.26
CA TYR D 149 -30.17 38.84 0.85
C TYR D 149 -28.70 39.16 0.95
N ALA D 150 -28.08 38.62 2.00
CA ALA D 150 -26.67 38.86 2.27
C ALA D 150 -26.38 40.35 2.27
N SER D 151 -27.38 41.14 2.70
CA SER D 151 -27.32 42.59 2.62
C SER D 151 -26.99 43.02 1.19
N ALA D 152 -27.67 42.40 0.24
CA ALA D 152 -27.48 42.74 -1.16
C ALA D 152 -28.84 42.70 -1.85
N LEU D 153 -28.93 43.35 -3.00
CA LEU D 153 -30.19 43.53 -3.70
C LEU D 153 -30.24 42.59 -4.88
N TRP D 154 -31.25 41.74 -4.92
CA TRP D 154 -31.37 40.72 -5.93
C TRP D 154 -32.71 40.86 -6.63
N GLU D 155 -32.73 40.59 -7.93
CA GLU D 155 -33.95 40.75 -8.70
C GLU D 155 -34.66 39.42 -8.84
N ILE D 156 -35.82 39.30 -8.18
CA ILE D 156 -36.61 38.08 -8.27
C ILE D 156 -37.24 37.61 -9.57
N GLN D 157 -36.73 36.51 -10.09
CA GLN D 157 -37.14 36.12 -11.43
C GLN D 157 -37.84 34.80 -11.70
N GLN D 158 -37.81 33.83 -10.79
CA GLN D 158 -38.34 32.52 -11.16
C GLN D 158 -38.71 31.68 -9.95
N VAL D 159 -39.70 32.10 -9.21
CA VAL D 159 -40.15 31.35 -8.04
C VAL D 159 -40.72 30.01 -8.48
N VAL D 160 -40.52 28.99 -7.65
CA VAL D 160 -41.03 27.66 -7.95
C VAL D 160 -41.13 26.86 -6.67
N ASP D 161 -42.22 26.13 -6.50
CA ASP D 161 -42.46 25.37 -5.28
C ASP D 161 -41.95 23.95 -5.46
N ALA D 162 -42.11 23.13 -4.41
CA ALA D 162 -41.56 21.79 -4.38
C ALA D 162 -42.19 20.86 -5.41
N ASP D 163 -43.36 21.22 -5.96
CA ASP D 163 -43.87 20.44 -7.08
C ASP D 163 -43.15 20.76 -8.38
N SER D 164 -42.09 21.56 -8.33
CA SER D 164 -41.30 21.93 -9.50
C SER D 164 -42.13 22.64 -10.55
N LYS D 165 -43.16 23.36 -10.14
CA LYS D 165 -43.99 24.12 -11.05
C LYS D 165 -43.86 25.59 -10.75
N ILE D 166 -43.86 26.40 -11.81
CA ILE D 166 -43.78 27.83 -11.63
C ILE D 166 -45.06 28.33 -10.97
N VAL D 167 -44.91 29.26 -10.04
CA VAL D 167 -46.03 29.83 -9.30
C VAL D 167 -45.98 31.34 -9.46
N GLN D 168 -47.17 31.94 -9.58
CA GLN D 168 -47.26 33.38 -9.78
C GLN D 168 -46.82 34.13 -8.53
N LEU D 169 -45.88 35.05 -8.72
CA LEU D 169 -45.42 35.88 -7.61
C LEU D 169 -46.58 36.53 -6.88
N SER D 170 -47.48 37.17 -7.62
CA SER D 170 -48.62 37.85 -7.03
C SER D 170 -49.48 36.93 -6.19
N GLU D 171 -49.56 35.65 -6.52
CA GLU D 171 -50.34 34.70 -5.75
C GLU D 171 -49.83 34.54 -4.32
N ILE D 172 -48.59 34.90 -4.05
CA ILE D 172 -47.96 34.65 -2.77
C ILE D 172 -48.48 35.68 -1.77
N SER D 173 -49.29 35.22 -0.82
CA SER D 173 -49.80 36.06 0.25
C SER D 173 -50.37 35.13 1.32
N MET D 174 -50.49 35.66 2.55
CA MET D 174 -50.76 34.83 3.71
C MET D 174 -52.07 34.06 3.56
N ASP D 175 -53.07 34.69 2.94
CA ASP D 175 -54.38 34.09 2.77
C ASP D 175 -54.29 32.76 2.03
N ASN D 176 -53.86 32.79 0.78
CA ASN D 176 -53.82 31.56 -0.02
C ASN D 176 -52.53 30.78 0.15
N SER D 177 -51.58 31.27 0.93
CA SER D 177 -50.33 30.55 1.12
C SER D 177 -50.50 29.12 1.61
N PRO D 178 -51.49 28.78 2.49
CA PRO D 178 -51.60 27.39 2.93
C PRO D 178 -51.99 26.44 1.81
N ASN D 179 -51.52 26.70 0.60
CA ASN D 179 -51.79 25.81 -0.50
C ASN D 179 -50.59 25.54 -1.37
N LEU D 180 -49.38 25.77 -0.88
CA LEU D 180 -48.20 25.80 -1.72
C LEU D 180 -47.19 24.76 -1.25
N ALA D 181 -46.53 24.11 -2.20
CA ALA D 181 -45.46 23.20 -1.84
C ALA D 181 -44.34 24.01 -1.21
N TRP D 182 -44.41 24.14 0.11
CA TRP D 182 -43.73 25.23 0.79
C TRP D 182 -42.24 25.39 0.54
N PRO D 183 -41.44 24.35 0.43
CA PRO D 183 -40.04 24.61 0.11
C PRO D 183 -39.92 25.34 -1.20
N LEU D 184 -39.88 26.67 -1.13
CA LEU D 184 -39.85 27.49 -2.33
C LEU D 184 -38.42 27.77 -2.74
N ILE D 185 -38.18 27.71 -4.04
CA ILE D 185 -36.83 27.84 -4.60
C ILE D 185 -36.82 29.13 -5.39
N VAL D 186 -36.21 30.15 -4.84
CA VAL D 186 -36.18 31.45 -5.48
C VAL D 186 -34.88 31.60 -6.25
N THR D 187 -34.95 32.29 -7.39
CA THR D 187 -33.79 32.60 -8.21
C THR D 187 -33.75 34.09 -8.48
N ALA D 188 -32.54 34.64 -8.55
CA ALA D 188 -32.42 36.09 -8.66
C ALA D 188 -31.07 36.46 -9.22
N LEU D 189 -30.87 37.77 -9.43
CA LEU D 189 -29.61 38.33 -9.87
C LEU D 189 -29.33 39.60 -9.10
N ARG D 190 -28.04 39.89 -8.93
CA ARG D 190 -27.63 41.08 -8.19
C ARG D 190 -28.06 42.35 -8.90
N ALA D 191 -27.69 43.47 -8.30
CA ALA D 191 -27.99 44.78 -8.88
C ALA D 191 -27.02 45.13 -9.99
N ALA H 1 12.80 -18.39 8.90
CA ALA H 1 13.93 -19.15 9.42
C ALA H 1 13.58 -19.81 10.74
N VAL H 2 12.46 -19.39 11.32
CA VAL H 2 12.04 -19.94 12.61
C VAL H 2 10.79 -20.78 12.41
N GLY H 3 10.66 -21.83 13.22
CA GLY H 3 9.51 -22.72 13.09
C GLY H 3 9.30 -23.64 14.27
N ALA H 4 8.41 -24.62 14.11
CA ALA H 4 8.04 -25.53 15.18
C ALA H 4 8.87 -26.80 15.07
N CYS H 5 9.13 -27.42 16.22
CA CYS H 5 9.92 -28.64 16.24
C CYS H 5 9.23 -29.72 15.41
N VAL H 6 10.01 -30.43 14.60
CA VAL H 6 9.45 -31.52 13.81
C VAL H 6 8.91 -32.64 14.68
N LEU H 7 9.28 -32.69 15.95
CA LEU H 7 8.80 -33.73 16.84
C LEU H 7 7.86 -33.21 17.91
N CYS H 8 8.24 -32.16 18.64
CA CYS H 8 7.41 -31.62 19.71
C CYS H 8 6.76 -30.30 19.36
N ASN H 9 6.96 -29.80 18.14
CA ASN H 9 6.20 -28.66 17.63
C ASN H 9 6.47 -27.38 18.39
N SER H 10 7.52 -27.36 19.20
CA SER H 10 7.87 -26.15 19.92
C SER H 10 8.51 -25.14 18.97
N GLN H 11 8.10 -23.88 19.12
CA GLN H 11 8.71 -22.81 18.34
C GLN H 11 10.20 -22.78 18.58
N THR H 12 10.99 -23.04 17.55
CA THR H 12 12.42 -23.19 17.73
C THR H 12 13.14 -22.63 16.51
N SER H 13 14.44 -22.46 16.66
CA SER H 13 15.30 -21.93 15.61
C SER H 13 16.58 -22.72 15.50
N LEU H 14 16.45 -24.05 15.44
CA LEU H 14 17.59 -24.96 15.39
C LEU H 14 17.45 -25.90 14.21
N ARG H 15 18.57 -26.25 13.59
CA ARG H 15 18.55 -27.18 12.47
C ARG H 15 19.78 -28.08 12.49
N CYS H 16 19.55 -29.39 12.47
CA CYS H 16 20.63 -30.36 12.44
C CYS H 16 21.22 -30.39 11.05
N GLY H 17 22.18 -29.49 10.80
CA GLY H 17 22.86 -29.48 9.51
C GLY H 17 23.44 -30.81 9.10
N ALA H 18 23.77 -31.67 10.06
CA ALA H 18 24.19 -33.02 9.71
C ALA H 18 23.05 -33.83 9.13
N CYS H 19 21.81 -33.52 9.48
CA CYS H 19 20.66 -34.06 8.76
C CYS H 19 20.56 -33.37 7.41
N ILE H 20 20.31 -34.17 6.37
CA ILE H 20 20.36 -33.65 5.01
C ILE H 20 19.33 -32.55 4.80
N ARG H 21 18.14 -32.71 5.37
CA ARG H 21 17.06 -31.78 5.10
C ARG H 21 17.05 -30.57 6.02
N ARG H 22 17.88 -30.57 7.06
CA ARG H 22 17.95 -29.46 7.99
C ARG H 22 16.58 -29.16 8.58
N PRO H 23 15.98 -30.08 9.33
CA PRO H 23 14.67 -29.81 9.90
C PRO H 23 14.77 -29.00 11.19
N PHE H 24 13.60 -28.58 11.67
CA PHE H 24 13.53 -27.81 12.91
C PHE H 24 13.36 -28.71 14.12
N LEU H 25 14.34 -28.69 15.01
CA LEU H 25 14.32 -29.48 16.23
C LEU H 25 14.15 -28.54 17.39
N CYS H 26 13.30 -28.92 18.35
CA CYS H 26 13.23 -28.16 19.58
C CYS H 26 14.55 -28.26 20.33
N CYS H 27 14.70 -27.42 21.36
CA CYS H 27 15.93 -27.43 22.14
C CYS H 27 16.21 -28.82 22.70
N LYS H 28 15.25 -29.35 23.47
CA LYS H 28 15.44 -30.68 24.04
C LYS H 28 15.58 -31.73 22.95
N CYS H 29 14.74 -31.65 21.93
CA CYS H 29 14.79 -32.63 20.85
C CYS H 29 16.12 -32.54 20.11
N CYS H 30 16.60 -31.33 19.86
CA CYS H 30 17.92 -31.17 19.27
C CYS H 30 18.99 -31.80 20.14
N TYR H 31 18.95 -31.51 21.44
CA TYR H 31 19.91 -32.10 22.36
C TYR H 31 19.91 -33.61 22.25
N ASP H 32 18.72 -34.20 22.16
CA ASP H 32 18.64 -35.66 22.09
C ASP H 32 19.21 -36.18 20.78
N HIS H 33 18.83 -35.56 19.67
CA HIS H 33 19.34 -36.02 18.37
C HIS H 33 20.85 -35.94 18.30
N VAL H 34 21.44 -34.93 18.95
CA VAL H 34 22.90 -34.79 18.86
C VAL H 34 23.64 -35.68 19.86
N ILE H 35 23.08 -35.89 21.06
CA ILE H 35 23.75 -36.77 22.02
C ILE H 35 23.56 -38.23 21.67
N SER H 36 22.70 -38.53 20.72
CA SER H 36 22.38 -39.92 20.40
C SER H 36 23.05 -40.42 19.15
N THR H 37 23.33 -39.54 18.18
CA THR H 37 23.79 -39.95 16.87
C THR H 37 25.21 -39.48 16.64
N SER H 38 25.64 -39.59 15.39
CA SER H 38 26.82 -38.89 14.92
C SER H 38 26.45 -37.58 14.24
N HIS H 39 25.23 -37.09 14.45
CA HIS H 39 24.84 -35.78 13.92
C HIS H 39 25.41 -34.80 14.93
N LYS H 40 26.56 -34.23 14.59
CA LYS H 40 27.31 -33.38 15.51
C LYS H 40 27.48 -31.94 15.06
N LEU H 41 26.51 -31.42 14.32
CA LEU H 41 26.55 -30.04 13.87
C LEU H 41 25.17 -29.41 13.90
N VAL H 42 25.06 -28.27 14.57
CA VAL H 42 23.78 -27.63 14.82
C VAL H 42 23.83 -26.20 14.33
N LEU H 43 22.79 -25.78 13.61
CA LEU H 43 22.70 -24.44 13.06
C LEU H 43 21.52 -23.73 13.66
N SER H 44 21.69 -22.44 13.95
CA SER H 44 20.60 -21.59 14.38
C SER H 44 20.42 -20.48 13.35
N VAL H 45 20.45 -19.23 13.79
CA VAL H 45 20.52 -18.11 12.86
C VAL H 45 21.91 -18.14 12.25
N ASN H 46 22.82 -18.86 12.89
CA ASN H 46 24.19 -18.97 12.44
C ASN H 46 24.68 -20.37 12.70
N PRO H 47 25.78 -20.77 12.06
CA PRO H 47 26.39 -22.05 12.42
C PRO H 47 27.10 -21.96 13.76
N TYR H 48 27.32 -23.12 14.37
CA TYR H 48 28.00 -23.20 15.66
C TYR H 48 29.39 -23.76 15.42
N VAL H 49 30.33 -22.85 15.17
CA VAL H 49 31.72 -23.20 14.88
C VAL H 49 32.62 -22.33 15.74
N CYS H 50 33.75 -22.88 16.16
CA CYS H 50 34.76 -22.07 16.81
C CYS H 50 35.09 -20.96 15.84
N ASN H 51 34.73 -19.72 16.21
CA ASN H 51 34.90 -18.60 15.30
C ASN H 51 36.37 -18.25 15.20
N ALA H 52 37.20 -18.72 16.13
CA ALA H 52 38.62 -18.54 15.98
C ALA H 52 39.08 -19.17 14.67
N PRO H 53 39.54 -18.38 13.71
CA PRO H 53 39.87 -18.94 12.39
C PRO H 53 40.97 -19.98 12.49
N GLY H 54 40.93 -20.95 11.59
CA GLY H 54 41.85 -22.05 11.62
C GLY H 54 41.42 -23.22 12.48
N CYS H 55 40.59 -22.99 13.50
CA CYS H 55 40.11 -24.07 14.36
C CYS H 55 38.81 -24.59 13.77
N ASP H 56 38.89 -25.71 13.05
CA ASP H 56 37.76 -26.24 12.31
C ASP H 56 36.91 -27.19 13.14
N VAL H 57 36.97 -27.08 14.47
CA VAL H 57 36.04 -27.85 15.29
C VAL H 57 34.60 -27.37 15.24
N THR H 58 33.69 -28.29 14.94
CA THR H 58 32.30 -27.94 14.69
C THR H 58 31.27 -28.33 15.73
N ASP H 59 31.41 -29.51 16.35
CA ASP H 59 30.35 -30.02 17.20
C ASP H 59 30.09 -29.10 18.39
N VAL H 60 28.86 -29.15 18.90
CA VAL H 60 28.49 -28.33 20.04
C VAL H 60 29.18 -28.76 21.33
N THR H 61 29.38 -30.06 21.54
CA THR H 61 29.80 -30.54 22.84
C THR H 61 31.15 -29.98 23.27
N GLN H 62 31.89 -29.34 22.37
CA GLN H 62 33.17 -28.74 22.70
C GLN H 62 33.21 -27.26 22.40
N LEU H 63 32.07 -26.65 22.13
CA LEU H 63 32.00 -25.23 21.81
C LEU H 63 31.52 -24.46 23.03
N TYR H 64 32.04 -23.25 23.17
CA TYR H 64 31.77 -22.42 24.33
C TYR H 64 31.29 -21.06 23.87
N LEU H 65 30.30 -20.54 24.57
CA LEU H 65 29.74 -19.23 24.30
C LEU H 65 30.79 -18.16 24.52
N GLY H 66 31.16 -17.44 23.46
CA GLY H 66 32.13 -16.37 23.59
C GLY H 66 31.48 -15.09 24.06
N GLY H 67 32.24 -14.00 24.04
CA GLY H 67 31.71 -12.71 24.44
C GLY H 67 30.45 -12.38 23.67
N MET H 68 30.52 -12.59 22.35
CA MET H 68 29.32 -12.59 21.52
C MET H 68 29.39 -13.67 20.45
N SER H 69 30.32 -14.61 20.55
CA SER H 69 30.56 -15.58 19.49
C SER H 69 30.70 -16.97 20.10
N TYR H 70 31.37 -17.83 19.35
CA TYR H 70 31.54 -19.23 19.68
C TYR H 70 32.99 -19.62 19.51
N TYR H 71 33.54 -20.37 20.47
CA TYR H 71 34.94 -20.75 20.37
C TYR H 71 35.18 -22.15 20.94
N CYS H 72 36.20 -22.80 20.41
CA CYS H 72 36.56 -24.13 20.87
C CYS H 72 37.10 -24.04 22.30
N LYS H 73 37.29 -25.21 22.90
CA LYS H 73 37.89 -25.24 24.23
C LYS H 73 39.24 -24.54 24.26
N SER H 74 40.14 -24.91 23.37
CA SER H 74 41.46 -24.30 23.33
C SER H 74 41.34 -22.81 23.05
N HIS H 75 40.44 -22.42 22.16
CA HIS H 75 40.32 -21.04 21.74
C HIS H 75 39.35 -20.22 22.56
N LYS H 76 38.63 -20.83 23.50
CA LYS H 76 37.58 -20.10 24.19
C LYS H 76 38.18 -18.97 25.02
N PRO H 77 37.59 -17.79 25.00
CA PRO H 77 38.08 -16.68 25.80
C PRO H 77 37.92 -16.98 27.28
N PRO H 78 38.52 -16.17 28.17
CA PRO H 78 38.42 -16.43 29.62
C PRO H 78 37.00 -16.74 30.07
N ILE H 79 36.13 -15.75 29.99
CA ILE H 79 34.71 -15.97 30.25
C ILE H 79 34.09 -16.59 29.00
N SER H 80 33.83 -17.89 29.04
CA SER H 80 33.30 -18.61 27.89
C SER H 80 32.76 -19.85 28.58
N PHE H 81 31.53 -20.24 28.24
CA PHE H 81 30.94 -21.38 28.92
C PHE H 81 30.33 -22.19 27.79
N PRO H 82 30.25 -23.52 27.93
CA PRO H 82 29.82 -24.34 26.81
C PRO H 82 28.36 -24.13 26.48
N LEU H 83 27.93 -24.69 25.37
CA LEU H 83 26.57 -24.50 24.89
C LEU H 83 25.60 -25.53 25.44
N CYS H 84 25.91 -26.81 25.28
CA CYS H 84 24.97 -27.89 25.60
C CYS H 84 25.08 -28.24 27.08
N ALA H 85 23.99 -28.05 27.81
CA ALA H 85 23.95 -28.34 29.23
C ALA H 85 22.50 -28.44 29.66
N ASN H 86 22.27 -29.17 30.75
CA ASN H 86 20.92 -29.35 31.30
C ASN H 86 20.03 -30.08 30.32
N GLY H 87 20.56 -31.09 29.63
CA GLY H 87 19.79 -31.78 28.61
C GLY H 87 19.23 -30.90 27.54
N GLN H 88 19.62 -29.63 27.50
CA GLN H 88 19.04 -28.63 26.62
C GLN H 88 20.18 -27.89 25.94
N VAL H 89 19.87 -27.15 24.89
CA VAL H 89 20.87 -26.36 24.19
C VAL H 89 20.44 -24.91 24.19
N PHE H 90 21.40 -24.00 24.14
CA PHE H 90 21.11 -22.58 24.06
C PHE H 90 20.35 -22.38 22.77
N GLY H 91 19.07 -22.04 22.89
CA GLY H 91 18.25 -21.73 21.74
C GLY H 91 17.10 -20.84 22.19
N LEU H 92 16.41 -20.28 21.20
CA LEU H 92 15.34 -19.36 21.50
C LEU H 92 14.17 -20.08 22.15
N TYR H 93 13.42 -19.34 22.97
CA TYR H 93 12.25 -19.88 23.65
C TYR H 93 12.61 -21.09 24.51
N LYS H 94 13.87 -21.14 24.95
CA LYS H 94 14.31 -22.34 25.64
C LYS H 94 13.55 -22.57 26.93
N ASN H 95 12.76 -21.59 27.36
CA ASN H 95 11.86 -21.73 28.49
C ASN H 95 10.64 -22.58 28.18
N THR H 96 10.07 -22.46 26.98
CA THR H 96 8.78 -23.06 26.65
C THR H 96 8.94 -24.37 25.90
N CYS H 97 10.15 -24.72 25.49
CA CYS H 97 10.42 -25.99 24.83
C CYS H 97 9.89 -27.14 25.67
N VAL H 98 9.34 -28.15 25.01
CA VAL H 98 8.75 -29.30 25.70
C VAL H 98 9.48 -30.59 25.37
N GLY H 99 9.91 -30.76 24.13
CA GLY H 99 10.59 -31.99 23.73
C GLY H 99 9.69 -33.21 23.80
N SER H 100 10.27 -34.35 23.42
CA SER H 100 9.62 -35.65 23.48
C SER H 100 10.70 -36.72 23.41
N ASP H 101 10.31 -37.97 23.68
CA ASP H 101 11.26 -39.06 23.80
C ASP H 101 11.25 -40.00 22.60
N ASN H 102 10.71 -39.57 21.48
CA ASN H 102 10.61 -40.42 20.31
C ASN H 102 11.80 -40.26 19.37
N VAL H 103 12.96 -39.89 19.91
CA VAL H 103 14.14 -39.63 19.09
C VAL H 103 14.62 -40.92 18.46
N THR H 104 14.07 -42.05 18.89
CA THR H 104 14.55 -43.34 18.41
C THR H 104 14.31 -43.51 16.91
N ASP H 105 13.05 -43.69 16.52
CA ASP H 105 12.75 -43.88 15.11
C ASP H 105 13.13 -42.66 14.28
N PHE H 106 12.97 -41.47 14.85
CA PHE H 106 13.42 -40.28 14.14
C PHE H 106 14.91 -40.39 13.80
N ASN H 107 15.71 -40.79 14.77
CA ASN H 107 17.12 -41.07 14.53
C ASN H 107 17.29 -42.09 13.42
N ALA H 108 16.62 -43.23 13.55
CA ALA H 108 16.74 -44.29 12.56
C ALA H 108 16.49 -43.74 11.16
N ILE H 109 15.54 -42.82 11.04
CA ILE H 109 15.27 -42.21 9.75
C ILE H 109 16.39 -41.25 9.36
N ALA H 110 16.87 -40.46 10.32
CA ALA H 110 17.99 -39.58 10.06
C ALA H 110 19.26 -40.34 9.73
N THR H 111 19.22 -41.67 9.80
CA THR H 111 20.38 -42.50 9.54
C THR H 111 20.14 -43.59 8.50
N CYS H 112 18.89 -43.90 8.20
CA CYS H 112 18.59 -44.98 7.25
C CYS H 112 19.17 -44.65 5.88
N ASP H 113 19.24 -45.68 5.04
CA ASP H 113 19.81 -45.56 3.71
C ASP H 113 18.78 -45.65 2.59
N TRP H 114 17.54 -46.02 2.90
CA TRP H 114 16.45 -46.17 1.93
C TRP H 114 16.71 -47.26 0.92
N THR H 115 17.74 -48.08 1.11
CA THR H 115 18.06 -49.14 0.17
C THR H 115 17.34 -50.44 0.48
N ASN H 116 16.64 -50.51 1.61
CA ASN H 116 16.12 -51.76 2.14
C ASN H 116 14.70 -51.58 2.63
N ALA H 117 14.02 -52.72 2.79
CA ALA H 117 12.58 -52.70 3.08
C ALA H 117 12.29 -52.06 4.43
N GLY H 118 12.98 -52.50 5.49
CA GLY H 118 12.65 -52.06 6.84
C GLY H 118 12.59 -50.55 6.97
N ASP H 119 13.45 -49.84 6.25
CA ASP H 119 13.37 -48.38 6.20
C ASP H 119 11.96 -47.93 5.85
N TYR H 120 11.46 -48.43 4.73
CA TYR H 120 10.15 -48.02 4.25
C TYR H 120 9.06 -48.53 5.18
N ILE H 121 9.23 -49.72 5.73
CA ILE H 121 8.24 -50.27 6.64
C ILE H 121 8.05 -49.34 7.83
N LEU H 122 9.15 -48.92 8.44
CA LEU H 122 9.07 -47.88 9.46
C LEU H 122 8.40 -46.64 8.90
N ALA H 123 8.79 -46.24 7.69
CA ALA H 123 8.29 -44.99 7.12
C ALA H 123 6.77 -44.93 7.08
N ASN H 124 6.12 -45.89 6.43
CA ASN H 124 4.66 -45.89 6.34
C ASN H 124 3.98 -46.36 7.61
N THR H 125 4.67 -46.31 8.75
CA THR H 125 4.10 -46.76 10.01
C THR H 125 4.39 -45.80 11.16
N CYS H 126 4.71 -44.55 10.87
CA CYS H 126 5.07 -43.60 11.91
C CYS H 126 4.10 -42.43 11.93
N THR H 127 4.43 -41.41 12.71
CA THR H 127 3.59 -40.25 12.86
C THR H 127 3.75 -39.32 11.65
N GLU H 128 2.72 -38.50 11.43
CA GLU H 128 2.60 -37.72 10.21
C GLU H 128 3.86 -36.91 9.93
N ARG H 129 4.28 -36.09 10.89
CA ARG H 129 5.49 -35.30 10.67
C ARG H 129 6.65 -36.20 10.28
N LEU H 130 6.77 -37.33 10.96
CA LEU H 130 7.85 -38.25 10.65
C LEU H 130 7.68 -38.83 9.25
N LYS H 131 6.43 -39.10 8.87
CA LYS H 131 6.17 -39.63 7.53
C LYS H 131 6.62 -38.63 6.47
N LEU H 132 6.22 -37.37 6.62
CA LEU H 132 6.61 -36.35 5.65
C LEU H 132 8.12 -36.19 5.62
N PHE H 133 8.76 -36.19 6.79
CA PHE H 133 10.20 -36.09 6.82
C PHE H 133 10.83 -37.25 6.07
N ALA H 134 10.32 -38.47 6.27
CA ALA H 134 10.86 -39.63 5.59
C ALA H 134 10.71 -39.47 4.08
N ALA H 135 9.56 -38.98 3.63
CA ALA H 135 9.35 -38.81 2.20
C ALA H 135 10.36 -37.83 1.62
N GLU H 136 10.44 -36.64 2.24
CA GLU H 136 11.45 -35.66 1.85
C GLU H 136 12.82 -36.31 1.75
N THR H 137 13.18 -37.08 2.76
CA THR H 137 14.54 -37.61 2.85
C THR H 137 14.81 -38.61 1.73
N LEU H 138 13.93 -39.60 1.58
CA LEU H 138 14.16 -40.60 0.56
C LEU H 138 14.14 -39.98 -0.83
N LYS H 139 13.31 -38.97 -1.04
CA LYS H 139 13.30 -38.30 -2.33
C LYS H 139 14.61 -37.57 -2.57
N ALA H 140 15.17 -36.96 -1.53
CA ALA H 140 16.47 -36.31 -1.69
C ALA H 140 17.56 -37.31 -1.98
N THR H 141 17.50 -38.48 -1.35
CA THR H 141 18.48 -39.52 -1.61
C THR H 141 18.40 -40.00 -3.06
N GLU H 142 17.17 -40.22 -3.53
CA GLU H 142 17.00 -40.53 -4.95
C GLU H 142 17.54 -39.41 -5.83
N GLU H 143 17.35 -38.16 -5.41
CA GLU H 143 17.84 -37.03 -6.19
C GLU H 143 19.35 -37.07 -6.34
N THR H 144 20.06 -37.27 -5.22
CA THR H 144 21.52 -37.29 -5.32
C THR H 144 22.01 -38.53 -6.06
N PHE H 145 21.32 -39.66 -5.91
CA PHE H 145 21.69 -40.84 -6.67
C PHE H 145 21.50 -40.59 -8.16
N LYS H 146 20.49 -39.81 -8.52
CA LYS H 146 20.34 -39.37 -9.90
C LYS H 146 21.51 -38.49 -10.32
N LEU H 147 21.85 -37.52 -9.47
CA LEU H 147 23.00 -36.65 -9.71
C LEU H 147 24.28 -37.44 -9.91
N SER H 148 24.32 -38.69 -9.44
CA SER H 148 25.50 -39.52 -9.64
C SER H 148 25.77 -39.83 -11.11
N TYR H 149 24.80 -39.59 -12.00
CA TYR H 149 24.97 -39.86 -13.41
C TYR H 149 25.92 -38.83 -14.04
N GLY H 150 25.88 -38.72 -15.37
CA GLY H 150 26.74 -37.80 -16.07
C GLY H 150 26.30 -37.49 -17.50
N ILE H 151 27.14 -36.78 -18.25
CA ILE H 151 26.80 -36.35 -19.60
C ILE H 151 27.12 -37.47 -20.57
N ALA H 152 27.18 -37.13 -21.86
CA ALA H 152 27.41 -38.11 -22.91
C ALA H 152 28.06 -37.42 -24.09
N THR H 153 28.46 -38.21 -25.08
CA THR H 153 28.97 -37.72 -26.34
C THR H 153 28.13 -38.31 -27.48
N VAL H 154 27.74 -37.45 -28.41
CA VAL H 154 26.87 -37.88 -29.51
C VAL H 154 27.74 -38.40 -30.64
N ARG H 155 27.54 -39.67 -31.02
CA ARG H 155 28.21 -40.21 -32.19
C ARG H 155 27.62 -39.63 -33.46
N GLU H 156 26.31 -39.82 -33.66
CA GLU H 156 25.62 -39.36 -34.86
C GLU H 156 24.20 -38.97 -34.50
N VAL H 157 23.51 -38.35 -35.45
CA VAL H 157 22.07 -38.13 -35.35
C VAL H 157 21.39 -38.94 -36.45
N LEU H 158 20.97 -40.17 -36.12
CA LEU H 158 20.46 -41.07 -37.16
C LEU H 158 19.13 -40.58 -37.72
N SER H 159 18.13 -40.39 -36.85
CA SER H 159 16.80 -40.03 -37.31
C SER H 159 16.12 -39.18 -36.25
N ASP H 160 14.85 -38.83 -36.52
CA ASP H 160 14.07 -38.09 -35.55
C ASP H 160 13.73 -38.95 -34.32
N ARG H 161 13.72 -40.27 -34.48
CA ARG H 161 13.61 -41.19 -33.36
C ARG H 161 14.84 -42.07 -33.18
N GLU H 162 15.65 -42.28 -34.22
CA GLU H 162 16.88 -43.05 -34.14
C GLU H 162 18.03 -42.10 -33.88
N LEU H 163 18.81 -42.39 -32.85
CA LEU H 163 19.90 -41.51 -32.44
C LEU H 163 21.08 -42.33 -31.99
N HIS H 164 22.27 -41.75 -32.08
CA HIS H 164 23.52 -42.40 -31.69
C HIS H 164 24.13 -41.59 -30.55
N LEU H 165 23.91 -42.06 -29.32
CA LEU H 165 24.29 -41.36 -28.10
C LEU H 165 25.16 -42.29 -27.25
N SER H 166 26.49 -42.12 -27.33
CA SER H 166 27.36 -42.85 -26.42
C SER H 166 27.47 -42.09 -25.11
N TRP H 167 27.55 -42.81 -24.01
CA TRP H 167 27.56 -42.18 -22.71
C TRP H 167 28.99 -41.83 -22.32
N GLU H 168 29.12 -40.72 -21.59
CA GLU H 168 30.43 -40.33 -21.07
C GLU H 168 31.02 -41.46 -20.26
N VAL H 169 32.33 -41.66 -20.43
CA VAL H 169 33.00 -42.75 -19.74
C VAL H 169 33.12 -42.42 -18.25
N GLY H 170 33.44 -43.43 -17.46
CA GLY H 170 33.58 -43.26 -16.03
C GLY H 170 32.30 -42.78 -15.37
N LYS H 171 31.16 -43.24 -15.88
CA LYS H 171 29.87 -42.86 -15.35
C LYS H 171 28.85 -43.94 -15.65
N PRO H 172 28.07 -44.36 -14.67
CA PRO H 172 26.99 -45.32 -14.93
C PRO H 172 25.97 -44.74 -15.88
N ARG H 173 25.95 -45.23 -17.12
CA ARG H 173 25.10 -44.64 -18.13
C ARG H 173 23.64 -44.64 -17.66
N PRO H 174 22.94 -43.52 -17.75
CA PRO H 174 21.49 -43.53 -17.55
C PRO H 174 20.83 -44.42 -18.58
N PRO H 175 20.13 -45.47 -18.16
CA PRO H 175 19.58 -46.44 -19.12
C PRO H 175 18.49 -45.85 -20.01
N LEU H 176 17.81 -46.75 -20.72
CA LEU H 176 16.85 -46.40 -21.76
C LEU H 176 15.45 -46.32 -21.14
N ASN H 177 15.13 -45.20 -20.51
CA ASN H 177 13.85 -45.05 -19.85
C ASN H 177 13.26 -43.68 -20.16
N ARG H 178 11.94 -43.63 -20.27
CA ARG H 178 11.24 -42.36 -20.37
C ARG H 178 11.58 -41.44 -19.22
N ASN H 179 11.81 -42.04 -18.04
CA ASN H 179 12.23 -41.28 -16.87
C ASN H 179 13.49 -40.46 -17.12
N TYR H 180 14.33 -40.92 -18.04
CA TYR H 180 15.57 -40.23 -18.37
C TYR H 180 15.23 -39.16 -19.40
N VAL H 181 14.58 -38.10 -18.94
CA VAL H 181 14.38 -36.91 -19.74
C VAL H 181 15.60 -36.02 -19.54
N PHE H 182 16.30 -35.72 -20.62
CA PHE H 182 17.59 -35.04 -20.53
C PHE H 182 17.48 -33.64 -21.14
N THR H 183 18.11 -32.67 -20.49
CA THR H 183 18.22 -31.35 -21.08
C THR H 183 19.33 -31.36 -22.12
N GLY H 184 18.94 -31.23 -23.39
CA GLY H 184 19.88 -31.19 -24.48
C GLY H 184 20.45 -29.80 -24.67
N TYR H 185 21.70 -29.76 -25.12
CA TYR H 185 22.40 -28.51 -25.37
C TYR H 185 23.10 -28.64 -26.71
N ARG H 186 23.03 -27.56 -27.51
CA ARG H 186 23.79 -27.47 -28.75
C ARG H 186 24.95 -26.51 -28.51
N VAL H 187 26.14 -27.07 -28.29
CA VAL H 187 27.29 -26.24 -27.99
C VAL H 187 27.71 -25.47 -29.24
N THR H 188 27.38 -24.18 -29.26
CA THR H 188 27.94 -23.30 -30.28
C THR H 188 29.44 -23.34 -30.01
N LYS H 189 29.88 -22.68 -28.93
CA LYS H 189 31.26 -22.84 -28.50
C LYS H 189 31.58 -22.92 -27.00
N ASN H 190 30.98 -22.14 -26.06
CA ASN H 190 29.86 -21.17 -26.07
C ASN H 190 28.48 -21.81 -26.21
N SER H 191 27.49 -21.09 -25.67
CA SER H 191 26.06 -21.41 -25.67
C SER H 191 25.71 -22.50 -24.66
N LYS H 192 25.51 -22.10 -23.41
CA LYS H 192 24.93 -22.99 -22.42
C LYS H 192 23.45 -22.70 -22.57
N VAL H 193 22.87 -23.24 -23.63
CA VAL H 193 21.48 -23.00 -24.00
C VAL H 193 20.87 -24.38 -24.03
N GLN H 194 19.72 -24.52 -23.37
CA GLN H 194 18.94 -25.75 -23.42
C GLN H 194 18.12 -25.76 -24.70
N ILE H 195 18.41 -26.71 -25.60
CA ILE H 195 17.65 -26.85 -26.83
C ILE H 195 16.37 -27.62 -26.64
N GLY H 196 16.06 -28.01 -25.41
CA GLY H 196 14.88 -28.79 -25.11
C GLY H 196 15.22 -30.00 -24.26
N GLU H 197 14.27 -30.92 -24.20
CA GLU H 197 14.41 -32.16 -23.45
C GLU H 197 14.20 -33.34 -24.38
N TYR H 198 14.96 -34.41 -24.14
CA TYR H 198 14.87 -35.61 -24.95
C TYR H 198 15.09 -36.82 -24.07
N THR H 199 14.16 -37.78 -24.17
CA THR H 199 14.21 -39.01 -23.40
C THR H 199 14.31 -40.20 -24.33
N PHE H 200 14.77 -41.33 -23.79
CA PHE H 200 15.21 -42.47 -24.59
C PHE H 200 14.60 -43.77 -24.07
N GLU H 201 14.51 -44.75 -24.98
CA GLU H 201 13.91 -46.04 -24.66
C GLU H 201 14.25 -47.06 -25.75
N LYS H 202 14.21 -48.34 -25.37
CA LYS H 202 14.48 -49.49 -26.22
C LYS H 202 13.38 -49.73 -27.25
N GLY H 203 13.70 -49.55 -28.53
CA GLY H 203 12.75 -49.73 -29.60
C GLY H 203 12.67 -51.16 -30.09
N ASP H 204 12.83 -51.34 -31.40
CA ASP H 204 12.74 -52.66 -32.01
C ASP H 204 14.11 -53.29 -32.25
N TYR H 205 15.20 -52.62 -31.90
CA TYR H 205 16.55 -53.19 -32.00
C TYR H 205 17.53 -52.20 -31.38
N GLY H 206 18.71 -52.72 -31.01
CA GLY H 206 19.80 -51.91 -30.51
C GLY H 206 21.00 -51.98 -31.43
N ASP H 207 22.01 -51.15 -31.15
CA ASP H 207 21.98 -50.25 -30.00
C ASP H 207 21.44 -48.89 -30.41
N ALA H 208 20.86 -48.82 -31.61
CA ALA H 208 20.14 -47.63 -32.04
C ALA H 208 18.90 -47.44 -31.18
N VAL H 209 18.95 -46.43 -30.32
CA VAL H 209 17.90 -46.21 -29.32
C VAL H 209 16.85 -45.28 -29.89
N VAL H 210 15.65 -45.36 -29.31
CA VAL H 210 14.57 -44.46 -29.71
C VAL H 210 14.54 -43.30 -28.73
N TYR H 211 14.27 -42.09 -29.23
CA TYR H 211 14.22 -40.93 -28.36
C TYR H 211 13.13 -39.97 -28.82
N ARG H 212 12.40 -39.47 -27.84
CA ARG H 212 11.35 -38.48 -28.06
C ARG H 212 11.72 -37.19 -27.35
N GLY H 213 11.48 -36.08 -28.04
CA GLY H 213 11.76 -34.77 -27.50
C GLY H 213 10.50 -33.93 -27.43
N THR H 214 10.41 -33.14 -26.35
CA THR H 214 9.29 -32.21 -26.21
C THR H 214 9.26 -31.22 -27.37
N THR H 215 10.44 -30.93 -27.95
CA THR H 215 10.56 -30.13 -29.15
C THR H 215 11.30 -30.94 -30.22
N THR H 216 10.87 -30.78 -31.46
CA THR H 216 11.45 -31.52 -32.57
C THR H 216 12.75 -30.91 -33.08
N TYR H 217 13.54 -30.27 -32.22
CA TYR H 217 14.80 -29.66 -32.62
C TYR H 217 15.76 -30.77 -33.03
N LYS H 218 16.08 -30.83 -34.31
CA LYS H 218 16.90 -31.92 -34.81
C LYS H 218 18.34 -31.80 -34.32
N LEU H 219 18.84 -32.89 -33.74
CA LEU H 219 20.17 -32.91 -33.17
C LEU H 219 21.20 -33.14 -34.27
N ASN H 220 22.47 -33.13 -33.87
CA ASN H 220 23.58 -33.46 -34.75
C ASN H 220 24.62 -34.20 -33.93
N VAL H 221 25.84 -34.27 -34.45
CA VAL H 221 26.90 -35.05 -33.80
C VAL H 221 27.58 -34.29 -32.67
N GLY H 222 27.18 -33.05 -32.39
CA GLY H 222 27.91 -32.21 -31.46
C GLY H 222 27.22 -31.83 -30.17
N ASP H 223 25.94 -32.16 -30.01
CA ASP H 223 25.20 -31.79 -28.81
C ASP H 223 25.74 -32.50 -27.58
N TYR H 224 25.29 -32.05 -26.40
CA TYR H 224 25.53 -32.80 -25.18
C TYR H 224 24.34 -32.66 -24.25
N PHE H 225 24.01 -33.76 -23.58
CA PHE H 225 22.79 -33.90 -22.81
C PHE H 225 23.13 -33.99 -21.33
N VAL H 226 22.70 -32.99 -20.56
CA VAL H 226 22.87 -33.06 -19.11
C VAL H 226 21.59 -33.67 -18.55
N LEU H 227 21.71 -34.29 -17.38
CA LEU H 227 20.54 -34.78 -16.66
C LEU H 227 19.86 -33.61 -15.95
N THR H 228 18.58 -33.43 -16.25
CA THR H 228 17.80 -32.37 -15.64
C THR H 228 17.71 -32.59 -14.14
N SER H 229 18.04 -31.55 -13.39
CA SER H 229 18.13 -31.66 -11.94
C SER H 229 17.53 -30.41 -11.33
N HIS H 230 17.19 -30.50 -10.05
CA HIS H 230 16.57 -29.40 -9.32
C HIS H 230 16.54 -29.77 -7.85
N THR H 231 15.79 -29.01 -7.05
CA THR H 231 15.71 -29.22 -5.61
C THR H 231 14.30 -29.59 -5.21
N VAL H 232 14.19 -30.54 -4.29
CA VAL H 232 12.90 -30.99 -3.80
C VAL H 232 12.29 -29.91 -2.93
N MET H 233 11.05 -29.65 -3.12
CA MET H 233 10.49 -28.66 -2.23
C MET H 233 9.90 -29.32 -0.99
N PRO H 234 10.01 -28.66 0.16
CA PRO H 234 9.37 -29.19 1.36
C PRO H 234 7.86 -29.14 1.24
N LEU H 235 7.20 -29.91 2.10
CA LEU H 235 5.74 -30.03 2.05
C LEU H 235 5.16 -29.67 3.40
N SER H 236 3.90 -29.25 3.37
CA SER H 236 3.20 -28.82 4.58
C SER H 236 1.95 -29.61 4.88
N ALA H 237 1.11 -29.88 3.87
CA ALA H 237 -0.14 -30.55 4.13
C ALA H 237 0.12 -32.00 4.53
N PRO H 238 -0.77 -32.59 5.32
CA PRO H 238 -0.67 -34.02 5.59
C PRO H 238 -0.91 -34.82 4.32
N THR H 239 -0.72 -36.13 4.42
CA THR H 239 -1.05 -37.00 3.31
C THR H 239 -2.52 -36.89 2.94
N LEU H 240 -3.39 -36.81 3.95
CA LEU H 240 -4.82 -36.73 3.72
C LEU H 240 -5.48 -35.95 4.84
N VAL H 241 -6.62 -35.36 4.53
CA VAL H 241 -7.45 -34.69 5.52
C VAL H 241 -8.21 -35.76 6.29
N PRO H 242 -8.47 -35.57 7.59
CA PRO H 242 -9.32 -36.52 8.31
C PRO H 242 -10.69 -36.62 7.66
N GLN H 243 -11.20 -37.85 7.61
CA GLN H 243 -12.47 -38.12 6.96
C GLN H 243 -13.63 -37.51 7.76
N GLU H 244 -14.67 -37.10 7.05
CA GLU H 244 -15.81 -36.44 7.66
C GLU H 244 -17.07 -37.08 7.08
N HIS H 245 -18.10 -37.20 7.89
CA HIS H 245 -19.36 -37.75 7.41
C HIS H 245 -20.46 -36.70 7.52
N TYR H 246 -21.50 -36.88 6.71
CA TYR H 246 -22.58 -35.91 6.63
C TYR H 246 -23.90 -36.63 6.52
N VAL H 247 -24.94 -36.02 7.08
CA VAL H 247 -26.28 -36.57 6.97
C VAL H 247 -26.89 -36.32 5.60
N ARG H 248 -26.13 -35.76 4.67
CA ARG H 248 -26.58 -35.49 3.32
C ARG H 248 -25.36 -35.16 2.47
N ILE H 249 -25.61 -34.80 1.22
CA ILE H 249 -24.53 -34.38 0.33
C ILE H 249 -24.39 -32.87 0.41
N THR H 250 -23.16 -32.38 0.40
CA THR H 250 -22.89 -30.95 0.61
C THR H 250 -22.73 -30.27 -0.75
N GLY H 251 -23.81 -29.64 -1.20
CA GLY H 251 -23.77 -28.87 -2.41
C GLY H 251 -23.65 -29.66 -3.69
N LEU H 252 -23.89 -30.97 -3.63
CA LEU H 252 -23.87 -31.82 -4.81
C LEU H 252 -25.25 -31.80 -5.44
N TYR H 253 -25.30 -31.56 -6.75
CA TYR H 253 -26.57 -31.56 -7.46
C TYR H 253 -26.68 -32.84 -8.28
N PRO H 254 -27.36 -33.86 -7.79
CA PRO H 254 -27.47 -35.11 -8.52
C PRO H 254 -28.27 -34.92 -9.81
N THR H 255 -27.85 -35.64 -10.84
CA THR H 255 -28.58 -35.62 -12.10
C THR H 255 -29.90 -36.36 -11.91
N LEU H 256 -30.91 -35.96 -12.69
CA LEU H 256 -32.23 -36.58 -12.56
C LEU H 256 -32.23 -38.02 -13.05
N ASN H 257 -32.11 -38.22 -14.36
CA ASN H 257 -32.10 -39.56 -14.92
C ASN H 257 -31.41 -39.65 -16.27
N ILE H 258 -30.25 -39.03 -16.47
CA ILE H 258 -29.60 -39.10 -17.77
C ILE H 258 -28.54 -40.20 -17.76
N SER H 259 -28.58 -41.04 -18.80
CA SER H 259 -27.59 -42.09 -19.03
C SER H 259 -27.52 -43.05 -17.83
N ASP H 260 -28.66 -43.66 -17.54
CA ASP H 260 -28.75 -44.52 -16.36
C ASP H 260 -28.01 -45.84 -16.53
N GLU H 261 -27.25 -46.02 -17.60
CA GLU H 261 -26.44 -47.22 -17.73
C GLU H 261 -25.38 -47.32 -16.63
N PHE H 262 -25.07 -46.21 -15.98
CA PHE H 262 -24.22 -46.21 -14.81
C PHE H 262 -25.02 -46.25 -13.51
N SER H 263 -26.19 -46.89 -13.54
CA SER H 263 -27.09 -46.88 -12.39
C SER H 263 -26.47 -47.53 -11.17
N SER H 264 -25.89 -48.72 -11.35
CA SER H 264 -25.18 -49.38 -10.26
C SER H 264 -24.07 -48.51 -9.68
N ASN H 265 -23.66 -47.50 -10.42
CA ASN H 265 -22.66 -46.54 -9.96
C ASN H 265 -23.25 -45.40 -9.16
N VAL H 266 -24.48 -44.98 -9.48
CA VAL H 266 -25.13 -43.90 -8.76
C VAL H 266 -25.39 -44.30 -7.31
N ALA H 267 -25.72 -45.57 -7.07
CA ALA H 267 -25.84 -46.06 -5.71
C ALA H 267 -24.57 -45.77 -4.91
N ASN H 268 -23.43 -45.76 -5.59
CA ASN H 268 -22.18 -45.37 -4.99
C ASN H 268 -21.95 -43.86 -5.07
N TYR H 269 -22.41 -43.24 -6.16
CA TYR H 269 -22.13 -41.83 -6.42
C TYR H 269 -22.57 -40.96 -5.25
N GLN H 270 -23.80 -41.14 -4.78
CA GLN H 270 -24.30 -40.32 -3.69
C GLN H 270 -23.46 -40.51 -2.44
N LYS H 271 -22.92 -41.72 -2.25
CA LYS H 271 -22.02 -41.96 -1.13
C LYS H 271 -20.89 -40.95 -1.08
N VAL H 272 -20.39 -40.55 -2.24
CA VAL H 272 -19.34 -39.54 -2.31
C VAL H 272 -19.76 -38.29 -1.54
N GLY H 273 -20.95 -37.78 -1.83
CA GLY H 273 -21.38 -36.56 -1.18
C GLY H 273 -21.57 -36.70 0.32
N MET H 274 -21.59 -37.94 0.81
CA MET H 274 -21.80 -38.14 2.24
C MET H 274 -20.49 -38.18 3.00
N GLN H 275 -19.38 -38.42 2.32
CA GLN H 275 -18.08 -38.55 2.95
C GLN H 275 -17.12 -37.52 2.38
N LYS H 276 -16.28 -36.99 3.26
CA LYS H 276 -15.28 -36.02 2.83
C LYS H 276 -14.40 -36.59 1.72
N TYR H 277 -14.17 -37.91 1.76
CA TYR H 277 -13.46 -38.59 0.68
C TYR H 277 -13.75 -40.08 0.82
N SER H 278 -13.21 -40.87 -0.09
CA SER H 278 -13.26 -42.31 0.03
C SER H 278 -12.29 -42.93 -0.97
N THR H 279 -12.40 -44.24 -1.16
CA THR H 279 -11.43 -45.03 -1.89
C THR H 279 -12.14 -46.02 -2.80
N LEU H 280 -11.36 -46.73 -3.62
CA LEU H 280 -11.95 -47.60 -4.63
C LEU H 280 -10.99 -48.71 -5.02
N GLN H 281 -11.47 -49.95 -4.92
CA GLN H 281 -10.72 -51.15 -5.32
C GLN H 281 -11.31 -51.68 -6.63
N GLY H 282 -10.49 -51.69 -7.68
CA GLY H 282 -10.96 -52.15 -8.97
C GLY H 282 -9.85 -52.44 -9.96
N PRO H 283 -10.06 -53.47 -10.79
CA PRO H 283 -9.16 -53.69 -11.92
C PRO H 283 -9.31 -52.59 -12.94
N PRO H 284 -8.27 -52.28 -13.71
CA PRO H 284 -8.38 -51.24 -14.72
C PRO H 284 -9.36 -51.63 -15.82
N GLY H 285 -9.72 -50.66 -16.65
CA GLY H 285 -10.65 -50.89 -17.74
C GLY H 285 -12.04 -51.28 -17.29
N THR H 286 -12.22 -51.52 -16.01
CA THR H 286 -13.50 -51.88 -15.43
C THR H 286 -14.29 -50.60 -15.18
N GLY H 287 -15.05 -50.59 -14.09
CA GLY H 287 -15.66 -49.35 -13.65
C GLY H 287 -14.57 -48.38 -13.27
N LYS H 288 -13.33 -48.88 -13.25
CA LYS H 288 -12.15 -48.03 -13.20
C LYS H 288 -12.29 -46.90 -14.21
N SER H 289 -12.28 -45.68 -13.70
CA SER H 289 -12.39 -44.44 -14.46
C SER H 289 -13.81 -44.26 -15.02
N HIS H 290 -14.34 -45.29 -15.67
CA HIS H 290 -15.72 -45.28 -16.14
C HIS H 290 -16.66 -44.76 -15.07
N PHE H 291 -16.55 -45.35 -13.87
CA PHE H 291 -17.29 -44.89 -12.70
C PHE H 291 -17.11 -43.39 -12.48
N ALA H 292 -15.87 -42.92 -12.58
CA ALA H 292 -15.59 -41.53 -12.28
C ALA H 292 -16.25 -40.60 -13.29
N ILE H 293 -16.26 -41.00 -14.57
CA ILE H 293 -16.89 -40.15 -15.57
C ILE H 293 -18.39 -40.14 -15.38
N GLY H 294 -18.99 -41.31 -15.14
CA GLY H 294 -20.41 -41.34 -14.83
C GLY H 294 -20.73 -40.51 -13.60
N LEU H 295 -19.80 -40.43 -12.66
CA LEU H 295 -19.98 -39.56 -11.50
C LEU H 295 -20.02 -38.10 -11.91
N ALA H 296 -19.00 -37.65 -12.61
CA ALA H 296 -18.98 -36.26 -13.10
C ALA H 296 -20.27 -35.93 -13.81
N LEU H 297 -20.80 -36.89 -14.57
CA LEU H 297 -22.14 -36.73 -15.12
C LEU H 297 -23.17 -36.56 -14.03
N TYR H 298 -23.14 -37.45 -13.02
CA TYR H 298 -24.19 -37.49 -12.03
C TYR H 298 -24.32 -36.16 -11.30
N TYR H 299 -23.22 -35.45 -11.16
CA TYR H 299 -23.29 -34.07 -10.71
C TYR H 299 -22.72 -33.19 -11.81
N PRO H 300 -23.55 -32.79 -12.78
CA PRO H 300 -23.06 -32.08 -13.95
C PRO H 300 -22.88 -30.58 -13.75
N SER H 301 -23.02 -30.09 -12.53
CA SER H 301 -22.92 -28.67 -12.22
C SER H 301 -21.92 -28.43 -11.11
N ALA H 302 -20.73 -29.03 -11.21
CA ALA H 302 -19.76 -28.99 -10.13
C ALA H 302 -18.34 -28.99 -10.69
N ARG H 303 -17.47 -28.19 -10.09
CA ARG H 303 -16.07 -28.17 -10.46
C ARG H 303 -15.38 -29.44 -9.99
N ILE H 304 -14.75 -30.16 -10.91
CA ILE H 304 -14.12 -31.43 -10.61
C ILE H 304 -12.72 -31.46 -11.21
N VAL H 305 -11.78 -31.99 -10.44
CA VAL H 305 -10.42 -32.19 -10.91
C VAL H 305 -10.17 -33.68 -11.05
N TYR H 306 -9.46 -34.04 -12.11
CA TYR H 306 -8.96 -35.38 -12.33
C TYR H 306 -7.44 -35.30 -12.41
N THR H 307 -6.77 -36.17 -11.66
CA THR H 307 -5.32 -36.07 -11.69
C THR H 307 -4.70 -37.45 -11.79
N ALA H 308 -3.48 -37.46 -12.32
CA ALA H 308 -2.61 -38.63 -12.27
C ALA H 308 -1.18 -38.14 -12.13
N CYS H 309 -0.21 -39.04 -12.29
CA CYS H 309 1.19 -38.63 -12.36
C CYS H 309 1.76 -38.92 -13.74
N SER H 310 1.30 -39.99 -14.39
CA SER H 310 1.76 -40.39 -15.70
C SER H 310 0.93 -39.71 -16.79
N HIS H 311 1.64 -39.17 -17.78
CA HIS H 311 0.94 -38.58 -18.93
C HIS H 311 0.18 -39.64 -19.70
N ALA H 312 0.71 -40.87 -19.74
CA ALA H 312 -0.05 -41.98 -20.31
C ALA H 312 -1.37 -42.15 -19.59
N ALA H 313 -1.36 -42.00 -18.27
CA ALA H 313 -2.60 -42.14 -17.51
C ALA H 313 -3.55 -40.98 -17.77
N VAL H 314 -3.02 -39.75 -17.88
CA VAL H 314 -3.91 -38.62 -18.11
C VAL H 314 -4.48 -38.67 -19.51
N ASP H 315 -3.80 -39.33 -20.45
CA ASP H 315 -4.38 -39.51 -21.77
C ASP H 315 -5.40 -40.64 -21.77
N ALA H 316 -5.11 -41.74 -21.09
CA ALA H 316 -6.10 -42.80 -20.94
C ALA H 316 -7.34 -42.31 -20.23
N LEU H 317 -7.20 -41.31 -19.38
CA LEU H 317 -8.35 -40.77 -18.65
C LEU H 317 -9.09 -39.73 -19.47
N CYS H 318 -8.38 -38.67 -19.89
CA CYS H 318 -9.00 -37.59 -20.64
C CYS H 318 -9.70 -38.07 -21.90
N GLU H 319 -9.07 -38.98 -22.63
CA GLU H 319 -9.80 -39.69 -23.67
C GLU H 319 -10.64 -40.77 -23.03
N LYS H 320 -11.78 -41.08 -23.67
CA LYS H 320 -12.92 -41.79 -23.10
C LYS H 320 -13.75 -40.84 -22.26
N ALA H 321 -13.12 -39.86 -21.63
CA ALA H 321 -13.82 -38.88 -20.82
C ALA H 321 -14.53 -37.81 -21.65
N LEU H 322 -13.80 -37.18 -22.58
CA LEU H 322 -14.43 -36.24 -23.47
C LEU H 322 -15.60 -36.83 -24.24
N LYS H 323 -15.68 -38.17 -24.29
CA LYS H 323 -16.75 -38.85 -25.00
C LYS H 323 -18.15 -38.43 -24.54
N TYR H 324 -18.47 -38.69 -23.29
CA TYR H 324 -19.79 -38.43 -22.75
C TYR H 324 -19.87 -37.03 -22.18
N LEU H 325 -18.87 -36.19 -22.45
CA LEU H 325 -18.77 -34.88 -21.86
C LEU H 325 -18.81 -33.81 -22.93
N PRO H 326 -19.55 -32.73 -22.72
CA PRO H 326 -19.39 -31.55 -23.58
C PRO H 326 -17.93 -31.12 -23.64
N ILE H 327 -17.61 -30.34 -24.66
CA ILE H 327 -16.23 -29.96 -24.95
C ILE H 327 -16.24 -28.53 -25.46
N ASP H 328 -16.22 -27.53 -24.57
CA ASP H 328 -16.54 -27.54 -23.13
C ASP H 328 -15.86 -28.53 -22.18
N LYS H 329 -14.53 -28.53 -22.13
CA LYS H 329 -13.83 -29.34 -21.14
C LYS H 329 -12.51 -28.67 -20.82
N CYS H 330 -11.87 -29.17 -19.76
CA CYS H 330 -10.54 -28.70 -19.39
C CYS H 330 -9.62 -29.83 -18.99
N SER H 331 -8.45 -29.87 -19.61
CA SER H 331 -7.40 -30.84 -19.31
C SER H 331 -6.05 -30.21 -19.65
N ARG H 332 -5.85 -28.99 -19.16
CA ARG H 332 -4.75 -28.14 -19.59
C ARG H 332 -3.44 -28.40 -18.88
N ILE H 333 -2.75 -29.45 -19.33
CA ILE H 333 -1.70 -30.11 -18.57
C ILE H 333 -0.33 -29.43 -18.59
N ILE H 334 0.25 -29.27 -19.77
CA ILE H 334 1.65 -28.90 -19.91
C ILE H 334 1.78 -27.53 -20.55
N PRO H 335 2.48 -26.58 -19.91
CA PRO H 335 2.71 -25.28 -20.55
C PRO H 335 3.87 -25.36 -21.51
N ALA H 336 5.02 -25.87 -21.05
CA ALA H 336 6.25 -25.85 -21.85
C ALA H 336 7.20 -26.97 -21.43
N ARG H 337 6.68 -28.19 -21.35
CA ARG H 337 7.49 -29.36 -21.07
C ARG H 337 6.96 -30.56 -21.84
N ALA H 338 6.80 -31.70 -21.15
CA ALA H 338 6.22 -32.90 -21.74
C ALA H 338 7.06 -33.41 -22.90
N ARG H 339 8.01 -34.30 -22.59
CA ARG H 339 8.85 -34.96 -23.59
C ARG H 339 8.04 -35.52 -24.74
N VAL H 340 6.79 -35.89 -24.49
CA VAL H 340 5.89 -36.39 -25.51
C VAL H 340 4.64 -35.51 -25.55
N GLU H 341 3.88 -35.64 -26.62
CA GLU H 341 2.65 -34.88 -26.75
C GLU H 341 1.67 -35.27 -25.65
N CYS H 342 0.79 -34.33 -25.30
CA CYS H 342 -0.12 -34.54 -24.18
C CYS H 342 -1.55 -34.19 -24.57
N PHE H 343 -2.20 -33.36 -23.75
CA PHE H 343 -3.57 -32.94 -24.01
C PHE H 343 -3.68 -32.16 -25.30
N ASP H 344 -4.83 -32.28 -25.96
CA ASP H 344 -5.01 -31.74 -27.30
C ASP H 344 -6.28 -30.92 -27.44
N LYS H 345 -6.89 -30.54 -26.33
CA LYS H 345 -8.23 -29.99 -26.44
C LYS H 345 -8.49 -28.49 -26.40
N PHE H 346 -7.85 -27.73 -25.53
CA PHE H 346 -8.21 -26.32 -25.42
C PHE H 346 -7.44 -25.01 -25.26
N LYS H 347 -6.71 -24.90 -24.15
CA LYS H 347 -6.06 -23.68 -23.71
C LYS H 347 -5.20 -24.40 -22.69
N VAL H 348 -4.06 -23.80 -22.35
CA VAL H 348 -3.30 -24.14 -21.16
C VAL H 348 -3.55 -23.54 -19.78
N ASN H 349 -3.91 -22.25 -19.72
CA ASN H 349 -4.00 -21.52 -18.45
C ASN H 349 -5.15 -20.53 -18.28
N SER H 350 -6.35 -21.05 -18.03
CA SER H 350 -7.37 -20.28 -17.31
C SER H 350 -8.38 -21.05 -16.49
N THR H 351 -8.08 -22.29 -16.09
CA THR H 351 -8.93 -23.14 -15.20
C THR H 351 -10.43 -23.05 -15.50
N LEU H 352 -10.75 -23.05 -16.79
CA LEU H 352 -12.13 -22.81 -17.19
C LEU H 352 -13.24 -23.77 -16.82
N GLU H 353 -13.22 -24.97 -17.37
CA GLU H 353 -14.37 -25.86 -17.38
C GLU H 353 -14.36 -26.62 -16.05
N GLN H 354 -15.56 -27.02 -15.63
CA GLN H 354 -15.74 -27.63 -14.32
C GLN H 354 -14.98 -28.95 -14.18
N TYR H 355 -14.51 -29.51 -15.30
CA TYR H 355 -13.81 -30.79 -15.28
C TYR H 355 -12.43 -30.59 -15.90
N VAL H 356 -11.38 -30.67 -15.07
CA VAL H 356 -10.01 -30.53 -15.53
C VAL H 356 -9.33 -31.88 -15.39
N PHE H 357 -8.30 -32.13 -16.18
CA PHE H 357 -7.59 -33.40 -16.22
C PHE H 357 -6.10 -33.15 -16.41
N CYS H 358 -5.30 -33.47 -15.39
CA CYS H 358 -3.88 -33.13 -15.47
C CYS H 358 -3.04 -34.13 -14.66
N THR H 359 -1.75 -33.82 -14.53
CA THR H 359 -0.79 -34.63 -13.80
C THR H 359 -0.31 -33.89 -12.56
N VAL H 360 0.20 -34.66 -11.60
CA VAL H 360 0.46 -34.15 -10.26
C VAL H 360 1.29 -32.89 -10.29
N ASN H 361 2.51 -32.98 -10.83
CA ASN H 361 3.42 -31.85 -10.84
C ASN H 361 2.95 -30.71 -11.72
N ALA H 362 1.80 -30.86 -12.39
CA ALA H 362 1.21 -29.78 -13.16
C ALA H 362 0.06 -29.11 -12.45
N LEU H 363 -0.54 -29.76 -11.45
CA LEU H 363 -1.68 -29.18 -10.77
C LEU H 363 -1.26 -27.93 -10.02
N PRO H 364 -1.76 -26.76 -10.41
CA PRO H 364 -1.44 -25.55 -9.65
C PRO H 364 -2.34 -25.42 -8.44
N GLU H 365 -2.32 -24.24 -7.81
CA GLU H 365 -3.15 -24.01 -6.63
C GLU H 365 -4.55 -23.66 -7.10
N THR H 366 -5.39 -24.69 -7.27
CA THR H 366 -6.75 -24.52 -7.73
C THR H 366 -7.70 -25.21 -6.77
N THR H 367 -9.00 -24.99 -6.99
CA THR H 367 -10.04 -25.56 -6.14
C THR H 367 -11.09 -26.26 -6.98
N ALA H 368 -11.94 -27.03 -6.31
CA ALA H 368 -13.04 -27.73 -6.94
C ALA H 368 -14.05 -28.09 -5.87
N ASP H 369 -15.04 -28.90 -6.23
CA ASP H 369 -15.83 -29.56 -5.21
C ASP H 369 -15.30 -30.95 -4.91
N ILE H 370 -14.79 -31.64 -5.93
CA ILE H 370 -14.20 -32.95 -5.74
C ILE H 370 -12.97 -33.07 -6.64
N VAL H 371 -11.94 -33.68 -6.07
CA VAL H 371 -10.75 -34.07 -6.78
C VAL H 371 -10.72 -35.58 -6.80
N VAL H 372 -10.30 -36.15 -7.93
CA VAL H 372 -10.27 -37.59 -8.11
C VAL H 372 -8.87 -37.97 -8.56
N PHE H 373 -8.37 -39.08 -8.05
CA PHE H 373 -7.06 -39.57 -8.46
C PHE H 373 -7.10 -41.09 -8.55
N ASP H 374 -6.84 -41.61 -9.74
CA ASP H 374 -6.64 -43.04 -9.91
C ASP H 374 -5.15 -43.22 -9.62
N GLU H 375 -4.62 -44.41 -9.89
CA GLU H 375 -3.18 -44.63 -10.00
C GLU H 375 -2.66 -44.80 -8.58
N ILE H 376 -3.55 -44.94 -7.59
CA ILE H 376 -3.13 -44.90 -6.20
C ILE H 376 -2.14 -46.00 -5.85
N SER H 377 -2.14 -47.10 -6.59
CA SER H 377 -1.13 -48.13 -6.40
C SER H 377 0.28 -47.73 -6.81
N MET H 378 0.46 -46.51 -7.29
CA MET H 378 1.74 -46.07 -7.80
C MET H 378 2.40 -44.86 -7.16
N ALA H 379 1.63 -43.89 -6.70
CA ALA H 379 2.19 -42.66 -6.17
C ALA H 379 2.71 -42.85 -4.75
N THR H 380 3.39 -41.84 -4.24
CA THR H 380 3.99 -41.89 -2.91
C THR H 380 3.28 -40.95 -1.95
N ASN H 381 3.53 -41.13 -0.65
CA ASN H 381 2.93 -40.24 0.33
C ASN H 381 3.33 -38.80 0.06
N TYR H 382 4.58 -38.59 -0.33
CA TYR H 382 4.99 -37.30 -0.87
C TYR H 382 3.97 -36.78 -1.88
N ASP H 383 3.61 -37.63 -2.83
CA ASP H 383 2.71 -37.21 -3.89
C ASP H 383 1.32 -36.89 -3.34
N LEU H 384 0.85 -37.70 -2.40
CA LEU H 384 -0.46 -37.43 -1.78
C LEU H 384 -0.48 -36.05 -1.15
N SER H 385 0.55 -35.75 -0.35
CA SER H 385 0.57 -34.45 0.31
C SER H 385 0.71 -33.33 -0.71
N VAL H 386 1.45 -33.55 -1.78
CA VAL H 386 1.48 -32.56 -2.85
C VAL H 386 0.08 -32.29 -3.35
N VAL H 387 -0.67 -33.35 -3.63
CA VAL H 387 -2.04 -33.23 -4.10
C VAL H 387 -2.83 -32.35 -3.13
N ASN H 388 -2.81 -32.70 -1.85
CA ASN H 388 -3.51 -31.91 -0.85
C ASN H 388 -3.05 -30.46 -0.87
N ALA H 389 -1.78 -30.23 -1.20
CA ALA H 389 -1.25 -28.88 -1.18
C ALA H 389 -1.69 -28.07 -2.38
N ARG H 390 -2.01 -28.72 -3.49
CA ARG H 390 -2.36 -27.99 -4.70
C ARG H 390 -3.86 -27.84 -4.90
N LEU H 391 -4.67 -28.57 -4.15
CA LEU H 391 -6.12 -28.59 -4.33
C LEU H 391 -6.78 -28.41 -2.97
N ARG H 392 -7.95 -27.76 -2.97
CA ARG H 392 -8.69 -27.49 -1.74
C ARG H 392 -10.17 -27.74 -2.01
N ALA H 393 -10.45 -28.82 -2.71
CA ALA H 393 -11.81 -29.17 -3.06
C ALA H 393 -12.58 -29.55 -1.80
N LYS H 394 -13.90 -29.74 -1.95
CA LYS H 394 -14.74 -30.17 -0.85
C LYS H 394 -14.87 -31.68 -0.75
N HIS H 395 -14.42 -32.41 -1.77
CA HIS H 395 -14.46 -33.86 -1.73
C HIS H 395 -13.24 -34.41 -2.44
N TYR H 396 -12.89 -35.65 -2.12
CA TYR H 396 -11.73 -36.29 -2.72
C TYR H 396 -12.05 -37.76 -2.92
N VAL H 397 -11.39 -38.40 -3.87
CA VAL H 397 -11.64 -39.82 -4.07
C VAL H 397 -10.43 -40.47 -4.69
N TYR H 398 -10.23 -41.74 -4.34
CA TYR H 398 -9.00 -42.46 -4.60
C TYR H 398 -9.38 -43.78 -5.29
N ILE H 399 -8.75 -44.03 -6.42
CA ILE H 399 -9.09 -45.17 -7.26
C ILE H 399 -7.83 -45.96 -7.55
N GLY H 400 -7.94 -47.28 -7.48
CA GLY H 400 -6.82 -48.10 -7.85
C GLY H 400 -6.75 -49.41 -7.09
N ASP H 401 -6.04 -50.38 -7.66
CA ASP H 401 -5.84 -51.67 -7.07
C ASP H 401 -4.37 -51.89 -6.78
N PRO H 402 -4.00 -52.17 -5.53
CA PRO H 402 -2.60 -52.50 -5.24
C PRO H 402 -2.06 -53.67 -6.04
N ALA H 403 -2.91 -54.38 -6.78
CA ALA H 403 -2.45 -55.45 -7.64
C ALA H 403 -1.53 -54.96 -8.75
N GLN H 404 -1.56 -53.68 -9.09
CA GLN H 404 -0.69 -53.16 -10.13
C GLN H 404 0.73 -52.99 -9.58
N LEU H 405 1.51 -52.12 -10.23
CA LEU H 405 2.90 -51.91 -9.88
C LEU H 405 3.13 -50.47 -9.43
N PRO H 406 3.95 -50.29 -8.43
CA PRO H 406 4.13 -48.95 -7.84
C PRO H 406 5.32 -48.20 -8.39
N ALA H 407 5.68 -47.10 -7.71
CA ALA H 407 6.78 -46.26 -8.12
C ALA H 407 8.08 -47.06 -8.17
N PRO H 408 9.02 -46.66 -9.04
CA PRO H 408 10.25 -47.43 -9.20
C PRO H 408 11.04 -47.57 -7.92
N ARG H 409 11.09 -46.50 -7.11
CA ARG H 409 11.85 -46.45 -5.87
C ARG H 409 13.11 -47.29 -5.94
N THR H 410 14.00 -46.87 -6.84
CA THR H 410 15.14 -47.67 -7.27
C THR H 410 15.99 -48.20 -6.11
N LEU H 411 16.08 -47.45 -5.00
CA LEU H 411 17.02 -47.82 -3.95
C LEU H 411 16.74 -49.19 -3.35
N LEU H 412 15.49 -49.67 -3.43
CA LEU H 412 15.17 -51.01 -2.94
C LEU H 412 16.12 -52.03 -3.53
N THR H 413 16.84 -52.73 -2.66
CA THR H 413 17.73 -53.80 -3.11
C THR H 413 17.66 -55.04 -2.23
N LYS H 414 17.55 -54.90 -0.93
CA LYS H 414 17.36 -56.03 -0.03
C LYS H 414 15.87 -56.07 0.32
N GLY H 415 15.14 -56.95 -0.33
CA GLY H 415 13.74 -57.17 -0.01
C GLY H 415 12.81 -56.41 -0.93
N THR H 416 11.51 -56.63 -0.71
CA THR H 416 10.46 -55.99 -1.49
C THR H 416 9.46 -55.35 -0.54
N LEU H 417 8.75 -54.34 -1.05
CA LEU H 417 7.75 -53.61 -0.28
C LEU H 417 6.37 -54.20 -0.55
N GLU H 418 5.63 -54.39 0.48
CA GLU H 418 4.28 -54.89 0.29
C GLU H 418 3.35 -53.78 -0.16
N PRO H 419 2.39 -54.10 -1.01
CA PRO H 419 1.29 -53.14 -1.26
C PRO H 419 0.68 -52.66 0.03
N GLU H 420 0.73 -53.49 1.07
CA GLU H 420 0.42 -53.10 2.43
C GLU H 420 1.02 -51.75 2.81
N TYR H 421 2.13 -51.35 2.21
CA TYR H 421 2.75 -50.08 2.54
C TYR H 421 3.15 -49.17 1.38
N PHE H 422 2.63 -49.42 0.18
CA PHE H 422 2.85 -48.48 -0.91
C PHE H 422 2.80 -47.01 -0.49
N ASN H 423 1.77 -46.65 0.26
CA ASN H 423 1.66 -45.34 0.90
C ASN H 423 0.48 -45.39 1.87
N SER H 424 0.09 -44.22 2.35
CA SER H 424 -0.91 -44.15 3.42
C SER H 424 -2.24 -44.74 3.00
N VAL H 425 -2.93 -44.05 2.08
CA VAL H 425 -4.27 -44.47 1.71
C VAL H 425 -4.27 -45.93 1.25
N CYS H 426 -3.19 -46.36 0.60
CA CYS H 426 -3.09 -47.77 0.23
C CYS H 426 -2.92 -48.65 1.46
N ARG H 427 -2.12 -48.22 2.44
CA ARG H 427 -1.99 -49.01 3.66
C ARG H 427 -3.35 -49.15 4.33
N LEU H 428 -4.20 -48.13 4.20
CA LEU H 428 -5.53 -48.22 4.79
C LEU H 428 -6.40 -49.18 4.00
N MET H 429 -6.54 -48.94 2.70
CA MET H 429 -7.32 -49.81 1.84
C MET H 429 -6.94 -51.28 2.00
N LYS H 430 -5.66 -51.56 2.27
CA LYS H 430 -5.25 -52.94 2.51
C LYS H 430 -5.31 -53.34 3.97
N THR H 431 -5.50 -52.39 4.88
CA THR H 431 -5.62 -52.75 6.28
C THR H 431 -7.03 -52.55 6.81
N ILE H 432 -7.92 -51.94 6.01
CA ILE H 432 -9.29 -51.69 6.46
C ILE H 432 -10.29 -51.77 5.32
N GLY H 433 -9.84 -51.79 4.07
CA GLY H 433 -10.73 -51.94 2.95
C GLY H 433 -10.91 -50.66 2.15
N PRO H 434 -11.37 -50.80 0.90
CA PRO H 434 -11.60 -49.61 0.07
C PRO H 434 -12.91 -48.94 0.36
N ASP H 435 -13.78 -49.58 1.13
CA ASP H 435 -15.13 -49.11 1.44
C ASP H 435 -16.01 -49.20 0.21
N MET H 436 -15.39 -49.36 -0.97
CA MET H 436 -16.13 -49.64 -2.20
C MET H 436 -15.29 -50.58 -3.05
N PHE H 437 -15.80 -51.78 -3.30
CA PHE H 437 -15.25 -52.69 -4.29
C PHE H 437 -15.94 -52.44 -5.63
N LEU H 438 -15.16 -52.47 -6.70
CA LEU H 438 -15.65 -52.14 -8.03
C LEU H 438 -15.64 -53.34 -8.95
N GLY H 439 -16.72 -53.51 -9.72
CA GLY H 439 -16.82 -54.52 -10.76
C GLY H 439 -17.82 -54.09 -11.82
N THR H 440 -17.76 -54.67 -13.02
CA THR H 440 -16.80 -55.72 -13.32
C THR H 440 -15.99 -55.38 -14.56
N CYS H 441 -15.41 -56.40 -15.19
CA CYS H 441 -14.56 -56.19 -16.35
C CYS H 441 -15.36 -55.81 -17.59
N ARG H 442 -14.63 -55.35 -18.58
CA ARG H 442 -15.22 -54.95 -19.85
C ARG H 442 -14.51 -55.48 -21.10
N ARG H 443 -13.23 -55.14 -21.29
CA ARG H 443 -12.58 -55.41 -22.57
C ARG H 443 -12.12 -56.87 -22.67
N CYS H 444 -11.28 -57.30 -21.74
CA CYS H 444 -10.55 -58.55 -21.90
C CYS H 444 -11.50 -59.75 -21.94
N PRO H 445 -11.04 -60.88 -22.46
CA PRO H 445 -11.85 -62.10 -22.41
C PRO H 445 -11.92 -62.69 -21.02
N ALA H 446 -12.94 -63.51 -20.79
CA ALA H 446 -13.17 -64.10 -19.48
C ALA H 446 -12.03 -65.02 -19.07
N GLU H 447 -11.53 -65.84 -19.98
CA GLU H 447 -10.53 -66.82 -19.59
C GLU H 447 -9.25 -66.18 -19.09
N ILE H 448 -8.96 -64.95 -19.51
CA ILE H 448 -7.80 -64.23 -18.99
C ILE H 448 -8.10 -63.51 -17.70
N VAL H 449 -9.32 -63.59 -17.20
CA VAL H 449 -9.66 -63.11 -15.88
C VAL H 449 -10.23 -64.18 -14.95
N ASP H 450 -10.84 -65.22 -15.51
CA ASP H 450 -11.42 -66.25 -14.67
C ASP H 450 -10.34 -67.07 -13.97
N THR H 451 -9.18 -67.22 -14.63
CA THR H 451 -8.05 -67.87 -13.97
C THR H 451 -7.16 -66.85 -13.27
N VAL H 452 -7.12 -65.62 -13.77
CA VAL H 452 -6.29 -64.59 -13.18
C VAL H 452 -6.94 -63.98 -11.94
N SER H 453 -8.26 -64.15 -11.78
CA SER H 453 -8.87 -63.83 -10.49
C SER H 453 -8.57 -64.89 -9.44
N ALA H 454 -8.05 -66.05 -9.84
CA ALA H 454 -7.65 -67.06 -8.88
C ALA H 454 -6.31 -66.73 -8.24
N LEU H 455 -5.69 -65.61 -8.60
CA LEU H 455 -4.38 -65.30 -8.06
C LEU H 455 -4.39 -64.12 -7.07
N VAL H 456 -4.53 -62.89 -7.56
CA VAL H 456 -4.44 -61.74 -6.65
C VAL H 456 -5.85 -61.56 -6.12
N TYR H 457 -6.83 -61.56 -7.02
CA TYR H 457 -8.22 -61.41 -6.59
C TYR H 457 -8.69 -62.69 -5.93
N ASP H 458 -9.91 -62.68 -5.39
CA ASP H 458 -10.54 -63.85 -4.79
C ASP H 458 -11.64 -64.37 -5.70
N ASN H 459 -11.32 -64.55 -6.97
CA ASN H 459 -12.31 -64.91 -8.00
C ASN H 459 -13.46 -63.91 -7.99
N LYS H 460 -13.10 -62.62 -7.91
CA LYS H 460 -14.09 -61.57 -7.76
C LYS H 460 -14.59 -60.88 -9.01
N LEU H 461 -13.71 -60.43 -9.91
CA LEU H 461 -14.13 -59.70 -11.09
C LEU H 461 -14.61 -60.73 -12.10
N LYS H 462 -15.52 -60.31 -12.97
CA LYS H 462 -16.10 -61.19 -13.95
C LYS H 462 -16.03 -60.55 -15.33
N ALA H 463 -15.85 -61.39 -16.33
CA ALA H 463 -15.88 -60.99 -17.74
C ALA H 463 -16.46 -62.15 -18.52
N HIS H 464 -16.51 -61.98 -19.84
CA HIS H 464 -17.12 -62.97 -20.71
C HIS H 464 -16.36 -62.99 -22.03
N LYS H 465 -16.87 -63.73 -23.00
CA LYS H 465 -16.22 -63.89 -24.30
C LYS H 465 -14.79 -64.43 -24.14
N ASP H 466 -14.70 -65.56 -23.45
CA ASP H 466 -13.41 -66.09 -23.02
C ASP H 466 -12.49 -66.40 -24.20
N LYS H 467 -13.07 -66.70 -25.37
CA LYS H 467 -12.27 -67.00 -26.55
C LYS H 467 -11.35 -65.83 -26.90
N SER H 468 -10.22 -66.12 -27.57
CA SER H 468 -9.88 -67.46 -28.08
C SER H 468 -8.43 -67.85 -27.89
N ALA H 469 -8.21 -69.16 -27.78
CA ALA H 469 -6.88 -69.78 -27.73
C ALA H 469 -5.95 -69.06 -26.74
N GLN H 470 -6.43 -68.95 -25.51
CA GLN H 470 -5.64 -68.41 -24.41
C GLN H 470 -5.17 -69.60 -23.60
N CYS H 471 -3.87 -69.89 -23.68
CA CYS H 471 -3.31 -71.10 -23.11
C CYS H 471 -2.01 -70.76 -22.41
N PHE H 472 -1.54 -71.70 -21.59
CA PHE H 472 -0.25 -71.57 -20.94
C PHE H 472 0.65 -72.70 -21.44
N LYS H 473 1.56 -72.37 -22.35
CA LYS H 473 2.49 -73.33 -22.94
C LYS H 473 3.70 -73.28 -22.03
N MET H 474 3.54 -73.82 -20.83
CA MET H 474 4.55 -73.65 -19.77
C MET H 474 5.77 -74.47 -20.17
N PHE H 475 6.80 -73.77 -20.63
CA PHE H 475 8.04 -74.39 -21.10
C PHE H 475 9.11 -74.25 -20.02
N TYR H 476 9.68 -75.38 -19.62
CA TYR H 476 10.76 -75.35 -18.64
C TYR H 476 11.92 -74.54 -19.19
N LYS H 477 12.34 -73.52 -18.45
CA LYS H 477 13.27 -72.53 -18.97
C LYS H 477 14.61 -73.17 -19.35
N GLY H 478 15.24 -72.58 -20.37
CA GLY H 478 16.57 -73.01 -20.79
C GLY H 478 17.66 -72.36 -19.98
N VAL H 479 18.89 -72.48 -20.48
CA VAL H 479 20.06 -71.96 -19.79
C VAL H 479 20.05 -70.44 -19.83
N ILE H 480 20.87 -69.81 -18.99
CA ILE H 480 20.92 -68.35 -18.88
C ILE H 480 22.00 -67.80 -19.80
N THR H 481 21.60 -67.14 -20.88
CA THR H 481 22.52 -66.59 -21.86
C THR H 481 22.03 -65.15 -21.97
N HIS H 482 22.45 -64.29 -21.05
CA HIS H 482 21.93 -62.93 -20.98
C HIS H 482 23.11 -62.14 -21.54
N ASP H 483 22.84 -61.33 -22.56
CA ASP H 483 23.84 -60.46 -23.16
C ASP H 483 24.23 -59.34 -22.19
N VAL H 484 23.27 -58.49 -21.83
CA VAL H 484 23.46 -57.51 -20.77
C VAL H 484 23.00 -58.16 -19.48
N SER H 485 22.80 -57.35 -18.42
CA SER H 485 22.37 -57.90 -17.14
C SER H 485 21.05 -58.65 -17.25
N SER H 486 20.04 -58.02 -17.84
CA SER H 486 18.72 -58.63 -17.97
C SER H 486 18.76 -59.84 -18.91
N ALA H 487 17.87 -60.78 -18.66
CA ALA H 487 18.01 -62.14 -19.18
C ALA H 487 17.64 -62.25 -20.65
N ILE H 488 18.47 -62.98 -21.39
CA ILE H 488 18.19 -63.40 -22.76
C ILE H 488 17.59 -64.79 -22.69
N ASN H 489 16.30 -64.90 -23.00
CA ASN H 489 15.61 -66.18 -22.93
C ASN H 489 15.34 -66.79 -24.32
N ARG H 490 16.30 -66.57 -25.22
CA ARG H 490 16.19 -67.12 -26.56
C ARG H 490 15.79 -68.59 -26.63
N PRO H 491 16.25 -69.50 -25.77
CA PRO H 491 15.64 -70.82 -25.75
C PRO H 491 14.16 -70.78 -25.41
N GLN H 492 13.76 -69.89 -24.51
CA GLN H 492 12.34 -69.73 -24.22
C GLN H 492 11.58 -69.24 -25.44
N ILE H 493 12.16 -68.28 -26.17
CA ILE H 493 11.57 -67.87 -27.43
C ILE H 493 11.67 -68.99 -28.46
N GLY H 494 12.46 -70.02 -28.16
CA GLY H 494 12.57 -71.18 -29.01
C GLY H 494 11.32 -72.03 -29.01
N VAL H 495 10.30 -71.58 -28.29
CA VAL H 495 8.98 -72.21 -28.34
C VAL H 495 8.11 -71.64 -29.44
N VAL H 496 8.51 -70.51 -30.05
CA VAL H 496 7.69 -69.85 -31.05
C VAL H 496 8.28 -69.97 -32.46
N ARG H 497 9.52 -70.43 -32.60
CA ARG H 497 10.07 -70.67 -33.93
C ARG H 497 9.20 -71.63 -34.73
N GLU H 498 8.95 -72.82 -34.17
CA GLU H 498 7.95 -73.74 -34.70
C GLU H 498 6.51 -73.26 -34.63
N PHE H 499 6.30 -72.00 -34.26
CA PHE H 499 4.97 -71.41 -34.17
C PHE H 499 4.73 -70.08 -34.87
N LEU H 500 5.78 -69.37 -35.29
CA LEU H 500 5.57 -68.16 -36.08
C LEU H 500 4.82 -68.44 -37.38
N THR H 501 4.87 -69.67 -37.87
CA THR H 501 4.14 -70.06 -39.06
C THR H 501 2.89 -70.87 -38.75
N ARG H 502 2.84 -71.52 -37.59
CA ARG H 502 1.64 -72.24 -37.17
C ARG H 502 0.49 -71.32 -36.78
N ASN H 503 0.65 -70.02 -36.94
CA ASN H 503 -0.39 -69.06 -36.53
C ASN H 503 -0.47 -68.13 -37.75
N PRO H 504 -1.20 -68.48 -38.81
CA PRO H 504 -1.34 -67.56 -39.92
C PRO H 504 -2.38 -66.52 -39.59
N ALA H 505 -3.39 -66.93 -38.82
CA ALA H 505 -4.42 -66.03 -38.34
C ALA H 505 -3.98 -65.20 -37.15
N TRP H 506 -2.95 -65.66 -36.43
CA TRP H 506 -2.40 -64.95 -35.28
C TRP H 506 -1.05 -64.38 -35.67
N ARG H 507 -1.04 -63.56 -36.72
CA ARG H 507 0.15 -62.81 -37.10
C ARG H 507 -0.01 -61.38 -36.63
N LYS H 508 -0.80 -61.19 -35.57
CA LYS H 508 -1.16 -59.88 -35.04
C LYS H 508 -0.88 -59.75 -33.54
N ALA H 509 0.08 -60.50 -33.02
CA ALA H 509 0.38 -60.50 -31.59
C ALA H 509 1.43 -59.45 -31.25
N VAL H 510 1.85 -59.42 -29.99
CA VAL H 510 2.86 -58.49 -29.50
C VAL H 510 3.67 -59.17 -28.40
N PHE H 511 4.98 -59.17 -28.55
CA PHE H 511 5.86 -59.78 -27.57
C PHE H 511 5.87 -58.97 -26.28
N ILE H 512 5.95 -59.68 -25.15
CA ILE H 512 6.12 -59.07 -23.85
C ILE H 512 7.14 -59.87 -23.08
N SER H 513 7.88 -59.21 -22.19
CA SER H 513 8.82 -59.89 -21.31
C SER H 513 9.26 -58.91 -20.25
N PRO H 514 9.46 -59.37 -19.01
CA PRO H 514 9.82 -58.43 -17.93
C PRO H 514 11.19 -57.81 -18.15
N TYR H 515 12.22 -58.65 -18.25
CA TYR H 515 13.54 -58.15 -18.62
C TYR H 515 13.50 -57.56 -20.02
N ASN H 516 14.03 -56.34 -20.16
CA ASN H 516 13.86 -55.62 -21.42
C ASN H 516 14.80 -56.14 -22.50
N SER H 517 15.92 -56.77 -22.09
CA SER H 517 16.75 -57.39 -23.11
C SER H 517 16.15 -58.72 -23.57
N GLN H 518 15.21 -59.27 -22.81
CA GLN H 518 14.40 -60.35 -23.34
C GLN H 518 13.43 -59.84 -24.40
N ASN H 519 13.05 -58.56 -24.32
CA ASN H 519 12.42 -57.91 -25.47
C ASN H 519 13.43 -57.67 -26.59
N ALA H 520 14.69 -57.40 -26.23
CA ALA H 520 15.69 -57.05 -27.23
C ALA H 520 16.08 -58.24 -28.10
N VAL H 521 16.50 -59.35 -27.47
CA VAL H 521 16.91 -60.52 -28.25
C VAL H 521 15.71 -61.11 -28.99
N ALA H 522 14.50 -60.90 -28.48
CA ALA H 522 13.31 -61.27 -29.24
C ALA H 522 13.16 -60.38 -30.46
N SER H 523 13.38 -59.07 -30.28
CA SER H 523 13.42 -58.15 -31.40
C SER H 523 14.49 -58.54 -32.42
N LYS H 524 15.53 -59.24 -31.97
CA LYS H 524 16.50 -59.81 -32.91
C LYS H 524 15.87 -60.96 -33.69
N ILE H 525 15.23 -61.89 -32.99
CA ILE H 525 14.58 -63.04 -33.61
C ILE H 525 13.11 -62.67 -33.76
N LEU H 526 12.86 -61.48 -34.31
CA LEU H 526 11.53 -60.90 -34.35
C LEU H 526 10.84 -61.19 -35.67
N GLY H 527 9.52 -61.12 -35.62
CA GLY H 527 8.68 -61.13 -36.81
C GLY H 527 7.35 -60.48 -36.49
N LEU H 528 7.20 -60.04 -35.25
CA LEU H 528 5.96 -59.48 -34.73
C LEU H 528 6.31 -58.44 -33.67
N PRO H 529 5.53 -57.37 -33.53
CA PRO H 529 5.94 -56.25 -32.67
C PRO H 529 6.01 -56.61 -31.19
N THR H 530 6.60 -55.70 -30.41
CA THR H 530 6.80 -55.87 -28.97
C THR H 530 6.15 -54.72 -28.22
N GLN H 531 5.86 -54.96 -26.92
CA GLN H 531 5.32 -53.91 -26.04
C GLN H 531 5.34 -54.47 -24.61
N THR H 532 6.13 -53.84 -23.74
CA THR H 532 6.26 -54.30 -22.36
C THR H 532 5.32 -53.50 -21.45
N VAL H 533 5.14 -54.02 -20.22
CA VAL H 533 4.31 -53.38 -19.20
C VAL H 533 4.63 -51.91 -19.00
N ASP H 534 5.87 -51.50 -19.24
CA ASP H 534 6.27 -50.13 -18.97
C ASP H 534 5.34 -49.11 -19.61
N SER H 535 5.31 -49.06 -20.94
CA SER H 535 4.47 -48.08 -21.63
C SER H 535 3.04 -48.55 -21.78
N SER H 536 2.50 -49.28 -20.80
CA SER H 536 1.13 -49.78 -20.87
C SER H 536 0.15 -48.75 -20.35
N GLN H 537 -0.78 -49.21 -19.51
CA GLN H 537 -1.72 -48.34 -18.80
C GLN H 537 -2.68 -47.65 -19.78
N GLY H 538 -3.68 -48.42 -20.22
CA GLY H 538 -4.76 -47.88 -21.02
C GLY H 538 -4.74 -48.23 -22.49
N SER H 539 -4.51 -49.50 -22.81
CA SER H 539 -4.55 -49.97 -24.19
C SER H 539 -4.66 -51.49 -24.22
N GLU H 540 -4.94 -52.03 -25.41
CA GLU H 540 -5.03 -53.47 -25.61
C GLU H 540 -4.53 -53.85 -27.00
N TYR H 541 -3.63 -54.84 -27.04
CA TYR H 541 -3.28 -55.54 -28.27
C TYR H 541 -4.15 -56.78 -28.39
N ASP H 542 -4.67 -57.01 -29.60
CA ASP H 542 -5.53 -58.16 -29.85
C ASP H 542 -4.87 -59.47 -29.44
N TYR H 543 -3.87 -59.90 -30.20
CA TYR H 543 -3.07 -61.05 -29.81
C TYR H 543 -1.76 -60.63 -29.14
N VAL H 544 -1.22 -61.53 -28.34
CA VAL H 544 -0.03 -61.28 -27.53
C VAL H 544 0.44 -62.66 -27.10
N ILE H 545 1.74 -62.79 -26.88
CA ILE H 545 2.34 -64.07 -26.47
C ILE H 545 3.18 -63.72 -25.26
N PHE H 546 2.73 -64.12 -24.08
CA PHE H 546 3.50 -63.90 -22.88
C PHE H 546 4.71 -64.80 -22.88
N THR H 547 5.89 -64.21 -22.82
CA THR H 547 7.16 -64.92 -22.83
C THR H 547 7.87 -64.66 -21.51
N GLN H 548 8.06 -65.71 -20.73
CA GLN H 548 8.61 -65.57 -19.39
C GLN H 548 10.13 -65.63 -19.44
N THR H 549 10.78 -65.07 -18.42
CA THR H 549 12.23 -65.03 -18.34
C THR H 549 12.70 -65.98 -17.26
N THR H 550 13.78 -65.63 -16.59
CA THR H 550 14.35 -66.45 -15.53
C THR H 550 13.30 -66.77 -14.47
N GLU H 551 13.41 -67.96 -13.88
CA GLU H 551 12.56 -68.40 -12.77
C GLU H 551 12.54 -67.44 -11.62
N THR H 552 13.49 -66.51 -11.54
CA THR H 552 13.43 -65.45 -10.54
C THR H 552 12.10 -64.71 -10.64
N ALA H 553 11.65 -64.19 -9.50
CA ALA H 553 10.34 -63.54 -9.44
C ALA H 553 10.25 -62.33 -10.35
N HIS H 554 11.37 -61.91 -10.95
CA HIS H 554 11.30 -60.87 -11.97
C HIS H 554 10.39 -61.30 -13.11
N SER H 555 10.40 -62.58 -13.44
CA SER H 555 9.45 -63.09 -14.42
C SER H 555 7.98 -63.18 -14.03
N CYS H 556 7.68 -63.95 -13.00
CA CYS H 556 6.30 -64.19 -12.57
C CYS H 556 6.41 -63.17 -11.44
N ASN H 557 6.18 -61.90 -11.74
CA ASN H 557 5.99 -60.90 -10.70
C ASN H 557 4.48 -60.83 -10.82
N VAL H 558 3.79 -61.39 -9.83
CA VAL H 558 2.35 -61.57 -9.91
C VAL H 558 1.65 -60.25 -10.21
N ASN H 559 2.18 -59.14 -9.71
CA ASN H 559 1.65 -57.83 -10.10
C ASN H 559 1.99 -57.54 -11.56
N ARG H 560 3.28 -57.64 -11.90
CA ARG H 560 3.70 -57.38 -13.27
C ARG H 560 3.07 -58.37 -14.23
N PHE H 561 3.06 -59.65 -13.87
CA PHE H 561 2.37 -60.64 -14.67
C PHE H 561 0.89 -60.30 -14.84
N ASN H 562 0.21 -60.03 -13.73
CA ASN H 562 -1.22 -59.76 -13.78
C ASN H 562 -1.54 -58.59 -14.70
N VAL H 563 -0.83 -57.48 -14.52
CA VAL H 563 -1.08 -56.34 -15.39
C VAL H 563 -0.74 -56.68 -16.82
N ALA H 564 0.28 -57.53 -17.05
CA ALA H 564 0.58 -58.01 -18.38
C ALA H 564 -0.54 -58.87 -18.95
N ILE H 565 -1.43 -59.37 -18.10
CA ILE H 565 -2.56 -60.16 -18.55
C ILE H 565 -3.72 -59.23 -18.89
N THR H 566 -3.93 -58.23 -18.05
CA THR H 566 -5.13 -57.41 -18.07
C THR H 566 -5.21 -56.52 -19.31
N ARG H 567 -4.15 -56.47 -20.10
CA ARG H 567 -4.13 -55.54 -21.22
C ARG H 567 -4.34 -56.25 -22.54
N ALA H 568 -5.32 -57.16 -22.61
CA ALA H 568 -5.51 -57.98 -23.79
C ALA H 568 -6.98 -58.11 -24.19
N LYS H 569 -7.19 -58.30 -25.50
CA LYS H 569 -8.52 -58.50 -26.07
C LYS H 569 -8.91 -59.92 -26.46
N VAL H 570 -7.99 -60.70 -27.05
CA VAL H 570 -8.37 -62.01 -27.58
C VAL H 570 -7.53 -63.11 -26.92
N GLY H 571 -6.30 -63.28 -27.37
CA GLY H 571 -5.55 -64.49 -27.06
C GLY H 571 -4.21 -64.20 -26.42
N ILE H 572 -3.66 -65.24 -25.81
CA ILE H 572 -2.40 -65.14 -25.08
C ILE H 572 -1.75 -66.53 -25.01
N LEU H 573 -0.42 -66.55 -25.00
CA LEU H 573 0.34 -67.76 -24.74
C LEU H 573 1.31 -67.51 -23.60
N CYS H 574 1.39 -68.44 -22.67
CA CYS H 574 2.21 -68.31 -21.47
C CYS H 574 3.25 -69.42 -21.45
N ILE H 575 4.52 -69.06 -21.35
CA ILE H 575 5.62 -70.00 -21.51
C ILE H 575 6.62 -69.79 -20.36
N MET H 576 6.48 -70.57 -19.30
CA MET H 576 7.40 -70.50 -18.17
C MET H 576 7.66 -71.91 -17.69
N SER H 577 8.82 -72.11 -17.06
CA SER H 577 9.10 -73.36 -16.38
C SER H 577 7.92 -73.75 -15.50
N ASP H 578 7.67 -72.95 -14.47
CA ASP H 578 6.39 -72.92 -13.78
C ASP H 578 6.10 -74.24 -13.06
N ARG H 579 6.49 -74.26 -11.78
CA ARG H 579 6.22 -75.42 -10.95
C ARG H 579 4.85 -75.23 -10.32
N ASP H 580 4.53 -74.03 -9.86
CA ASP H 580 3.24 -73.75 -9.23
C ASP H 580 2.33 -72.71 -9.86
N LEU H 581 2.92 -71.71 -10.53
CA LEU H 581 2.13 -70.61 -11.09
C LEU H 581 1.08 -71.12 -12.08
N TYR H 582 1.46 -72.09 -12.91
CA TYR H 582 0.55 -72.63 -13.93
C TYR H 582 -0.67 -73.30 -13.33
N ASP H 583 -0.63 -73.61 -12.03
CA ASP H 583 -1.81 -74.10 -11.34
C ASP H 583 -2.79 -72.99 -10.98
N LYS H 584 -2.52 -71.77 -11.42
CA LYS H 584 -3.44 -70.65 -11.20
C LYS H 584 -3.99 -70.07 -12.50
N LEU H 585 -3.27 -70.21 -13.61
CA LEU H 585 -3.80 -69.90 -14.93
C LEU H 585 -4.22 -71.21 -15.59
N GLN H 586 -5.51 -71.50 -15.53
CA GLN H 586 -6.08 -72.76 -16.02
C GLN H 586 -6.51 -72.55 -17.46
N PHE H 587 -5.73 -73.08 -18.39
CA PHE H 587 -6.13 -73.14 -19.78
C PHE H 587 -5.86 -74.55 -20.27
N THR H 588 -5.98 -74.74 -21.58
CA THR H 588 -5.49 -75.96 -22.20
C THR H 588 -3.99 -76.03 -21.93
N SER H 589 -3.59 -76.97 -21.08
CA SER H 589 -2.18 -77.13 -20.77
C SER H 589 -1.43 -77.64 -21.99
N LEU H 590 -0.52 -76.83 -22.50
CA LEU H 590 0.18 -77.13 -23.74
C LEU H 590 1.68 -77.27 -23.47
N GLU H 591 2.34 -78.04 -24.32
CA GLU H 591 3.78 -78.22 -24.28
C GLU H 591 4.39 -77.66 -25.56
N ILE H 592 5.72 -77.70 -25.64
CA ILE H 592 6.46 -77.06 -26.73
C ILE H 592 6.92 -78.07 -27.78
N PRO H 593 7.57 -79.20 -27.41
CA PRO H 593 7.94 -80.17 -28.46
C PRO H 593 6.70 -80.81 -29.06
N ARG H 594 5.56 -80.65 -28.40
CA ARG H 594 4.28 -81.13 -28.91
C ARG H 594 3.42 -79.93 -29.23
N ARG H 595 2.68 -80.00 -30.33
CA ARG H 595 1.90 -78.87 -30.81
C ARG H 595 0.40 -79.13 -30.69
N ASN H 596 -0.07 -79.25 -29.46
CA ASN H 596 -1.48 -79.44 -29.17
C ASN H 596 -1.83 -78.77 -27.84
N ALA I 1 -6.89 6.14 30.54
CA ALA I 1 -7.96 5.33 31.10
C ALA I 1 -8.69 6.07 32.21
N VAL I 2 -9.07 7.31 31.94
CA VAL I 2 -9.79 8.14 32.88
C VAL I 2 -11.27 8.18 32.48
N GLY I 3 -12.01 9.05 33.15
CA GLY I 3 -13.40 9.22 32.80
C GLY I 3 -14.08 10.22 33.70
N ALA I 4 -15.38 9.99 33.90
CA ALA I 4 -16.20 10.86 34.71
C ALA I 4 -16.81 10.08 35.86
N CYS I 5 -16.97 10.73 37.00
CA CYS I 5 -17.54 10.05 38.16
C CYS I 5 -19.01 9.78 37.92
N VAL I 6 -19.40 8.51 38.03
CA VAL I 6 -20.78 8.14 37.78
C VAL I 6 -21.73 8.91 38.68
N LEU I 7 -21.23 9.53 39.73
CA LEU I 7 -22.08 10.35 40.58
C LEU I 7 -21.81 11.83 40.46
N CYS I 8 -20.58 12.23 40.13
CA CYS I 8 -20.24 13.64 40.05
C CYS I 8 -19.71 14.04 38.69
N ASN I 9 -19.49 13.10 37.78
CA ASN I 9 -18.89 13.37 36.48
C ASN I 9 -17.53 14.03 36.60
N SER I 10 -16.88 13.88 37.73
CA SER I 10 -15.55 14.44 37.91
C SER I 10 -14.51 13.50 37.32
N GLN I 11 -13.33 14.05 37.06
CA GLN I 11 -12.25 13.25 36.52
C GLN I 11 -11.74 12.28 37.57
N THR I 12 -11.40 11.07 37.14
CA THR I 12 -10.92 10.04 38.04
C THR I 12 -10.30 8.90 37.24
N SER I 13 -9.81 7.91 37.96
CA SER I 13 -9.18 6.74 37.35
C SER I 13 -9.38 5.50 38.21
N LEU I 14 -10.60 5.29 38.68
CA LEU I 14 -10.88 4.22 39.63
C LEU I 14 -12.08 3.42 39.15
N ARG I 15 -12.15 2.17 39.57
CA ARG I 15 -13.32 1.35 39.31
C ARG I 15 -13.42 0.28 40.37
N CYS I 16 -14.57 0.22 41.02
CA CYS I 16 -14.79 -0.74 42.09
C CYS I 16 -14.80 -2.15 41.50
N GLY I 17 -13.61 -2.68 41.24
CA GLY I 17 -13.52 -4.00 40.64
C GLY I 17 -14.32 -5.04 41.41
N ALA I 18 -14.58 -4.78 42.68
CA ALA I 18 -15.48 -5.66 43.43
C ALA I 18 -16.92 -5.52 42.95
N CYS I 19 -17.38 -4.31 42.68
CA CYS I 19 -18.64 -4.15 41.99
C CYS I 19 -18.53 -4.74 40.59
N ILE I 20 -19.64 -5.27 40.09
CA ILE I 20 -19.60 -6.10 38.89
C ILE I 20 -19.12 -5.31 37.69
N ARG I 21 -19.78 -4.20 37.40
CA ARG I 21 -19.65 -3.58 36.09
C ARG I 21 -18.52 -2.57 35.98
N ARG I 22 -17.70 -2.42 37.01
CA ARG I 22 -16.56 -1.54 36.94
C ARG I 22 -16.96 -0.13 36.51
N PRO I 23 -17.68 0.61 37.34
CA PRO I 23 -18.03 1.97 37.00
C PRO I 23 -17.03 2.97 37.54
N PHE I 24 -16.83 4.05 36.79
CA PHE I 24 -15.94 5.10 37.24
C PHE I 24 -16.51 5.79 38.46
N LEU I 25 -15.64 6.16 39.40
CA LEU I 25 -16.05 6.75 40.66
C LEU I 25 -15.11 7.89 41.00
N CYS I 26 -15.66 8.99 41.51
CA CYS I 26 -14.79 10.02 42.05
C CYS I 26 -14.13 9.51 43.32
N CYS I 27 -13.22 10.31 43.87
CA CYS I 27 -12.51 9.88 45.06
C CYS I 27 -13.48 9.64 46.21
N LYS I 28 -14.07 10.72 46.73
CA LYS I 28 -14.98 10.59 47.86
C LYS I 28 -16.03 9.53 47.63
N CYS I 29 -16.65 9.52 46.45
CA CYS I 29 -17.61 8.47 46.15
C CYS I 29 -16.99 7.10 46.32
N CYS I 30 -15.77 6.91 45.83
CA CYS I 30 -15.14 5.61 45.97
C CYS I 30 -14.92 5.27 47.43
N TYR I 31 -14.45 6.24 48.21
CA TYR I 31 -14.23 6.01 49.62
C TYR I 31 -15.51 5.57 50.29
N ASP I 32 -16.63 6.17 49.92
CA ASP I 32 -17.86 5.83 50.59
C ASP I 32 -18.39 4.48 50.14
N HIS I 33 -18.32 4.19 48.84
CA HIS I 33 -18.75 2.88 48.39
C HIS I 33 -17.94 1.78 49.06
N VAL I 34 -16.65 2.02 49.28
CA VAL I 34 -15.82 0.98 49.86
C VAL I 34 -15.96 0.90 51.38
N ILE I 35 -16.20 2.01 52.06
CA ILE I 35 -16.24 1.97 53.52
C ILE I 35 -17.51 1.30 53.99
N SER I 36 -18.56 1.33 53.17
CA SER I 36 -19.87 0.88 53.58
C SER I 36 -20.29 -0.44 52.97
N THR I 37 -19.38 -1.19 52.37
CA THR I 37 -19.74 -2.37 51.62
C THR I 37 -18.63 -3.40 51.66
N SER I 38 -19.02 -4.67 51.57
CA SER I 38 -18.04 -5.72 51.35
C SER I 38 -17.21 -5.49 50.11
N HIS I 39 -17.71 -4.69 49.16
CA HIS I 39 -16.90 -4.24 48.05
C HIS I 39 -15.59 -3.52 48.37
N LYS I 40 -14.47 -4.19 48.14
CA LYS I 40 -13.20 -3.62 48.55
C LYS I 40 -12.11 -3.45 47.49
N LEU I 41 -12.04 -4.31 46.49
CA LEU I 41 -10.95 -4.28 45.52
C LEU I 41 -11.18 -3.11 44.59
N VAL I 42 -10.25 -2.16 44.61
CA VAL I 42 -10.29 -0.99 43.73
C VAL I 42 -9.22 -1.16 42.67
N LEU I 43 -9.57 -0.85 41.43
CA LEU I 43 -8.66 -0.92 40.30
C LEU I 43 -8.37 0.49 39.82
N SER I 44 -7.14 0.73 39.41
CA SER I 44 -6.76 2.01 38.85
C SER I 44 -6.02 1.77 37.53
N VAL I 45 -5.05 2.62 37.20
CA VAL I 45 -4.18 2.35 36.07
C VAL I 45 -3.56 0.98 36.20
N ASN I 46 -3.46 0.48 37.43
CA ASN I 46 -3.00 -0.86 37.74
C ASN I 46 -3.88 -1.40 38.85
N PRO I 47 -3.85 -2.70 39.10
CA PRO I 47 -4.53 -3.23 40.28
C PRO I 47 -3.90 -2.70 41.56
N TYR I 48 -4.64 -2.85 42.65
CA TYR I 48 -4.16 -2.41 43.95
C TYR I 48 -3.98 -3.66 44.80
N VAL I 49 -2.82 -4.29 44.75
CA VAL I 49 -2.55 -5.37 45.69
C VAL I 49 -1.11 -5.12 46.14
N CYS I 50 -0.72 -5.75 47.23
CA CYS I 50 0.66 -5.68 47.69
C CYS I 50 1.56 -6.36 46.68
N ASN I 51 2.55 -5.63 46.18
CA ASN I 51 3.40 -6.19 45.13
C ASN I 51 4.45 -7.14 45.66
N ALA I 52 4.68 -7.17 46.97
CA ALA I 52 5.53 -8.19 47.52
C ALA I 52 4.88 -9.55 47.28
N PRO I 53 5.55 -10.47 46.59
CA PRO I 53 4.90 -11.74 46.22
C PRO I 53 4.39 -12.47 47.44
N GLY I 54 3.17 -12.99 47.34
CA GLY I 54 2.54 -13.71 48.42
C GLY I 54 1.50 -12.92 49.19
N CYS I 55 1.75 -11.65 49.49
CA CYS I 55 0.77 -10.85 50.20
C CYS I 55 -0.43 -10.62 49.29
N ASP I 56 -1.61 -11.03 49.75
CA ASP I 56 -2.83 -10.91 48.97
C ASP I 56 -3.86 -10.09 49.72
N VAL I 57 -3.42 -9.19 50.59
CA VAL I 57 -4.32 -8.29 51.28
C VAL I 57 -4.91 -7.40 50.20
N THR I 58 -6.18 -7.64 49.88
CA THR I 58 -6.84 -6.92 48.81
C THR I 58 -7.89 -5.96 49.32
N ASP I 59 -8.11 -5.90 50.63
CA ASP I 59 -8.90 -4.83 51.21
C ASP I 59 -8.03 -3.59 51.09
N VAL I 60 -8.40 -2.69 50.18
CA VAL I 60 -7.55 -1.56 49.85
C VAL I 60 -7.21 -0.75 51.10
N THR I 61 -8.13 -0.67 52.05
CA THR I 61 -7.92 0.15 53.25
C THR I 61 -6.69 -0.26 54.05
N GLN I 62 -6.00 -1.33 53.65
CA GLN I 62 -4.84 -1.81 54.39
C GLN I 62 -3.54 -1.51 53.65
N LEU I 63 -3.62 -0.97 52.45
CA LEU I 63 -2.48 -0.98 51.56
C LEU I 63 -1.76 0.35 51.57
N TYR I 64 -0.51 0.28 51.11
CA TYR I 64 0.40 1.40 51.08
C TYR I 64 1.14 1.42 49.76
N LEU I 65 1.10 2.57 49.09
CA LEU I 65 2.02 2.81 47.99
C LEU I 65 3.42 2.90 48.57
N GLY I 66 4.35 2.18 47.98
CA GLY I 66 5.73 2.30 48.36
C GLY I 66 6.47 3.18 47.38
N GLY I 67 7.68 2.77 47.02
CA GLY I 67 8.35 3.42 45.93
C GLY I 67 7.66 3.02 44.65
N MET I 68 6.90 3.95 44.06
CA MET I 68 6.19 3.71 42.81
C MET I 68 5.13 2.60 42.94
N SER I 69 5.43 1.55 43.70
CA SER I 69 4.60 0.35 43.72
C SER I 69 3.84 0.24 45.03
N TYR I 70 2.90 -0.70 45.08
CA TYR I 70 2.02 -0.84 46.23
C TYR I 70 2.47 -2.00 47.11
N TYR I 71 2.14 -1.90 48.39
CA TYR I 71 2.67 -2.86 49.36
C TYR I 71 1.66 -3.05 50.48
N CYS I 72 1.76 -4.21 51.14
CA CYS I 72 0.92 -4.58 52.25
C CYS I 72 1.24 -3.73 53.47
N LYS I 73 0.75 -4.17 54.63
CA LYS I 73 1.15 -3.55 55.88
C LYS I 73 2.56 -3.98 56.28
N SER I 74 2.83 -5.29 56.21
CA SER I 74 4.13 -5.79 56.64
C SER I 74 5.22 -5.40 55.66
N HIS I 75 5.14 -5.89 54.43
CA HIS I 75 6.21 -5.74 53.46
C HIS I 75 6.40 -4.30 53.01
N LYS I 76 5.79 -3.34 53.71
CA LYS I 76 5.88 -1.96 53.28
C LYS I 76 7.32 -1.47 53.30
N PRO I 77 7.69 -0.60 52.38
CA PRO I 77 8.99 0.04 52.43
C PRO I 77 9.12 0.89 53.68
N PRO I 78 10.34 1.26 54.06
CA PRO I 78 10.52 2.12 55.24
C PRO I 78 9.72 3.41 55.16
N ILE I 79 9.56 3.93 53.95
CA ILE I 79 8.79 5.15 53.72
C ILE I 79 7.63 4.81 52.79
N SER I 80 6.47 5.38 53.09
CA SER I 80 5.28 5.14 52.28
C SER I 80 4.14 6.10 52.57
N PHE I 81 3.01 5.88 51.93
CA PHE I 81 1.75 6.57 52.17
C PHE I 81 0.64 5.56 52.41
N PRO I 82 -0.25 5.84 53.35
CA PRO I 82 -1.46 5.04 53.46
C PRO I 82 -2.45 5.45 52.39
N LEU I 83 -2.93 4.46 51.64
CA LEU I 83 -3.86 4.76 50.56
C LEU I 83 -5.23 5.28 50.97
N CYS I 84 -5.97 4.47 51.72
CA CYS I 84 -7.33 4.84 52.13
C CYS I 84 -7.12 5.79 53.29
N ALA I 85 -7.10 7.09 53.00
CA ALA I 85 -6.73 8.06 54.00
C ALA I 85 -7.62 9.29 53.89
N ASN I 86 -7.97 9.85 55.05
CA ASN I 86 -8.65 11.12 55.14
C ASN I 86 -9.96 11.11 54.34
N GLY I 87 -10.83 10.18 54.70
CA GLY I 87 -12.14 10.11 54.08
C GLY I 87 -12.13 10.02 52.58
N GLN I 88 -10.97 9.76 51.98
CA GLN I 88 -10.85 9.67 50.54
C GLN I 88 -9.94 8.51 50.18
N VAL I 89 -9.82 8.27 48.88
CA VAL I 89 -8.89 7.30 48.34
C VAL I 89 -8.06 7.99 47.29
N PHE I 90 -6.75 7.76 47.32
CA PHE I 90 -5.87 8.48 46.43
C PHE I 90 -6.06 8.07 44.98
N GLY I 91 -6.41 9.03 44.13
CA GLY I 91 -6.48 8.81 42.71
C GLY I 91 -6.18 10.09 41.97
N LEU I 92 -6.05 9.98 40.66
CA LEU I 92 -5.76 11.16 39.85
C LEU I 92 -6.81 12.23 40.07
N TYR I 93 -6.39 13.49 39.99
CA TYR I 93 -7.27 14.63 40.19
C TYR I 93 -7.95 14.59 41.55
N LYS I 94 -7.29 13.97 42.52
CA LYS I 94 -7.89 13.82 43.84
C LYS I 94 -8.30 15.16 44.40
N ASN I 95 -7.51 16.19 44.17
CA ASN I 95 -7.78 17.46 44.79
C ASN I 95 -8.83 18.27 44.04
N THR I 96 -9.45 17.71 43.01
CA THR I 96 -10.41 18.44 42.20
C THR I 96 -11.82 17.89 42.32
N CYS I 97 -11.98 16.59 42.55
CA CYS I 97 -13.28 15.96 42.57
C CYS I 97 -14.15 16.57 43.66
N VAL I 98 -15.45 16.60 43.43
CA VAL I 98 -16.37 17.28 44.34
C VAL I 98 -17.07 16.31 45.28
N GLY I 99 -17.47 15.15 44.77
CA GLY I 99 -18.22 14.23 45.61
C GLY I 99 -19.64 14.72 45.83
N SER I 100 -20.55 13.81 46.18
CA SER I 100 -21.93 14.17 46.45
C SER I 100 -22.59 13.08 47.26
N ASP I 101 -23.91 13.21 47.45
CA ASP I 101 -24.66 12.26 48.27
C ASP I 101 -25.67 11.53 47.40
N ASN I 102 -25.21 10.45 46.79
CA ASN I 102 -26.05 9.46 46.16
C ASN I 102 -25.49 8.07 46.44
N VAL I 103 -24.70 7.97 47.50
CA VAL I 103 -23.92 6.76 47.73
C VAL I 103 -24.80 5.64 48.26
N THR I 104 -25.74 5.97 49.14
CA THR I 104 -26.57 4.94 49.76
C THR I 104 -27.29 4.10 48.72
N ASP I 105 -28.26 4.73 48.04
CA ASP I 105 -28.98 4.07 46.95
C ASP I 105 -28.03 3.46 45.92
N PHE I 106 -26.86 4.09 45.72
CA PHE I 106 -25.89 3.50 44.81
C PHE I 106 -25.51 2.11 45.25
N ASN I 107 -24.99 1.98 46.46
CA ASN I 107 -24.63 0.66 46.96
C ASN I 107 -25.84 -0.26 46.96
N ALA I 108 -27.01 0.29 47.26
CA ALA I 108 -28.22 -0.51 47.20
C ALA I 108 -28.36 -1.17 45.84
N ILE I 109 -28.22 -0.38 44.78
CA ILE I 109 -28.21 -0.92 43.43
C ILE I 109 -27.16 -1.99 43.31
N ALA I 110 -25.90 -1.63 43.55
CA ALA I 110 -24.79 -2.51 43.24
C ALA I 110 -24.84 -3.81 44.03
N THR I 111 -25.60 -3.82 45.12
CA THR I 111 -25.62 -4.97 46.00
C THR I 111 -26.86 -5.83 45.84
N CYS I 112 -27.91 -5.31 45.22
CA CYS I 112 -29.11 -6.11 45.05
C CYS I 112 -28.86 -7.23 44.05
N ASP I 113 -29.74 -8.23 44.07
CA ASP I 113 -29.71 -9.30 43.09
C ASP I 113 -30.99 -9.34 42.28
N TRP I 114 -31.72 -8.22 42.19
CA TRP I 114 -32.93 -8.13 41.39
C TRP I 114 -33.92 -9.21 41.75
N THR I 115 -34.22 -9.33 43.04
CA THR I 115 -35.14 -10.35 43.47
C THR I 115 -36.44 -9.77 44.02
N ASN I 116 -36.46 -8.48 44.34
CA ASN I 116 -37.63 -7.86 44.93
C ASN I 116 -37.81 -6.48 44.35
N ALA I 117 -39.07 -6.19 43.97
CA ALA I 117 -39.43 -4.98 43.25
C ALA I 117 -38.80 -3.72 43.81
N GLY I 118 -38.42 -3.72 45.08
CA GLY I 118 -37.83 -2.52 45.67
C GLY I 118 -36.60 -2.05 44.90
N ASP I 119 -35.65 -2.94 44.68
CA ASP I 119 -34.47 -2.52 43.95
C ASP I 119 -34.83 -2.07 42.54
N TYR I 120 -35.85 -2.71 41.95
CA TYR I 120 -36.42 -2.15 40.73
C TYR I 120 -37.01 -0.78 40.99
N ILE I 121 -37.91 -0.68 41.97
CA ILE I 121 -38.64 0.55 42.20
C ILE I 121 -37.70 1.71 42.37
N LEU I 122 -36.48 1.43 42.80
CA LEU I 122 -35.45 2.46 42.85
C LEU I 122 -34.73 2.58 41.52
N ALA I 123 -34.54 1.46 40.83
CA ALA I 123 -33.89 1.48 39.53
C ALA I 123 -34.59 2.42 38.57
N ASN I 124 -35.91 2.55 38.70
CA ASN I 124 -36.65 3.36 37.75
C ASN I 124 -36.84 4.79 38.24
N THR I 125 -36.28 5.16 39.38
CA THR I 125 -36.50 6.50 39.92
C THR I 125 -35.22 7.21 40.33
N CYS I 126 -34.05 6.65 40.03
CA CYS I 126 -32.81 7.33 40.33
C CYS I 126 -32.47 8.29 39.19
N THR I 127 -31.28 8.87 39.22
CA THR I 127 -30.87 9.79 38.18
C THR I 127 -30.60 9.03 36.88
N GLU I 128 -30.64 9.76 35.77
CA GLU I 128 -30.60 9.11 34.46
C GLU I 128 -29.32 8.31 34.27
N ARG I 129 -28.16 8.93 34.48
CA ARG I 129 -26.91 8.19 34.38
C ARG I 129 -26.91 6.99 35.30
N LEU I 130 -27.35 7.20 36.53
CA LEU I 130 -27.50 6.09 37.46
C LEU I 130 -28.47 5.05 36.91
N LYS I 131 -29.57 5.50 36.32
CA LYS I 131 -30.52 4.57 35.71
C LYS I 131 -29.82 3.70 34.66
N LEU I 132 -29.02 4.34 33.80
CA LEU I 132 -28.26 3.59 32.82
C LEU I 132 -27.46 2.50 33.48
N PHE I 133 -26.55 2.89 34.38
CA PHE I 133 -25.72 1.92 35.06
C PHE I 133 -26.57 0.80 35.65
N ALA I 134 -27.72 1.15 36.19
CA ALA I 134 -28.62 0.16 36.76
C ALA I 134 -29.04 -0.86 35.71
N ALA I 135 -29.47 -0.37 34.55
CA ALA I 135 -29.89 -1.29 33.50
C ALA I 135 -28.73 -2.17 33.05
N GLU I 136 -27.55 -1.57 32.94
CA GLU I 136 -26.37 -2.36 32.57
C GLU I 136 -26.18 -3.53 33.51
N THR I 137 -26.07 -3.24 34.80
CA THR I 137 -25.82 -4.32 35.75
C THR I 137 -27.00 -5.28 35.84
N LEU I 138 -28.22 -4.82 35.57
CA LEU I 138 -29.34 -5.73 35.52
C LEU I 138 -29.15 -6.76 34.42
N LYS I 139 -28.95 -6.31 33.20
CA LYS I 139 -28.79 -7.23 32.10
C LYS I 139 -27.59 -8.14 32.32
N ALA I 140 -26.54 -7.59 32.92
CA ALA I 140 -25.37 -8.40 33.22
C ALA I 140 -25.71 -9.51 34.20
N THR I 141 -26.48 -9.20 35.23
CA THR I 141 -26.85 -10.23 36.20
C THR I 141 -27.72 -11.28 35.54
N GLU I 142 -28.63 -10.84 34.68
CA GLU I 142 -29.41 -11.79 33.88
C GLU I 142 -28.51 -12.75 33.13
N GLU I 143 -27.55 -12.22 32.37
CA GLU I 143 -26.65 -13.08 31.61
C GLU I 143 -25.92 -14.05 32.52
N THR I 144 -25.32 -13.54 33.59
CA THR I 144 -24.58 -14.40 34.50
C THR I 144 -25.45 -15.52 35.04
N PHE I 145 -26.68 -15.21 35.43
CA PHE I 145 -27.59 -16.25 35.89
C PHE I 145 -27.82 -17.29 34.80
N LYS I 146 -27.96 -16.84 33.55
CA LYS I 146 -28.20 -17.78 32.46
C LYS I 146 -27.17 -18.88 32.43
N LEU I 147 -25.94 -18.57 32.82
CA LEU I 147 -24.89 -19.58 32.87
C LEU I 147 -25.20 -20.71 33.84
N SER I 148 -26.06 -20.46 34.83
CA SER I 148 -26.25 -21.42 35.90
C SER I 148 -26.87 -22.72 35.39
N TYR I 149 -27.52 -22.68 34.23
CA TYR I 149 -28.19 -23.85 33.70
C TYR I 149 -27.18 -24.98 33.47
N GLY I 150 -27.70 -26.19 33.38
CA GLY I 150 -26.88 -27.38 33.26
C GLY I 150 -26.25 -27.55 31.90
N ILE I 151 -25.65 -28.72 31.68
CA ILE I 151 -25.06 -29.06 30.40
C ILE I 151 -25.78 -30.27 29.85
N ALA I 152 -25.78 -30.38 28.53
CA ALA I 152 -26.44 -31.48 27.85
C ALA I 152 -25.43 -32.21 26.98
N THR I 153 -25.65 -33.51 26.86
CA THR I 153 -24.84 -34.41 26.04
C THR I 153 -25.78 -35.24 25.20
N VAL I 154 -25.24 -35.98 24.26
CA VAL I 154 -26.05 -36.93 23.49
C VAL I 154 -25.93 -38.29 24.14
N ARG I 155 -27.02 -39.05 24.15
CA ARG I 155 -27.01 -40.41 24.65
C ARG I 155 -27.02 -41.42 23.51
N GLU I 156 -27.94 -41.28 22.57
CA GLU I 156 -27.93 -42.09 21.36
C GLU I 156 -28.66 -41.35 20.26
N VAL I 157 -28.29 -41.64 19.03
CA VAL I 157 -28.86 -40.99 17.86
C VAL I 157 -30.02 -41.83 17.37
N LEU I 158 -31.07 -41.18 16.89
CA LEU I 158 -32.25 -41.87 16.39
C LEU I 158 -32.47 -41.64 14.91
N SER I 159 -32.42 -40.40 14.44
CA SER I 159 -32.61 -40.11 13.03
C SER I 159 -31.68 -38.97 12.64
N ASP I 160 -32.01 -38.31 11.53
CA ASP I 160 -31.32 -37.11 11.12
C ASP I 160 -31.52 -36.06 12.21
N ARG I 161 -32.75 -35.90 12.67
CA ARG I 161 -33.07 -34.87 13.65
C ARG I 161 -33.77 -35.37 14.89
N GLU I 162 -33.96 -36.68 15.00
CA GLU I 162 -34.59 -37.30 16.17
C GLU I 162 -33.45 -37.84 17.02
N LEU I 163 -33.49 -37.55 18.32
CA LEU I 163 -32.34 -37.81 19.19
C LEU I 163 -32.77 -37.98 20.63
N HIS I 164 -31.94 -38.71 21.39
CA HIS I 164 -32.11 -38.86 22.82
C HIS I 164 -30.92 -38.22 23.52
N LEU I 165 -31.21 -37.30 24.42
CA LEU I 165 -30.19 -36.49 25.06
C LEU I 165 -30.06 -36.88 26.53
N SER I 166 -28.98 -36.40 27.15
CA SER I 166 -28.67 -36.66 28.54
C SER I 166 -28.34 -35.36 29.24
N TRP I 167 -29.06 -35.09 30.33
CA TRP I 167 -28.88 -33.85 31.07
C TRP I 167 -27.96 -34.02 32.28
N GLU I 168 -27.38 -32.92 32.74
CA GLU I 168 -26.59 -32.91 33.95
C GLU I 168 -27.47 -33.22 35.17
N VAL I 169 -27.10 -34.22 35.96
CA VAL I 169 -27.87 -34.53 37.15
C VAL I 169 -27.67 -33.45 38.19
N GLY I 170 -28.78 -32.95 38.73
CA GLY I 170 -28.74 -31.94 39.77
C GLY I 170 -28.47 -30.52 39.32
N LYS I 171 -28.85 -30.16 38.10
CA LYS I 171 -28.61 -28.83 37.59
C LYS I 171 -29.88 -28.32 36.92
N PRO I 172 -30.07 -27.00 36.88
CA PRO I 172 -31.25 -26.46 36.21
C PRO I 172 -31.21 -26.74 34.72
N ARG I 173 -32.27 -27.31 34.23
CA ARG I 173 -32.36 -27.56 32.81
C ARG I 173 -33.17 -26.46 32.13
N PRO I 174 -32.56 -25.74 31.20
CA PRO I 174 -33.26 -24.65 30.52
C PRO I 174 -34.28 -25.20 29.54
N PRO I 175 -35.20 -24.37 29.08
CA PRO I 175 -36.33 -24.87 28.28
C PRO I 175 -35.95 -25.04 26.83
N LEU I 176 -36.75 -25.82 26.10
CA LEU I 176 -36.62 -25.97 24.66
C LEU I 176 -37.34 -24.80 24.01
N ASN I 177 -36.56 -23.86 23.49
CA ASN I 177 -37.13 -22.67 22.90
C ASN I 177 -36.23 -22.16 21.81
N ARG I 178 -36.85 -21.56 20.80
CA ARG I 178 -36.11 -20.98 19.68
C ARG I 178 -35.16 -19.90 20.11
N ASN I 179 -35.23 -19.44 21.36
CA ASN I 179 -34.33 -18.41 21.84
C ASN I 179 -33.13 -18.98 22.57
N TYR I 180 -32.79 -20.25 22.35
CA TYR I 180 -31.62 -20.86 22.96
C TYR I 180 -30.78 -21.48 21.85
N VAL I 181 -29.47 -21.42 22.01
CA VAL I 181 -28.53 -21.97 21.03
C VAL I 181 -27.39 -22.64 21.77
N PHE I 182 -26.92 -23.76 21.23
CA PHE I 182 -25.92 -24.57 21.89
C PHE I 182 -24.76 -24.82 20.95
N THR I 183 -23.55 -24.50 21.43
CA THR I 183 -22.33 -24.91 20.77
C THR I 183 -22.07 -26.39 21.06
N GLY I 184 -21.80 -27.13 20.00
CA GLY I 184 -21.59 -28.55 20.14
C GLY I 184 -20.12 -28.92 20.17
N TYR I 185 -19.69 -29.50 21.27
CA TYR I 185 -18.32 -29.98 21.38
C TYR I 185 -18.32 -31.50 21.39
N ARG I 186 -17.42 -32.09 20.61
CA ARG I 186 -17.06 -33.48 20.74
C ARG I 186 -15.57 -33.55 21.01
N VAL I 187 -15.16 -34.53 21.80
CA VAL I 187 -13.79 -34.60 22.29
C VAL I 187 -13.21 -35.92 21.80
N THR I 188 -12.07 -35.85 21.13
CA THR I 188 -11.34 -37.07 20.79
C THR I 188 -10.58 -37.63 21.99
N LYS I 189 -9.55 -36.92 22.46
CA LYS I 189 -8.84 -37.37 23.65
C LYS I 189 -8.57 -36.28 24.69
N ASN I 190 -8.09 -35.06 24.38
CA ASN I 190 -7.69 -34.38 23.12
C ASN I 190 -8.84 -34.01 22.21
N SER I 191 -8.64 -32.90 21.47
CA SER I 191 -9.55 -32.46 20.43
C SER I 191 -10.97 -32.22 20.93
N LYS I 192 -11.10 -31.46 22.02
CA LYS I 192 -12.39 -30.92 22.40
C LYS I 192 -12.67 -29.91 21.29
N VAL I 193 -13.56 -30.27 20.37
CA VAL I 193 -13.67 -29.54 19.12
C VAL I 193 -15.14 -29.16 18.97
N GLN I 194 -15.37 -27.86 18.77
CA GLN I 194 -16.70 -27.36 18.47
C GLN I 194 -17.20 -27.92 17.15
N ILE I 195 -18.47 -28.27 17.10
CA ILE I 195 -19.06 -28.85 15.91
C ILE I 195 -20.09 -27.95 15.25
N GLY I 196 -20.66 -26.99 15.97
CA GLY I 196 -21.61 -26.08 15.37
C GLY I 196 -22.70 -25.61 16.32
N GLU I 197 -23.59 -24.75 15.82
CA GLU I 197 -24.69 -24.25 16.64
C GLU I 197 -25.94 -25.08 16.39
N TYR I 198 -26.65 -25.39 17.47
CA TYR I 198 -27.80 -26.26 17.37
C TYR I 198 -28.88 -25.79 18.34
N THR I 199 -30.06 -25.51 17.78
CA THR I 199 -31.24 -25.23 18.57
C THR I 199 -31.96 -26.54 18.80
N PHE I 200 -33.00 -26.49 19.62
CA PHE I 200 -33.73 -27.71 19.95
C PHE I 200 -35.23 -27.44 20.01
N GLU I 201 -35.97 -28.54 20.13
CA GLU I 201 -37.43 -28.49 20.23
C GLU I 201 -37.91 -29.91 20.47
N LYS I 202 -38.95 -30.07 21.28
CA LYS I 202 -39.44 -31.38 21.66
C LYS I 202 -40.11 -32.05 20.47
N GLY I 203 -39.70 -33.28 20.16
CA GLY I 203 -40.34 -34.07 19.12
C GLY I 203 -41.72 -34.55 19.52
N ASP I 204 -42.07 -35.78 19.15
CA ASP I 204 -43.40 -36.30 19.41
C ASP I 204 -43.50 -37.01 20.75
N TYR I 205 -42.39 -37.28 21.43
CA TYR I 205 -42.40 -37.95 22.72
C TYR I 205 -41.01 -37.88 23.31
N GLY I 206 -40.90 -38.35 24.57
CA GLY I 206 -39.65 -38.32 25.29
C GLY I 206 -38.82 -39.57 25.07
N ASP I 207 -37.52 -39.35 24.90
CA ASP I 207 -36.96 -38.01 24.85
C ASP I 207 -36.50 -37.65 23.45
N ALA I 208 -37.24 -38.15 22.46
CA ALA I 208 -36.99 -37.76 21.08
C ALA I 208 -37.17 -36.26 20.92
N VAL I 209 -36.07 -35.60 20.55
CA VAL I 209 -36.07 -34.15 20.43
C VAL I 209 -35.47 -33.77 19.09
N VAL I 210 -36.10 -32.80 18.42
CA VAL I 210 -35.65 -32.34 17.12
C VAL I 210 -34.60 -31.28 17.34
N TYR I 211 -33.82 -31.01 16.31
CA TYR I 211 -32.80 -29.98 16.39
C TYR I 211 -32.49 -29.47 15.00
N ARG I 212 -32.29 -28.16 14.92
CA ARG I 212 -31.87 -27.52 13.69
C ARG I 212 -30.39 -27.20 13.84
N GLY I 213 -29.62 -27.45 12.78
CA GLY I 213 -28.18 -27.40 12.86
C GLY I 213 -27.58 -26.33 11.96
N THR I 214 -26.28 -26.07 12.18
CA THR I 214 -25.57 -25.12 11.34
C THR I 214 -25.03 -25.78 10.08
N THR I 215 -24.50 -27.00 10.20
CA THR I 215 -23.96 -27.75 9.08
C THR I 215 -24.49 -29.18 9.12
N THR I 216 -24.24 -29.90 8.03
CA THR I 216 -24.74 -31.27 7.86
C THR I 216 -23.87 -32.31 8.54
N TYR I 217 -23.26 -31.99 9.67
CA TYR I 217 -22.33 -32.92 10.28
C TYR I 217 -23.03 -34.20 10.72
N LYS I 218 -22.30 -35.30 10.65
CA LYS I 218 -22.77 -36.57 11.18
C LYS I 218 -22.65 -36.55 12.69
N LEU I 219 -23.62 -37.14 13.37
CA LEU I 219 -23.65 -37.13 14.83
C LEU I 219 -22.99 -38.39 15.38
N ASN I 220 -22.69 -38.39 16.68
CA ASN I 220 -21.95 -39.46 17.30
C ASN I 220 -22.59 -39.82 18.64
N VAL I 221 -21.79 -40.31 19.58
CA VAL I 221 -22.25 -40.47 20.96
C VAL I 221 -21.40 -39.68 21.94
N GLY I 222 -20.14 -39.44 21.63
CA GLY I 222 -19.28 -38.64 22.48
C GLY I 222 -19.43 -37.17 22.19
N ASP I 223 -20.67 -36.71 22.14
CA ASP I 223 -20.97 -35.32 21.81
C ASP I 223 -21.71 -34.65 22.95
N TYR I 224 -21.62 -33.33 23.01
CA TYR I 224 -22.36 -32.59 24.02
C TYR I 224 -22.55 -31.16 23.55
N PHE I 225 -23.42 -30.45 24.28
CA PHE I 225 -23.91 -29.14 23.87
C PHE I 225 -23.89 -28.21 25.06
N VAL I 226 -23.30 -27.03 24.87
CA VAL I 226 -23.28 -25.99 25.88
C VAL I 226 -24.11 -24.83 25.37
N LEU I 227 -25.09 -24.41 26.16
CA LEU I 227 -25.79 -23.19 25.80
C LEU I 227 -24.80 -22.04 25.72
N THR I 228 -24.87 -21.29 24.63
CA THR I 228 -23.89 -20.28 24.33
C THR I 228 -24.27 -19.00 25.06
N SER I 229 -23.32 -18.42 25.77
CA SER I 229 -23.58 -17.20 26.52
C SER I 229 -23.65 -16.00 25.57
N HIS I 230 -23.45 -14.83 26.16
CA HIS I 230 -23.51 -13.58 25.43
C HIS I 230 -22.83 -12.51 26.25
N THR I 231 -22.52 -11.39 25.59
CA THR I 231 -21.92 -10.25 26.27
C THR I 231 -22.91 -9.10 26.29
N VAL I 232 -22.48 -7.98 26.87
CA VAL I 232 -23.35 -6.83 27.03
C VAL I 232 -22.53 -5.57 26.88
N MET I 233 -22.84 -4.78 25.91
CA MET I 233 -22.06 -3.58 25.71
C MET I 233 -22.49 -2.51 26.70
N PRO I 234 -21.58 -1.61 27.06
CA PRO I 234 -21.97 -0.46 27.87
C PRO I 234 -22.62 0.61 27.03
N LEU I 235 -23.54 1.34 27.66
CA LEU I 235 -24.28 2.39 27.00
C LEU I 235 -23.90 3.76 27.56
N SER I 236 -24.26 4.80 26.83
CA SER I 236 -23.92 6.16 27.23
C SER I 236 -24.95 7.20 26.85
N ALA I 237 -25.91 6.86 26.00
CA ALA I 237 -26.94 7.81 25.62
C ALA I 237 -28.03 7.87 26.68
N PRO I 238 -28.59 9.05 26.90
CA PRO I 238 -29.68 9.16 27.88
C PRO I 238 -30.88 8.34 27.44
N THR I 239 -31.85 8.22 28.34
CA THR I 239 -33.09 7.54 27.97
C THR I 239 -33.99 8.45 27.17
N LEU I 240 -34.18 9.67 27.66
CA LEU I 240 -35.05 10.64 27.02
C LEU I 240 -34.24 11.89 26.72
N VAL I 241 -34.19 12.27 25.45
CA VAL I 241 -33.63 13.58 25.12
C VAL I 241 -34.44 14.64 25.83
N PRO I 242 -33.81 15.69 26.38
CA PRO I 242 -34.57 16.71 27.11
C PRO I 242 -35.75 17.23 26.30
N GLN I 243 -36.93 17.20 26.91
CA GLN I 243 -38.14 17.66 26.26
C GLN I 243 -38.04 19.14 25.93
N GLU I 244 -38.60 19.53 24.79
CA GLU I 244 -38.53 20.91 24.34
C GLU I 244 -39.87 21.36 23.77
N HIS I 245 -39.86 22.55 23.21
CA HIS I 245 -40.93 23.06 22.37
C HIS I 245 -40.34 23.92 21.27
N TYR I 246 -41.21 24.41 20.41
CA TYR I 246 -40.85 25.40 19.40
C TYR I 246 -42.01 26.37 19.28
N VAL I 247 -41.78 27.46 18.54
CA VAL I 247 -42.84 28.42 18.26
C VAL I 247 -43.56 28.13 16.96
N ARG I 248 -42.91 27.42 16.02
CA ARG I 248 -43.54 27.05 14.77
C ARG I 248 -42.99 25.70 14.34
N ILE I 249 -43.80 24.97 13.59
CA ILE I 249 -43.43 23.68 13.03
C ILE I 249 -42.23 23.88 12.13
N THR I 250 -41.24 23.01 12.26
CA THR I 250 -40.09 23.00 11.39
C THR I 250 -39.84 21.58 10.91
N GLY I 251 -38.94 21.46 9.93
CA GLY I 251 -38.53 20.17 9.43
C GLY I 251 -39.53 19.42 8.59
N LEU I 252 -40.81 19.41 8.96
CA LEU I 252 -41.81 18.60 8.28
C LEU I 252 -42.83 19.49 7.59
N TYR I 253 -43.49 18.92 6.59
CA TYR I 253 -44.34 19.68 5.69
C TYR I 253 -45.62 18.91 5.40
N PRO I 254 -46.76 19.43 5.79
CA PRO I 254 -48.04 18.77 5.48
C PRO I 254 -48.29 18.76 3.98
N THR I 255 -49.33 18.03 3.61
CA THR I 255 -49.88 18.08 2.26
C THR I 255 -50.97 19.14 2.22
N LEU I 256 -52.08 18.77 1.59
CA LEU I 256 -53.25 19.68 1.60
C LEU I 256 -54.52 19.07 2.16
N ASN I 257 -55.22 18.27 1.37
CA ASN I 257 -56.50 17.72 1.81
C ASN I 257 -56.43 16.19 1.75
N ILE I 258 -55.25 15.60 1.53
CA ILE I 258 -55.18 14.19 1.19
C ILE I 258 -55.55 13.33 2.40
N SER I 259 -56.43 12.35 2.16
CA SER I 259 -56.81 11.35 3.15
C SER I 259 -57.50 12.00 4.35
N ASP I 260 -58.78 12.28 4.16
CA ASP I 260 -59.55 12.86 5.26
C ASP I 260 -59.93 11.83 6.30
N GLU I 261 -59.94 10.54 5.94
CA GLU I 261 -60.18 9.47 6.89
C GLU I 261 -59.32 9.58 8.13
N PHE I 262 -58.25 10.38 8.08
CA PHE I 262 -57.34 10.59 9.18
C PHE I 262 -57.54 11.98 9.78
N SER I 263 -58.77 12.50 9.72
CA SER I 263 -59.01 13.91 9.99
C SER I 263 -58.63 14.51 11.33
N SER I 264 -59.28 14.03 12.39
CA SER I 264 -59.19 14.66 13.71
C SER I 264 -57.74 14.63 14.15
N ASN I 265 -57.00 13.60 13.79
CA ASN I 265 -55.65 13.42 14.27
C ASN I 265 -54.67 14.47 13.73
N VAL I 266 -55.06 15.24 12.72
CA VAL I 266 -54.16 16.27 12.23
C VAL I 266 -53.82 17.24 13.35
N ALA I 267 -54.80 17.54 14.22
CA ALA I 267 -54.53 18.36 15.39
C ALA I 267 -53.32 17.85 16.13
N ASN I 268 -53.33 16.56 16.49
CA ASN I 268 -52.17 15.94 17.08
C ASN I 268 -50.95 16.01 16.17
N TYR I 269 -51.16 15.87 14.86
CA TYR I 269 -50.04 15.91 13.93
C TYR I 269 -49.26 17.20 14.03
N GLN I 270 -49.94 18.35 14.13
CA GLN I 270 -49.19 19.59 14.24
C GLN I 270 -48.38 19.62 15.52
N LYS I 271 -49.03 19.45 16.66
CA LYS I 271 -48.33 19.57 17.92
C LYS I 271 -47.17 18.58 18.01
N VAL I 272 -47.27 17.44 17.32
CA VAL I 272 -46.15 16.51 17.29
C VAL I 272 -44.94 17.17 16.66
N GLY I 273 -45.12 17.79 15.49
CA GLY I 273 -44.05 18.58 14.94
C GLY I 273 -43.67 19.77 15.79
N MET I 274 -44.54 20.14 16.73
CA MET I 274 -44.28 21.32 17.54
C MET I 274 -43.43 21.02 18.77
N GLN I 275 -43.23 19.75 19.09
CA GLN I 275 -42.43 19.36 20.24
C GLN I 275 -41.15 18.67 19.80
N LYS I 276 -40.32 18.34 20.79
CA LYS I 276 -39.17 17.49 20.50
C LYS I 276 -39.58 16.04 20.45
N TYR I 277 -40.56 15.66 21.27
CA TYR I 277 -41.11 14.32 21.28
C TYR I 277 -42.39 14.34 22.10
N SER I 278 -43.13 13.24 22.04
CA SER I 278 -44.39 13.14 22.77
C SER I 278 -44.83 11.70 22.81
N THR I 279 -45.87 11.46 23.60
CA THR I 279 -46.38 10.12 23.84
C THR I 279 -47.84 10.07 23.49
N LEU I 280 -48.40 8.86 23.46
CA LEU I 280 -49.81 8.66 23.18
C LEU I 280 -50.28 7.36 23.82
N GLN I 281 -51.30 7.46 24.67
CA GLN I 281 -51.87 6.27 25.28
C GLN I 281 -53.16 5.91 24.56
N GLY I 282 -53.29 4.64 24.18
CA GLY I 282 -54.47 4.18 23.49
C GLY I 282 -54.77 2.71 23.74
N PRO I 283 -56.03 2.42 24.05
CA PRO I 283 -56.48 1.03 24.12
C PRO I 283 -56.12 0.26 22.86
N PRO I 284 -56.22 -1.08 22.89
CA PRO I 284 -55.36 -1.92 22.04
C PRO I 284 -55.47 -1.63 20.54
N GLY I 285 -54.35 -1.22 19.95
CA GLY I 285 -54.22 -1.17 18.51
C GLY I 285 -55.29 -0.41 17.76
N THR I 286 -56.09 0.39 18.47
CA THR I 286 -57.16 1.16 17.85
C THR I 286 -56.53 2.29 17.04
N GLY I 287 -56.56 3.50 17.59
CA GLY I 287 -55.86 4.61 17.00
C GLY I 287 -54.38 4.31 16.93
N LYS I 288 -53.90 3.57 17.92
CA LYS I 288 -52.56 3.01 17.86
C LYS I 288 -52.32 2.36 16.51
N SER I 289 -51.10 2.53 16.01
CA SER I 289 -50.72 2.06 14.67
C SER I 289 -51.43 2.87 13.60
N HIS I 290 -52.76 2.77 13.58
CA HIS I 290 -53.57 3.61 12.68
C HIS I 290 -53.04 5.04 12.63
N PHE I 291 -52.99 5.68 13.80
CA PHE I 291 -52.57 7.08 13.85
C PHE I 291 -51.13 7.24 13.41
N ALA I 292 -50.28 6.27 13.77
CA ALA I 292 -48.88 6.37 13.38
C ALA I 292 -48.74 6.46 11.87
N ILE I 293 -49.36 5.49 11.17
CA ILE I 293 -49.27 5.48 9.73
C ILE I 293 -49.92 6.72 9.15
N GLY I 294 -51.03 7.17 9.75
CA GLY I 294 -51.68 8.38 9.27
C GLY I 294 -50.75 9.57 9.32
N LEU I 295 -50.09 9.78 10.45
CA LEU I 295 -49.10 10.84 10.53
C LEU I 295 -48.03 10.67 9.47
N ALA I 296 -47.48 9.45 9.35
CA ALA I 296 -46.46 9.22 8.34
C ALA I 296 -46.92 9.73 6.98
N LEU I 297 -48.14 9.38 6.60
CA LEU I 297 -48.72 9.91 5.38
C LEU I 297 -48.73 11.44 5.39
N TYR I 298 -49.06 12.03 6.53
CA TYR I 298 -49.33 13.46 6.60
C TYR I 298 -48.17 14.29 6.07
N TYR I 299 -46.95 14.02 6.54
CA TYR I 299 -45.77 14.69 6.03
C TYR I 299 -45.10 13.76 5.04
N PRO I 300 -45.27 13.99 3.75
CA PRO I 300 -44.81 13.02 2.76
C PRO I 300 -43.30 12.89 2.71
N SER I 301 -42.63 14.01 2.44
CA SER I 301 -41.18 13.99 2.27
C SER I 301 -40.44 13.65 3.55
N ALA I 302 -41.15 13.42 4.64
CA ALA I 302 -40.50 13.14 5.92
C ALA I 302 -39.94 11.73 5.95
N ARG I 303 -38.63 11.62 6.17
CA ARG I 303 -38.03 10.30 6.34
C ARG I 303 -38.37 9.75 7.72
N ILE I 304 -38.97 8.58 7.75
CA ILE I 304 -39.56 8.04 8.96
C ILE I 304 -39.07 6.62 9.18
N VAL I 305 -38.78 6.30 10.43
CA VAL I 305 -38.36 4.95 10.81
C VAL I 305 -39.29 4.44 11.88
N TYR I 306 -39.83 3.25 11.66
CA TYR I 306 -40.61 2.55 12.67
C TYR I 306 -39.73 1.50 13.32
N THR I 307 -40.00 1.22 14.59
CA THR I 307 -39.23 0.20 15.29
C THR I 307 -39.98 -0.21 16.54
N ALA I 308 -39.78 -1.45 16.95
CA ALA I 308 -40.33 -1.95 18.19
C ALA I 308 -39.42 -3.09 18.68
N CYS I 309 -39.90 -3.83 19.68
CA CYS I 309 -39.15 -4.94 20.23
C CYS I 309 -39.66 -6.29 19.74
N SER I 310 -40.98 -6.48 19.71
CA SER I 310 -41.57 -7.73 19.29
C SER I 310 -41.51 -7.86 17.77
N HIS I 311 -40.99 -8.99 17.31
CA HIS I 311 -40.89 -9.21 15.87
C HIS I 311 -42.25 -9.21 15.22
N ALA I 312 -43.18 -10.00 15.75
CA ALA I 312 -44.53 -10.02 15.19
C ALA I 312 -45.13 -8.63 15.20
N ALA I 313 -44.76 -7.80 16.17
CA ALA I 313 -45.29 -6.44 16.22
C ALA I 313 -44.84 -5.65 15.00
N VAL I 314 -43.54 -5.57 14.78
CA VAL I 314 -43.07 -4.81 13.63
C VAL I 314 -43.56 -5.44 12.34
N ASP I 315 -43.83 -6.75 12.34
CA ASP I 315 -44.34 -7.39 11.14
C ASP I 315 -45.76 -6.94 10.83
N ALA I 316 -46.65 -7.05 11.82
CA ALA I 316 -48.01 -6.55 11.65
C ALA I 316 -47.99 -5.09 11.22
N LEU I 317 -47.09 -4.30 11.83
CA LEU I 317 -46.99 -2.90 11.46
C LEU I 317 -46.56 -2.72 10.00
N CYS I 318 -45.58 -3.48 9.54
CA CYS I 318 -45.11 -3.30 8.18
C CYS I 318 -46.19 -3.70 7.18
N GLU I 319 -46.99 -4.70 7.52
CA GLU I 319 -48.07 -5.08 6.61
C GLU I 319 -49.15 -4.03 6.59
N LYS I 320 -49.47 -3.46 7.76
CA LYS I 320 -50.43 -2.36 7.79
C LYS I 320 -49.92 -1.19 6.98
N ALA I 321 -48.61 -0.96 7.00
CA ALA I 321 -48.04 0.09 6.16
C ALA I 321 -48.22 -0.24 4.69
N LEU I 322 -47.82 -1.45 4.29
CA LEU I 322 -48.05 -1.93 2.93
C LEU I 322 -49.47 -1.67 2.48
N LYS I 323 -50.43 -1.76 3.39
CA LYS I 323 -51.82 -1.51 3.05
C LYS I 323 -51.98 -0.11 2.44
N TYR I 324 -51.15 0.86 2.83
CA TYR I 324 -51.35 2.22 2.37
C TYR I 324 -50.16 3.00 1.83
N LEU I 325 -49.05 2.39 1.62
CA LEU I 325 -47.92 3.28 1.38
C LEU I 325 -47.28 3.01 0.03
N PRO I 326 -46.60 4.01 -0.53
CA PRO I 326 -45.75 3.75 -1.70
C PRO I 326 -44.76 2.65 -1.38
N ILE I 327 -44.31 1.95 -2.43
CA ILE I 327 -43.50 0.74 -2.28
C ILE I 327 -42.40 0.79 -3.33
N ASP I 328 -41.28 1.46 -3.04
CA ASP I 328 -41.02 2.48 -2.01
C ASP I 328 -41.31 2.15 -0.55
N LYS I 329 -40.93 0.95 -0.11
CA LYS I 329 -40.89 0.65 1.32
C LYS I 329 -40.02 -0.57 1.52
N CYS I 330 -39.39 -0.65 2.69
CA CYS I 330 -38.62 -1.82 3.07
C CYS I 330 -38.73 -2.06 4.56
N SER I 331 -38.36 -3.28 4.97
CA SER I 331 -38.23 -3.64 6.37
C SER I 331 -36.87 -4.30 6.50
N ARG I 332 -35.83 -3.47 6.61
CA ARG I 332 -34.45 -3.93 6.75
C ARG I 332 -34.31 -4.61 8.11
N ILE I 333 -34.80 -5.85 8.18
CA ILE I 333 -35.05 -6.44 9.49
C ILE I 333 -34.10 -7.38 10.22
N ILE I 334 -33.53 -8.36 9.53
CA ILE I 334 -32.90 -9.46 10.28
C ILE I 334 -31.79 -9.95 9.37
N PRO I 335 -30.54 -9.96 9.86
CA PRO I 335 -29.48 -10.67 9.16
C PRO I 335 -29.57 -12.18 9.33
N ALA I 336 -28.47 -12.81 9.74
CA ALA I 336 -28.37 -14.26 9.78
C ALA I 336 -29.02 -14.82 11.04
N ARG I 337 -30.15 -14.25 11.42
CA ARG I 337 -30.86 -14.70 12.60
C ARG I 337 -32.23 -15.18 12.13
N ALA I 338 -33.29 -14.53 12.61
CA ALA I 338 -34.66 -14.82 12.19
C ALA I 338 -34.97 -16.30 12.32
N ARG I 339 -34.77 -16.80 13.53
CA ARG I 339 -35.13 -18.17 13.85
C ARG I 339 -36.61 -18.38 13.54
N VAL I 340 -37.43 -17.38 13.87
CA VAL I 340 -38.79 -17.31 13.39
C VAL I 340 -38.81 -16.38 12.18
N GLU I 341 -39.46 -16.81 11.11
CA GLU I 341 -39.50 -15.98 9.93
C GLU I 341 -40.53 -14.87 10.13
N CYS I 342 -40.42 -13.84 9.29
CA CYS I 342 -41.10 -12.59 9.56
C CYS I 342 -41.47 -11.93 8.24
N PHE I 343 -40.95 -10.72 8.04
CA PHE I 343 -41.11 -9.96 6.82
C PHE I 343 -40.91 -10.82 5.58
N ASP I 344 -41.73 -10.57 4.57
CA ASP I 344 -41.49 -11.13 3.24
C ASP I 344 -41.22 -10.31 2.01
N LYS I 345 -41.10 -8.99 2.18
CA LYS I 345 -41.03 -8.06 1.07
C LYS I 345 -39.76 -7.58 0.39
N PHE I 346 -38.83 -7.03 1.14
CA PHE I 346 -37.73 -6.29 0.53
C PHE I 346 -36.43 -6.62 1.25
N LYS I 347 -35.41 -5.81 0.97
CA LYS I 347 -34.07 -6.08 1.44
C LYS I 347 -33.99 -6.05 2.96
N VAL I 348 -32.80 -6.31 3.47
CA VAL I 348 -32.51 -6.18 4.88
C VAL I 348 -31.42 -5.15 5.15
N ASN I 349 -30.74 -4.67 4.11
CA ASN I 349 -29.61 -3.75 4.29
C ASN I 349 -29.05 -2.76 3.26
N SER I 350 -29.87 -1.77 2.92
CA SER I 350 -29.40 -0.54 2.26
C SER I 350 -29.64 0.85 2.82
N THR I 351 -30.66 1.04 3.67
CA THR I 351 -30.85 2.29 4.41
C THR I 351 -30.98 3.47 3.45
N LEU I 352 -31.61 3.21 2.32
CA LEU I 352 -31.88 4.27 1.35
C LEU I 352 -33.35 4.61 1.41
N GLU I 353 -34.18 3.62 1.72
CA GLU I 353 -35.61 3.81 1.62
C GLU I 353 -36.09 4.78 2.70
N GLN I 354 -37.11 5.55 2.38
CA GLN I 354 -37.58 6.60 3.27
C GLN I 354 -38.27 6.01 4.50
N TYR I 355 -39.00 4.90 4.30
CA TYR I 355 -39.83 4.32 5.34
C TYR I 355 -39.22 2.97 5.72
N VAL I 356 -38.30 2.98 6.68
CA VAL I 356 -37.54 1.79 7.03
C VAL I 356 -38.08 1.19 8.32
N PHE I 357 -38.30 -0.11 8.32
CA PHE I 357 -38.81 -0.84 9.48
C PHE I 357 -37.76 -1.86 9.90
N CYS I 358 -37.63 -2.06 11.20
CA CYS I 358 -36.69 -3.06 11.71
C CYS I 358 -36.96 -3.30 13.18
N THR I 359 -36.17 -4.20 13.76
CA THR I 359 -36.22 -4.51 15.18
C THR I 359 -35.08 -3.79 15.89
N VAL I 360 -35.34 -3.42 17.15
CA VAL I 360 -34.43 -2.57 17.89
C VAL I 360 -33.01 -3.14 17.86
N ASN I 361 -32.86 -4.36 18.35
CA ASN I 361 -31.53 -4.90 18.55
C ASN I 361 -30.78 -5.03 17.24
N ALA I 362 -31.49 -5.15 16.13
CA ALA I 362 -30.88 -5.27 14.82
C ALA I 362 -30.84 -3.94 14.08
N LEU I 363 -31.03 -2.84 14.78
CA LEU I 363 -31.05 -1.56 14.10
C LEU I 363 -29.66 -1.20 13.60
N PRO I 364 -29.55 -0.37 12.59
CA PRO I 364 -28.24 0.14 12.19
C PRO I 364 -27.84 1.29 13.08
N GLU I 365 -26.91 2.13 12.60
CA GLU I 365 -26.52 3.34 13.31
C GLU I 365 -26.67 4.50 12.32
N THR I 366 -27.86 5.07 12.27
CA THR I 366 -28.24 5.98 11.19
C THR I 366 -29.04 7.15 11.74
N THR I 367 -29.41 8.06 10.84
CA THR I 367 -30.19 9.24 11.14
C THR I 367 -31.45 9.26 10.28
N ALA I 368 -32.36 10.15 10.63
CA ALA I 368 -33.64 10.28 9.93
C ALA I 368 -34.32 11.55 10.43
N ASP I 369 -35.51 11.83 9.88
CA ASP I 369 -36.27 12.99 10.31
C ASP I 369 -36.93 12.75 11.65
N ILE I 370 -37.90 11.84 11.67
CA ILE I 370 -38.57 11.46 12.91
C ILE I 370 -38.42 9.95 13.05
N VAL I 371 -38.75 9.45 14.24
CA VAL I 371 -38.78 8.02 14.50
C VAL I 371 -39.90 7.74 15.48
N VAL I 372 -40.56 6.61 15.30
CA VAL I 372 -41.71 6.25 16.12
C VAL I 372 -41.41 4.91 16.76
N PHE I 373 -41.01 4.94 18.01
CA PHE I 373 -40.97 3.73 18.80
C PHE I 373 -42.39 3.24 19.02
N ASP I 374 -42.52 1.93 19.19
CA ASP I 374 -43.83 1.35 19.44
C ASP I 374 -43.75 0.36 20.59
N GLU I 375 -44.87 0.22 21.30
CA GLU I 375 -45.04 -0.81 22.32
C GLU I 375 -44.07 -0.61 23.48
N ILE I 376 -43.93 0.66 23.89
CA ILE I 376 -43.11 0.98 25.04
C ILE I 376 -43.56 0.29 26.31
N SER I 377 -44.83 -0.14 26.37
CA SER I 377 -45.30 -0.89 27.53
C SER I 377 -44.65 -2.25 27.69
N MET I 378 -43.67 -2.58 26.87
CA MET I 378 -42.98 -3.85 26.94
C MET I 378 -41.47 -3.70 27.07
N ALA I 379 -40.93 -2.56 26.69
CA ALA I 379 -39.48 -2.41 26.64
C ALA I 379 -38.92 -1.88 27.96
N THR I 380 -37.60 -1.94 28.06
CA THR I 380 -36.87 -1.48 29.24
C THR I 380 -36.02 -0.26 28.89
N ASN I 381 -35.72 0.52 29.92
CA ASN I 381 -34.93 1.74 29.72
C ASN I 381 -33.62 1.41 29.01
N TYR I 382 -33.10 0.21 29.22
CA TYR I 382 -31.96 -0.26 28.46
C TYR I 382 -32.17 -0.04 26.96
N ASP I 383 -33.26 -0.59 26.44
CA ASP I 383 -33.51 -0.51 25.01
C ASP I 383 -33.75 0.92 24.57
N LEU I 384 -34.38 1.72 25.43
CA LEU I 384 -34.62 3.11 25.07
C LEU I 384 -33.31 3.84 24.86
N SER I 385 -32.36 3.68 25.78
CA SER I 385 -31.07 4.29 25.57
C SER I 385 -30.40 3.71 24.34
N VAL I 386 -30.58 2.42 24.10
CA VAL I 386 -29.97 1.81 22.92
C VAL I 386 -30.45 2.51 21.65
N VAL I 387 -31.75 2.73 21.55
CA VAL I 387 -32.27 3.32 20.32
C VAL I 387 -31.88 4.79 20.25
N ASN I 388 -31.84 5.49 21.38
CA ASN I 388 -31.38 6.86 21.34
C ASN I 388 -29.91 6.96 20.97
N ALA I 389 -29.15 5.89 21.15
CA ALA I 389 -27.75 5.89 20.78
C ALA I 389 -27.57 5.56 19.31
N ARG I 390 -28.17 4.46 18.86
CA ARG I 390 -27.97 4.01 17.48
C ARG I 390 -28.54 5.01 16.49
N LEU I 391 -29.69 5.60 16.81
CA LEU I 391 -30.34 6.54 15.92
C LEU I 391 -30.22 7.96 16.45
N ARG I 392 -30.73 8.91 15.66
CA ARG I 392 -30.64 10.32 16.01
C ARG I 392 -31.55 11.08 15.05
N ALA I 393 -32.67 11.59 15.57
CA ALA I 393 -33.62 12.30 14.73
C ALA I 393 -34.20 13.47 15.51
N LYS I 394 -35.17 14.15 14.89
CA LYS I 394 -35.69 15.39 15.47
C LYS I 394 -36.90 15.13 16.36
N HIS I 395 -37.94 14.53 15.81
CA HIS I 395 -39.17 14.34 16.55
C HIS I 395 -39.37 12.85 16.83
N TYR I 396 -39.64 12.52 18.08
CA TYR I 396 -39.84 11.14 18.47
C TYR I 396 -41.27 10.98 18.94
N VAL I 397 -41.83 9.80 18.75
CA VAL I 397 -43.18 9.51 19.21
C VAL I 397 -43.23 8.09 19.76
N TYR I 398 -43.61 7.97 21.01
CA TYR I 398 -43.74 6.68 21.67
C TYR I 398 -45.21 6.40 21.90
N ILE I 399 -45.60 5.14 21.73
CA ILE I 399 -46.99 4.73 21.77
C ILE I 399 -47.09 3.42 22.52
N GLY I 400 -48.16 3.26 23.30
CA GLY I 400 -48.36 2.00 24.00
C GLY I 400 -49.50 2.16 24.99
N ASP I 401 -49.70 1.09 25.76
CA ASP I 401 -50.75 1.06 26.77
C ASP I 401 -50.21 0.47 28.05
N PRO I 402 -50.04 1.27 29.10
CA PRO I 402 -49.51 0.73 30.36
C PRO I 402 -50.37 -0.35 31.00
N ALA I 403 -51.42 -0.81 30.34
CA ALA I 403 -52.17 -1.97 30.80
C ALA I 403 -51.86 -3.22 29.99
N GLN I 404 -50.89 -3.15 29.10
CA GLN I 404 -50.56 -4.26 28.23
C GLN I 404 -49.60 -5.21 28.94
N LEU I 405 -48.61 -5.71 28.21
CA LEU I 405 -47.68 -6.67 28.79
C LEU I 405 -46.28 -6.10 28.81
N PRO I 406 -45.65 -6.03 29.97
CA PRO I 406 -44.30 -5.46 30.05
C PRO I 406 -43.24 -6.48 29.69
N ALA I 407 -41.98 -6.08 29.80
CA ALA I 407 -40.90 -7.02 29.64
C ALA I 407 -41.03 -8.12 30.69
N PRO I 408 -40.82 -9.37 30.29
CA PRO I 408 -40.88 -10.45 31.27
C PRO I 408 -39.98 -10.23 32.47
N ARG I 409 -38.77 -9.72 32.25
CA ARG I 409 -37.75 -9.52 33.29
C ARG I 409 -37.84 -10.64 34.34
N THR I 410 -37.58 -11.85 33.85
CA THR I 410 -37.87 -13.06 34.60
C THR I 410 -37.31 -13.01 36.00
N LEU I 411 -36.12 -12.42 36.16
CA LEU I 411 -35.37 -12.52 37.40
C LEU I 411 -36.20 -12.19 38.62
N LEU I 412 -37.09 -11.20 38.54
CA LEU I 412 -37.92 -10.83 39.67
C LEU I 412 -38.91 -11.95 39.95
N THR I 413 -39.02 -12.31 41.24
CA THR I 413 -39.97 -13.34 41.66
C THR I 413 -40.65 -13.02 42.97
N LYS I 414 -40.50 -11.81 43.51
CA LYS I 414 -41.07 -11.47 44.82
C LYS I 414 -41.89 -10.19 44.69
N GLY I 415 -43.20 -10.33 44.67
CA GLY I 415 -44.08 -9.19 44.50
C GLY I 415 -44.46 -8.97 43.05
N THR I 416 -44.82 -7.72 42.75
CA THR I 416 -45.18 -7.36 41.39
C THR I 416 -44.87 -5.89 41.17
N LEU I 417 -44.63 -5.54 39.90
CA LEU I 417 -44.40 -4.17 39.49
C LEU I 417 -45.73 -3.47 39.31
N GLU I 418 -45.83 -2.26 39.84
CA GLU I 418 -46.85 -1.36 39.35
C GLU I 418 -46.47 -0.95 37.93
N PRO I 419 -47.43 -0.98 37.01
CA PRO I 419 -47.10 -0.66 35.61
C PRO I 419 -46.39 0.66 35.48
N GLU I 420 -46.75 1.60 36.35
CA GLU I 420 -46.13 2.90 36.42
C GLU I 420 -44.62 2.81 36.34
N TYR I 421 -44.04 1.72 36.85
CA TYR I 421 -42.61 1.59 36.99
C TYR I 421 -41.98 0.62 36.00
N PHE I 422 -42.63 0.34 34.89
CA PHE I 422 -42.03 -0.54 33.90
C PHE I 422 -40.76 0.07 33.33
N ASN I 423 -40.80 1.36 33.02
CA ASN I 423 -39.62 2.11 32.56
C ASN I 423 -39.99 3.58 32.61
N SER I 424 -39.13 4.41 32.01
CA SER I 424 -39.28 5.86 32.15
C SER I 424 -40.59 6.35 31.56
N VAL I 425 -40.79 6.15 30.26
CA VAL I 425 -41.96 6.72 29.61
C VAL I 425 -43.24 6.16 30.21
N CYS I 426 -43.17 4.95 30.77
CA CYS I 426 -44.31 4.46 31.51
C CYS I 426 -44.67 5.40 32.64
N ARG I 427 -43.69 5.77 33.46
CA ARG I 427 -43.91 6.80 34.46
C ARG I 427 -44.50 8.05 33.82
N LEU I 428 -43.81 8.58 32.81
CA LEU I 428 -44.22 9.81 32.17
C LEU I 428 -45.71 9.80 31.84
N MET I 429 -46.18 8.72 31.22
CA MET I 429 -47.60 8.56 30.99
C MET I 429 -48.38 8.58 32.28
N LYS I 430 -48.01 7.76 33.25
CA LYS I 430 -48.77 7.61 34.48
C LYS I 430 -48.62 8.81 35.40
N THR I 431 -47.53 9.55 35.27
CA THR I 431 -47.29 10.67 36.18
C THR I 431 -48.05 11.91 35.76
N ILE I 432 -47.42 12.73 34.93
CA ILE I 432 -47.93 14.07 34.66
C ILE I 432 -49.10 14.03 33.69
N GLY I 433 -48.98 13.26 32.61
CA GLY I 433 -50.00 13.22 31.60
C GLY I 433 -49.50 12.73 30.26
N PRO I 434 -50.35 12.01 29.54
CA PRO I 434 -49.91 11.41 28.27
C PRO I 434 -49.86 12.38 27.11
N ASP I 435 -49.99 13.68 27.36
CA ASP I 435 -49.89 14.75 26.38
C ASP I 435 -50.92 14.63 25.26
N MET I 436 -51.08 13.43 24.70
CA MET I 436 -52.17 13.19 23.75
C MET I 436 -52.76 11.81 23.98
N PHE I 437 -54.07 11.69 23.76
CA PHE I 437 -54.81 10.50 24.14
C PHE I 437 -55.82 10.16 23.07
N LEU I 438 -56.31 8.93 23.09
CA LEU I 438 -57.33 8.49 22.14
C LEU I 438 -58.24 7.51 22.88
N GLY I 439 -59.56 7.65 22.69
CA GLY I 439 -60.49 6.85 23.45
C GLY I 439 -61.68 6.32 22.68
N THR I 440 -61.45 5.36 21.80
CA THR I 440 -62.51 4.67 21.07
C THR I 440 -61.88 3.47 20.36
N CYS I 441 -62.63 2.39 20.23
CA CYS I 441 -62.15 1.19 19.57
C CYS I 441 -62.65 1.27 18.13
N ARG I 442 -61.76 1.00 17.19
CA ARG I 442 -62.13 0.75 15.81
C ARG I 442 -61.86 -0.68 15.36
N ARG I 443 -61.47 -1.57 16.27
CA ARG I 443 -61.06 -2.90 15.85
C ARG I 443 -61.83 -4.07 16.44
N CYS I 444 -62.56 -3.89 17.53
CA CYS I 444 -63.03 -5.04 18.29
C CYS I 444 -64.55 -5.11 18.37
N PRO I 445 -65.11 -6.31 18.50
CA PRO I 445 -66.55 -6.46 18.75
C PRO I 445 -66.96 -5.74 20.02
N ALA I 446 -68.14 -5.12 20.01
CA ALA I 446 -68.54 -4.28 21.12
C ALA I 446 -68.67 -5.07 22.42
N GLU I 447 -68.99 -6.35 22.34
CA GLU I 447 -69.26 -7.12 23.55
C GLU I 447 -68.00 -7.34 24.37
N ILE I 448 -66.92 -7.77 23.73
CA ILE I 448 -65.67 -7.93 24.47
C ILE I 448 -65.17 -6.58 24.95
N VAL I 449 -65.47 -5.52 24.20
CA VAL I 449 -65.12 -4.17 24.65
C VAL I 449 -65.83 -3.86 25.96
N ASP I 450 -67.13 -4.17 26.02
CA ASP I 450 -67.89 -4.00 27.25
C ASP I 450 -67.25 -4.77 28.39
N THR I 451 -66.92 -6.04 28.15
CA THR I 451 -66.30 -6.86 29.17
C THR I 451 -65.02 -6.24 29.71
N VAL I 452 -64.14 -5.80 28.81
CA VAL I 452 -62.85 -5.27 29.26
C VAL I 452 -63.03 -3.96 30.00
N SER I 453 -63.80 -3.04 29.41
CA SER I 453 -64.08 -1.78 30.08
C SER I 453 -64.70 -2.01 31.45
N ALA I 454 -65.43 -3.11 31.59
CA ALA I 454 -65.92 -3.50 32.90
C ALA I 454 -64.80 -3.98 33.81
N LEU I 455 -63.64 -4.31 33.25
CA LEU I 455 -62.58 -4.91 34.03
C LEU I 455 -61.46 -3.91 34.28
N VAL I 456 -60.38 -4.04 33.52
CA VAL I 456 -59.15 -3.31 33.80
C VAL I 456 -59.33 -1.84 33.46
N TYR I 457 -60.18 -1.55 32.49
CA TYR I 457 -60.53 -0.17 32.24
C TYR I 457 -61.67 0.24 33.16
N ASP I 458 -61.88 1.55 33.27
CA ASP I 458 -62.95 2.09 34.09
C ASP I 458 -64.20 2.37 33.27
N ASN I 459 -64.61 1.41 32.44
CA ASN I 459 -65.80 1.56 31.61
C ASN I 459 -65.67 2.81 30.74
N LYS I 460 -64.57 2.86 29.98
CA LYS I 460 -64.22 4.09 29.30
C LYS I 460 -63.80 3.66 27.90
N LEU I 461 -64.73 3.22 27.07
CA LEU I 461 -64.45 2.96 25.67
C LEU I 461 -65.80 2.95 24.98
N LYS I 462 -65.74 2.92 23.65
CA LYS I 462 -66.89 2.69 22.81
C LYS I 462 -66.39 2.29 21.43
N ALA I 463 -67.27 1.68 20.65
CA ALA I 463 -66.89 1.15 19.35
C ALA I 463 -68.14 0.80 18.57
N HIS I 464 -68.03 -0.25 17.76
CA HIS I 464 -69.10 -0.66 16.86
C HIS I 464 -69.08 -2.18 16.75
N LYS I 465 -70.11 -2.78 16.17
CA LYS I 465 -70.08 -4.17 15.73
C LYS I 465 -70.15 -5.13 16.92
N ASP I 466 -71.14 -6.02 16.84
CA ASP I 466 -71.51 -6.81 18.01
C ASP I 466 -71.25 -8.29 17.82
N LYS I 467 -72.20 -8.99 17.20
CA LYS I 467 -72.27 -10.44 17.22
C LYS I 467 -71.31 -11.04 16.17
N SER I 468 -71.02 -12.35 16.26
CA SER I 468 -71.62 -13.35 17.15
C SER I 468 -70.70 -14.52 17.47
N ALA I 469 -71.35 -15.65 17.80
CA ALA I 469 -70.74 -16.97 17.88
C ALA I 469 -69.59 -16.99 18.88
N GLN I 470 -69.95 -16.69 20.13
CA GLN I 470 -68.96 -16.55 21.19
C GLN I 470 -69.44 -17.27 22.44
N CYS I 471 -68.50 -17.87 23.14
CA CYS I 471 -68.83 -18.77 24.23
C CYS I 471 -67.64 -18.79 25.18
N PHE I 472 -67.82 -19.48 26.32
CA PHE I 472 -66.74 -19.68 27.27
C PHE I 472 -66.98 -20.96 28.06
N LYS I 473 -66.96 -22.09 27.36
CA LYS I 473 -67.09 -23.40 28.01
C LYS I 473 -66.06 -23.38 29.12
N MET I 474 -66.52 -23.49 30.37
CA MET I 474 -65.61 -23.50 31.52
C MET I 474 -65.40 -25.01 31.57
N PHE I 475 -64.52 -25.47 30.69
CA PHE I 475 -64.19 -26.88 30.58
C PHE I 475 -63.07 -27.06 31.58
N TYR I 476 -63.28 -27.98 32.51
CA TYR I 476 -62.26 -28.30 33.50
C TYR I 476 -60.93 -28.57 32.83
N LYS I 477 -59.85 -28.21 33.50
CA LYS I 477 -58.53 -28.39 32.92
C LYS I 477 -58.07 -29.83 33.11
N GLY I 478 -57.82 -30.53 32.02
CA GLY I 478 -57.35 -31.89 32.09
C GLY I 478 -55.93 -31.96 32.63
N VAL I 479 -55.24 -33.04 32.26
CA VAL I 479 -53.93 -33.30 32.81
C VAL I 479 -52.95 -32.23 32.31
N ILE I 480 -52.30 -31.55 33.25
CA ILE I 480 -51.24 -30.60 32.92
C ILE I 480 -50.07 -31.44 32.42
N THR I 481 -50.03 -31.67 31.11
CA THR I 481 -48.97 -32.47 30.50
C THR I 481 -47.84 -31.48 30.28
N HIS I 482 -47.19 -31.11 31.38
CA HIS I 482 -46.15 -30.10 31.33
C HIS I 482 -44.87 -30.86 31.04
N ASP I 483 -44.28 -30.61 29.87
CA ASP I 483 -42.99 -31.21 29.54
C ASP I 483 -41.88 -30.73 30.45
N VAL I 484 -41.48 -29.48 30.31
CA VAL I 484 -40.83 -28.76 31.38
C VAL I 484 -41.96 -28.01 32.06
N SER I 485 -41.65 -27.29 33.15
CA SER I 485 -42.68 -26.41 33.68
C SER I 485 -43.47 -25.59 32.68
N SER I 486 -43.00 -25.46 31.45
CA SER I 486 -43.81 -24.89 30.39
C SER I 486 -45.05 -25.76 30.19
N ALA I 487 -46.22 -25.11 30.23
CA ALA I 487 -47.46 -25.86 30.39
C ALA I 487 -47.94 -26.47 29.09
N ILE I 488 -48.50 -27.67 29.18
CA ILE I 488 -49.25 -28.31 28.11
C ILE I 488 -50.43 -29.05 28.74
N ASN I 489 -51.59 -28.97 28.11
CA ASN I 489 -52.76 -29.73 28.54
C ASN I 489 -53.43 -30.31 27.31
N ARG I 490 -53.08 -31.56 27.02
CA ARG I 490 -53.64 -32.22 25.85
C ARG I 490 -55.16 -32.38 25.90
N PRO I 491 -55.78 -32.78 27.01
CA PRO I 491 -57.26 -32.83 27.01
C PRO I 491 -57.91 -31.47 26.84
N GLN I 492 -57.16 -30.38 26.91
CA GLN I 492 -57.71 -29.10 26.48
C GLN I 492 -57.96 -29.12 24.99
N ILE I 493 -57.00 -29.63 24.21
CA ILE I 493 -57.28 -29.93 22.82
C ILE I 493 -58.27 -31.09 22.74
N GLY I 494 -58.49 -31.79 23.86
CA GLY I 494 -59.47 -32.84 23.92
C GLY I 494 -60.90 -32.36 23.68
N VAL I 495 -61.08 -31.04 23.66
CA VAL I 495 -62.33 -30.45 23.21
C VAL I 495 -62.14 -29.61 21.97
N VAL I 496 -60.91 -29.15 21.68
CA VAL I 496 -60.63 -28.56 20.37
C VAL I 496 -60.97 -29.55 19.28
N ARG I 497 -60.68 -30.82 19.50
CA ARG I 497 -61.11 -31.87 18.58
C ARG I 497 -62.61 -31.76 18.30
N GLU I 498 -63.39 -31.38 19.31
CA GLU I 498 -64.81 -31.19 19.15
C GLU I 498 -65.14 -29.88 18.46
N PHE I 499 -64.14 -29.04 18.26
CA PHE I 499 -64.27 -27.86 17.41
C PHE I 499 -63.24 -27.89 16.29
N LEU I 500 -62.49 -28.97 16.20
CA LEU I 500 -61.67 -29.23 15.03
C LEU I 500 -62.56 -29.65 13.85
N THR I 501 -63.74 -30.21 14.17
CA THR I 501 -64.71 -30.64 13.18
C THR I 501 -66.00 -29.84 13.18
N ARG I 502 -66.59 -29.60 14.35
CA ARG I 502 -67.83 -28.82 14.42
C ARG I 502 -67.66 -27.45 13.77
N ASN I 503 -66.42 -26.97 13.66
CA ASN I 503 -66.13 -25.68 13.07
C ASN I 503 -66.68 -25.60 11.66
N PRO I 504 -67.70 -24.80 11.43
CA PRO I 504 -68.22 -24.65 10.07
C PRO I 504 -67.24 -23.93 9.15
N ALA I 505 -66.87 -22.71 9.53
CA ALA I 505 -65.89 -21.94 8.80
C ALA I 505 -64.77 -21.44 9.69
N TRP I 506 -64.84 -21.64 11.00
CA TRP I 506 -63.79 -21.25 11.93
C TRP I 506 -62.59 -22.16 11.66
N ARG I 507 -62.06 -22.05 10.47
CA ARG I 507 -60.97 -22.89 10.00
C ARG I 507 -59.71 -22.09 9.71
N LYS I 508 -59.84 -20.77 9.59
CA LYS I 508 -58.72 -19.89 9.28
C LYS I 508 -58.39 -18.98 10.44
N ALA I 509 -58.91 -19.31 11.61
CA ALA I 509 -58.65 -18.51 12.80
C ALA I 509 -57.19 -18.68 13.23
N VAL I 510 -56.84 -17.98 14.30
CA VAL I 510 -55.55 -18.13 14.96
C VAL I 510 -55.82 -18.61 16.37
N PHE I 511 -54.99 -19.52 16.85
CA PHE I 511 -55.13 -19.99 18.21
C PHE I 511 -54.10 -19.31 19.09
N ILE I 512 -54.45 -19.11 20.34
CA ILE I 512 -53.58 -18.39 21.26
C ILE I 512 -53.51 -19.19 22.55
N SER I 513 -52.36 -19.13 23.22
CA SER I 513 -52.12 -19.98 24.36
C SER I 513 -51.35 -19.20 25.40
N PRO I 514 -51.62 -19.43 26.69
CA PRO I 514 -50.77 -18.81 27.72
C PRO I 514 -49.34 -19.29 27.66
N TYR I 515 -49.12 -20.54 27.27
CA TYR I 515 -47.79 -21.11 27.27
C TYR I 515 -47.34 -21.48 25.87
N ASN I 516 -46.03 -21.56 25.69
CA ASN I 516 -45.46 -21.81 24.37
C ASN I 516 -45.63 -23.27 23.97
N SER I 517 -45.41 -24.19 24.90
CA SER I 517 -45.41 -25.60 24.56
C SER I 517 -46.81 -26.15 24.32
N GLN I 518 -47.81 -25.72 25.09
CA GLN I 518 -49.19 -26.03 24.73
C GLN I 518 -49.57 -25.43 23.38
N ASN I 519 -48.89 -24.36 22.97
CA ASN I 519 -49.11 -23.82 21.63
C ASN I 519 -48.50 -24.71 20.58
N ALA I 520 -47.28 -25.20 20.84
CA ALA I 520 -46.65 -26.14 19.93
C ALA I 520 -47.50 -27.38 19.75
N VAL I 521 -48.02 -27.92 20.85
CA VAL I 521 -48.82 -29.14 20.75
C VAL I 521 -50.12 -28.84 20.01
N ALA I 522 -50.58 -27.59 20.05
CA ALA I 522 -51.71 -27.20 19.21
C ALA I 522 -51.34 -27.31 17.74
N SER I 523 -50.11 -26.94 17.39
CA SER I 523 -49.59 -27.17 16.05
C SER I 523 -49.46 -28.64 15.70
N LYS I 524 -49.46 -29.54 16.67
CA LYS I 524 -49.43 -30.97 16.42
C LYS I 524 -50.69 -31.71 15.99
N ILE I 525 -51.73 -31.64 16.80
CA ILE I 525 -53.07 -32.06 16.40
C ILE I 525 -53.68 -30.82 15.77
N LEU I 526 -53.12 -30.41 14.64
CA LEU I 526 -53.29 -29.07 14.13
C LEU I 526 -54.75 -28.73 13.92
N GLY I 527 -55.05 -27.44 14.02
CA GLY I 527 -56.33 -26.90 13.63
C GLY I 527 -56.15 -25.75 12.68
N LEU I 528 -55.03 -25.04 12.83
CA LEU I 528 -54.78 -23.76 12.17
C LEU I 528 -53.45 -23.18 12.61
N PRO I 529 -52.99 -22.09 12.01
CA PRO I 529 -51.79 -21.43 12.51
C PRO I 529 -52.07 -20.65 13.79
N THR I 530 -51.28 -20.94 14.81
CA THR I 530 -51.45 -20.40 16.15
C THR I 530 -50.30 -19.47 16.49
N GLN I 531 -50.35 -18.91 17.70
CA GLN I 531 -49.37 -17.94 18.15
C GLN I 531 -49.45 -17.81 19.66
N THR I 532 -48.52 -17.06 20.23
CA THR I 532 -48.53 -16.80 21.66
C THR I 532 -49.00 -15.38 21.93
N VAL I 533 -49.61 -15.22 23.11
CA VAL I 533 -50.22 -13.94 23.48
C VAL I 533 -49.24 -12.79 23.36
N ASP I 534 -47.98 -13.03 23.75
CA ASP I 534 -46.95 -12.03 23.55
C ASP I 534 -46.75 -11.74 22.07
N SER I 535 -46.55 -12.79 21.28
CA SER I 535 -46.38 -12.63 19.84
C SER I 535 -47.62 -12.05 19.18
N SER I 536 -48.69 -11.85 19.95
CA SER I 536 -49.85 -11.12 19.44
C SER I 536 -49.60 -9.64 19.63
N GLN I 537 -50.63 -8.91 20.04
CA GLN I 537 -50.49 -7.48 20.29
C GLN I 537 -49.98 -6.80 19.04
N GLY I 538 -50.80 -6.76 17.99
CA GLY I 538 -50.39 -6.15 16.75
C GLY I 538 -51.33 -6.43 15.60
N SER I 539 -52.02 -7.57 15.65
CA SER I 539 -52.91 -7.96 14.57
C SER I 539 -54.29 -8.30 15.10
N GLU I 540 -55.28 -8.15 14.22
CA GLU I 540 -56.65 -8.54 14.51
C GLU I 540 -57.03 -9.69 13.61
N TYR I 541 -58.09 -10.40 13.98
CA TYR I 541 -58.58 -11.53 13.21
C TYR I 541 -60.09 -11.63 13.39
N ASP I 542 -60.74 -12.25 12.41
CA ASP I 542 -62.18 -12.45 12.51
C ASP I 542 -62.51 -13.47 13.60
N TYR I 543 -61.90 -14.64 13.53
CA TYR I 543 -62.05 -15.67 14.54
C TYR I 543 -60.70 -15.93 15.23
N VAL I 544 -60.78 -16.22 16.52
CA VAL I 544 -59.61 -16.57 17.32
C VAL I 544 -60.02 -17.61 18.36
N ILE I 545 -59.15 -18.57 18.59
CA ILE I 545 -59.38 -19.65 19.54
C ILE I 545 -58.45 -19.43 20.73
N PHE I 546 -58.91 -19.83 21.91
CA PHE I 546 -58.13 -19.64 23.12
C PHE I 546 -58.43 -20.76 24.11
N THR I 547 -57.40 -21.54 24.45
CA THR I 547 -57.45 -22.48 25.55
C THR I 547 -56.36 -22.09 26.52
N GLN I 548 -56.52 -22.47 27.78
CA GLN I 548 -55.61 -21.99 28.80
C GLN I 548 -55.00 -23.17 29.54
N THR I 549 -53.94 -22.92 30.30
CA THR I 549 -53.41 -23.95 31.19
C THR I 549 -54.23 -23.95 32.47
N THR I 550 -53.60 -24.31 33.58
CA THR I 550 -54.27 -24.19 34.86
C THR I 550 -54.45 -22.73 35.24
N GLU I 551 -54.98 -22.52 36.44
CA GLU I 551 -55.12 -21.17 36.96
C GLU I 551 -53.83 -20.63 37.57
N THR I 552 -52.68 -20.93 36.97
CA THR I 552 -51.43 -20.45 37.52
C THR I 552 -51.34 -18.94 37.40
N ALA I 553 -50.47 -18.36 38.23
CA ALA I 553 -50.35 -16.91 38.30
C ALA I 553 -50.08 -16.31 36.92
N HIS I 554 -49.12 -16.88 36.19
CA HIS I 554 -48.89 -16.44 34.82
C HIS I 554 -50.17 -16.51 33.99
N SER I 555 -50.92 -17.60 34.12
CA SER I 555 -52.14 -17.74 33.34
C SER I 555 -53.17 -16.69 33.72
N CYS I 556 -53.66 -16.72 34.95
CA CYS I 556 -54.74 -15.86 35.40
C CYS I 556 -54.38 -14.38 35.38
N ASN I 557 -53.22 -14.02 34.83
CA ASN I 557 -52.82 -12.62 34.74
C ASN I 557 -53.85 -11.85 33.94
N VAL I 558 -54.46 -10.85 34.57
CA VAL I 558 -55.54 -10.11 33.91
C VAL I 558 -55.04 -9.42 32.66
N ASN I 559 -53.81 -8.90 32.68
CA ASN I 559 -53.32 -8.15 31.53
C ASN I 559 -53.08 -9.06 30.34
N ARG I 560 -52.47 -10.22 30.59
CA ARG I 560 -52.33 -11.20 29.52
C ARG I 560 -53.69 -11.54 28.93
N PHE I 561 -54.67 -11.77 29.79
CA PHE I 561 -56.01 -12.10 29.32
C PHE I 561 -56.58 -10.98 28.46
N ASN I 562 -56.44 -9.74 28.90
CA ASN I 562 -56.97 -8.60 28.17
C ASN I 562 -56.35 -8.52 26.79
N VAL I 563 -55.02 -8.45 26.73
CA VAL I 563 -54.35 -8.31 25.45
C VAL I 563 -54.57 -9.51 24.55
N ALA I 564 -54.87 -10.67 25.12
CA ALA I 564 -55.23 -11.81 24.29
C ALA I 564 -56.60 -11.63 23.68
N ILE I 565 -57.62 -11.47 24.52
CA ILE I 565 -58.98 -11.40 24.01
C ILE I 565 -59.18 -10.18 23.13
N THR I 566 -58.28 -9.21 23.21
CA THR I 566 -58.45 -8.04 22.37
C THR I 566 -57.69 -8.14 21.07
N ARG I 567 -57.79 -9.26 20.36
CA ARG I 567 -57.14 -9.42 19.06
C ARG I 567 -58.12 -9.89 18.00
N ALA I 568 -59.42 -9.79 18.26
CA ALA I 568 -60.42 -10.38 17.39
C ALA I 568 -61.45 -9.37 16.87
N LYS I 569 -61.93 -9.64 15.66
CA LYS I 569 -62.87 -8.76 14.98
C LYS I 569 -64.33 -9.16 15.01
N VAL I 570 -64.64 -10.44 14.80
CA VAL I 570 -66.03 -10.86 14.77
C VAL I 570 -66.30 -12.10 15.60
N GLY I 571 -65.38 -13.04 15.72
CA GLY I 571 -65.64 -14.26 16.47
C GLY I 571 -64.50 -14.55 17.42
N ILE I 572 -64.86 -15.14 18.55
CA ILE I 572 -63.92 -15.34 19.64
C ILE I 572 -64.43 -16.43 20.56
N LEU I 573 -63.51 -17.08 21.27
CA LEU I 573 -63.86 -18.08 22.26
C LEU I 573 -62.63 -18.42 23.10
N CYS I 574 -62.84 -18.54 24.39
CA CYS I 574 -61.79 -18.77 25.37
C CYS I 574 -62.24 -19.83 26.35
N ILE I 575 -61.34 -20.77 26.67
CA ILE I 575 -61.67 -21.93 27.49
C ILE I 575 -60.74 -21.97 28.69
N MET I 576 -61.22 -21.48 29.82
CA MET I 576 -60.58 -21.73 31.11
C MET I 576 -61.54 -22.56 31.96
N SER I 577 -60.96 -23.37 32.85
CA SER I 577 -61.75 -23.96 33.92
C SER I 577 -62.57 -22.87 34.60
N ASP I 578 -61.88 -21.85 35.10
CA ASP I 578 -62.47 -20.54 35.42
C ASP I 578 -63.42 -20.63 36.61
N ARG I 579 -62.95 -20.03 37.71
CA ARG I 579 -63.79 -19.96 38.90
C ARG I 579 -64.49 -18.62 38.93
N ASP I 580 -63.97 -17.62 38.22
CA ASP I 580 -64.51 -16.27 38.37
C ASP I 580 -64.65 -15.50 37.07
N LEU I 581 -63.71 -15.69 36.15
CA LEU I 581 -63.66 -14.84 34.97
C LEU I 581 -64.85 -15.10 34.05
N TYR I 582 -65.28 -16.35 33.91
CA TYR I 582 -66.47 -16.60 33.11
C TYR I 582 -67.68 -15.93 33.71
N ASP I 583 -67.59 -15.56 34.99
CA ASP I 583 -68.61 -14.68 35.55
C ASP I 583 -68.46 -13.26 35.07
N LYS I 584 -67.27 -12.89 34.58
CA LYS I 584 -67.01 -11.55 34.10
C LYS I 584 -67.12 -11.44 32.58
N LEU I 585 -66.92 -12.54 31.88
CA LEU I 585 -67.00 -12.52 30.42
C LEU I 585 -68.44 -12.63 29.98
N GLN I 586 -68.78 -11.96 28.88
CA GLN I 586 -70.16 -11.86 28.42
C GLN I 586 -70.26 -12.53 27.05
N PHE I 587 -70.49 -13.84 27.06
CA PHE I 587 -70.75 -14.59 25.84
C PHE I 587 -71.86 -15.59 26.12
N THR I 588 -71.70 -16.81 25.61
CA THR I 588 -72.69 -17.86 25.74
C THR I 588 -71.94 -19.19 25.87
N SER I 589 -71.50 -19.51 27.08
CA SER I 589 -70.80 -20.75 27.33
C SER I 589 -71.70 -21.94 27.06
N LEU I 590 -71.08 -23.11 26.88
CA LEU I 590 -71.82 -24.34 26.66
C LEU I 590 -71.18 -25.45 27.47
N GLU I 591 -71.57 -26.68 27.15
CA GLU I 591 -71.07 -27.90 27.77
C GLU I 591 -70.46 -28.80 26.69
N ILE I 592 -69.60 -29.71 27.10
CA ILE I 592 -68.81 -30.55 26.20
C ILE I 592 -69.68 -31.19 25.12
N PRO I 593 -70.82 -31.80 25.43
CA PRO I 593 -71.71 -32.29 24.36
C PRO I 593 -72.59 -31.22 23.73
N ARG I 594 -72.49 -29.96 24.15
CA ARG I 594 -73.29 -28.87 23.59
C ARG I 594 -72.44 -27.87 22.84
N ARG I 595 -72.25 -28.10 21.52
CA ARG I 595 -71.31 -27.31 20.75
C ARG I 595 -71.88 -26.72 19.46
N ASN I 596 -73.19 -26.45 19.41
CA ASN I 596 -73.76 -25.76 18.26
C ASN I 596 -74.82 -24.76 18.71
ZN ZN J . 34.71 11.53 -28.26
ZN ZN K . 35.60 5.22 -8.11
ZN ZN L . 11.16 -30.90 20.12
ZN ZN M . 39.20 -23.25 18.40
ZN ZN N . 19.88 -34.78 12.84
ZN ZN O . -18.34 11.24 42.89
ZN ZN P . 2.25 -7.61 51.60
ZN ZN Q . -18.29 -2.58 44.90
#